data_7CL4
#
_entry.id   7CL4
#
_cell.length_a   50.472
_cell.length_b   185.663
_cell.length_c   109.638
_cell.angle_alpha   90.000
_cell.angle_beta   93.930
_cell.angle_gamma   90.000
#
_symmetry.space_group_name_H-M   'P 1 21 1'
#
loop_
_entity.id
_entity.type
_entity.pdbx_description
1 polymer 'Kanamycin B dioxygenase'
2 non-polymer 'NICKEL (II) ION'
3 non-polymer N-OXALYLGLYCINE
4 water water
#
_entity_poly.entity_id   1
_entity_poly.type   'polypeptide(L)'
_entity_poly.pdbx_seq_one_letter_code
;MNHKVHHHHHHIEGRHMALAAPPGELTLALTPDDKTLDPASLDRALAILAEHGILVLTGMLRTRLTDQLRTAMLDDLPEV
LRQQDVPTNFVPGHVQQDPPVRESLLFPDVLLNPVVYQITHAVLGADARNAVYSGNMNLPGSHEQPVHLDEPHLWPGISH
PPYCLCVDVPLIDFTLENGSTEYWPGSHVLNPDECYDERGCVLPAELERRRAVAPPVRFPIPVGSVVIRDGRLWHRGVPN
LSAAPRPLLAMTHYTEWFDMPPIQLPDTVKSWVDGSDRHTHAHFVAGDVDHLTGDHPFAVR
;
_entity_poly.pdbx_strand_id   A,B,C,D,E,F
#
# COMPACT_ATOMS: atom_id res chain seq x y z
N LEU A 19 46.63 32.31 47.37
CA LEU A 19 47.06 31.40 46.29
C LEU A 19 47.13 32.19 44.97
N ALA A 20 47.64 31.59 43.90
CA ALA A 20 47.78 32.23 42.56
C ALA A 20 46.61 31.82 41.66
N ALA A 21 45.86 30.78 42.02
CA ALA A 21 44.76 30.25 41.18
C ALA A 21 43.79 29.45 42.03
N PRO A 22 42.57 29.15 41.54
CA PRO A 22 41.64 28.30 42.29
C PRO A 22 42.33 26.97 42.54
N PRO A 23 42.34 26.46 43.78
CA PRO A 23 43.02 25.20 44.08
C PRO A 23 42.31 24.03 43.39
N GLY A 24 43.10 23.10 42.83
CA GLY A 24 42.62 21.91 42.12
C GLY A 24 41.62 21.09 42.92
N GLU A 25 41.79 21.00 44.24
CA GLU A 25 40.87 20.21 45.13
C GLU A 25 39.44 20.78 45.05
N LEU A 26 39.26 22.08 44.72
CA LEU A 26 37.93 22.77 44.77
C LEU A 26 37.39 23.05 43.37
N THR A 27 38.15 22.74 42.31
CA THR A 27 37.92 23.28 40.95
C THR A 27 37.58 22.17 39.96
N LEU A 28 36.59 22.44 39.11
CA LEU A 28 36.27 21.69 37.87
C LEU A 28 36.36 22.68 36.71
N ALA A 29 37.17 22.38 35.70
CA ALA A 29 37.35 23.20 34.49
C ALA A 29 36.30 22.79 33.46
N LEU A 30 35.49 23.75 32.99
CA LEU A 30 34.46 23.55 31.94
C LEU A 30 34.70 24.54 30.80
N THR A 31 33.91 24.39 29.73
CA THR A 31 33.77 25.36 28.60
C THR A 31 32.29 25.77 28.58
N PRO A 32 31.92 26.89 27.92
CA PRO A 32 30.51 27.26 27.79
C PRO A 32 29.69 26.28 26.92
N ASP A 33 30.33 25.33 26.23
CA ASP A 33 29.68 24.28 25.41
C ASP A 33 29.17 23.13 26.31
N ASP A 34 29.77 22.92 27.49
CA ASP A 34 29.38 21.82 28.42
C ASP A 34 27.98 22.14 28.95
N LYS A 35 26.96 21.36 28.57
CA LYS A 35 25.55 21.54 29.03
C LYS A 35 25.27 20.57 30.19
N THR A 36 26.02 19.47 30.29
CA THR A 36 25.85 18.47 31.37
C THR A 36 27.23 17.97 31.78
N LEU A 37 27.40 17.63 33.04
CA LEU A 37 28.59 16.90 33.56
C LEU A 37 28.36 15.41 33.34
N ASP A 38 29.36 14.68 32.88
CA ASP A 38 29.32 13.19 32.82
C ASP A 38 29.17 12.70 34.26
N PRO A 39 28.72 11.45 34.47
CA PRO A 39 28.60 10.89 35.83
C PRO A 39 29.81 11.08 36.75
N ALA A 40 31.04 10.88 36.24
CA ALA A 40 32.30 10.97 37.03
C ALA A 40 32.51 12.40 37.51
N SER A 41 32.27 13.38 36.64
CA SER A 41 32.43 14.84 36.92
C SER A 41 31.38 15.28 37.96
N LEU A 42 30.13 14.83 37.81
CA LEU A 42 29.05 15.14 38.77
C LEU A 42 29.43 14.57 40.14
N ASP A 43 29.89 13.32 40.21
CA ASP A 43 30.30 12.66 41.48
C ASP A 43 31.36 13.52 42.16
N ARG A 44 32.37 13.96 41.40
CA ARG A 44 33.49 14.78 41.93
C ARG A 44 32.93 16.13 42.42
N ALA A 45 32.08 16.77 41.63
CA ALA A 45 31.40 18.04 42.01
C ALA A 45 30.71 17.87 43.36
N LEU A 46 29.90 16.82 43.54
CA LEU A 46 29.11 16.59 44.79
C LEU A 46 30.05 16.25 45.95
N ALA A 47 31.13 15.50 45.70
CA ALA A 47 32.12 15.13 46.74
C ALA A 47 32.82 16.40 47.25
N ILE A 48 33.17 17.32 46.35
CA ILE A 48 33.80 18.63 46.73
C ILE A 48 32.82 19.42 47.59
N LEU A 49 31.56 19.57 47.19
CA LEU A 49 30.53 20.34 47.96
C LEU A 49 30.31 19.70 49.33
N ALA A 50 30.23 18.37 49.40
CA ALA A 50 30.03 17.63 50.67
C ALA A 50 31.23 17.86 51.59
N GLU A 51 32.45 17.70 51.10
CA GLU A 51 33.65 17.76 51.98
C GLU A 51 34.03 19.22 52.28
N HIS A 52 34.13 20.06 51.26
CA HIS A 52 34.74 21.42 51.36
C HIS A 52 33.66 22.51 51.44
N GLY A 53 32.45 22.24 50.95
CA GLY A 53 31.32 23.20 50.97
C GLY A 53 31.46 24.30 49.92
N ILE A 54 32.46 24.22 49.05
CA ILE A 54 32.69 25.24 47.99
C ILE A 54 33.28 24.56 46.76
N LEU A 55 32.70 24.86 45.62
CA LEU A 55 33.07 24.32 44.29
C LEU A 55 33.27 25.51 43.34
N VAL A 56 34.41 25.58 42.68
CA VAL A 56 34.71 26.57 41.62
C VAL A 56 34.63 25.89 40.27
N LEU A 57 33.77 26.38 39.39
CA LEU A 57 33.59 25.90 38.01
C LEU A 57 34.10 27.00 37.07
N THR A 58 35.24 26.79 36.44
CA THR A 58 35.86 27.78 35.51
C THR A 58 35.30 27.55 34.10
N GLY A 59 35.23 28.63 33.31
CA GLY A 59 34.92 28.62 31.87
C GLY A 59 33.46 28.32 31.57
N MET A 60 32.52 28.71 32.43
CA MET A 60 31.09 28.37 32.27
C MET A 60 30.34 29.41 31.42
N LEU A 61 30.66 30.69 31.57
CA LEU A 61 29.86 31.79 30.98
C LEU A 61 30.67 32.50 29.90
N ARG A 62 30.01 32.77 28.76
CA ARG A 62 30.57 33.52 27.60
C ARG A 62 30.88 34.95 28.05
N THR A 63 31.96 35.52 27.51
CA THR A 63 32.40 36.93 27.76
C THR A 63 31.26 37.88 27.41
N ARG A 64 30.50 37.58 26.36
CA ARG A 64 29.39 38.42 25.86
C ARG A 64 28.37 38.64 26.98
N LEU A 65 28.10 37.63 27.82
CA LEU A 65 27.10 37.74 28.92
C LEU A 65 27.71 38.54 30.08
N THR A 66 28.91 38.18 30.54
CA THR A 66 29.55 38.82 31.72
C THR A 66 29.87 40.28 31.41
N ASP A 67 30.26 40.60 30.18
CA ASP A 67 30.47 42.00 29.71
C ASP A 67 29.20 42.82 29.95
N GLN A 68 28.06 42.35 29.48
CA GLN A 68 26.78 43.11 29.55
C GLN A 68 26.39 43.30 31.03
N LEU A 69 26.51 42.26 31.85
CA LEU A 69 26.10 42.33 33.28
C LEU A 69 27.07 43.25 34.02
N ARG A 70 28.38 43.16 33.75
CA ARG A 70 29.38 44.04 34.38
C ARG A 70 29.04 45.49 34.05
N THR A 71 28.86 45.79 32.75
CA THR A 71 28.58 47.16 32.24
C THR A 71 27.32 47.68 32.94
N ALA A 72 26.26 46.87 32.99
CA ALA A 72 24.96 47.30 33.54
C ALA A 72 25.09 47.67 35.03
N MET A 73 25.84 46.87 35.80
CA MET A 73 25.99 47.11 37.26
C MET A 73 26.90 48.34 37.51
N LEU A 74 28.00 48.48 36.76
CA LEU A 74 28.90 49.68 36.89
C LEU A 74 28.13 50.94 36.48
N ASP A 75 27.29 50.88 35.44
CA ASP A 75 26.45 52.03 35.00
C ASP A 75 25.45 52.42 36.09
N ASP A 76 24.96 51.46 36.88
CA ASP A 76 23.91 51.71 37.92
C ASP A 76 24.55 52.29 39.21
N LEU A 77 25.84 52.04 39.42
CA LEU A 77 26.51 52.32 40.72
C LEU A 77 26.37 53.77 41.13
N PRO A 78 26.55 54.77 40.23
CA PRO A 78 26.38 56.17 40.64
C PRO A 78 25.00 56.42 41.27
N GLU A 79 23.95 55.87 40.66
CA GLU A 79 22.57 56.05 41.18
C GLU A 79 22.46 55.36 42.54
N VAL A 80 23.08 54.19 42.70
CA VAL A 80 23.06 53.43 43.99
C VAL A 80 23.75 54.28 45.05
N LEU A 81 24.88 54.90 44.75
CA LEU A 81 25.70 55.61 45.79
C LEU A 81 25.05 56.94 46.15
N ARG A 82 24.18 57.47 45.28
CA ARG A 82 23.47 58.76 45.46
C ARG A 82 22.30 58.62 46.47
N GLN A 83 21.84 57.41 46.79
CA GLN A 83 20.72 57.16 47.76
C GLN A 83 21.11 57.67 49.15
N GLN A 84 20.12 58.08 49.96
CA GLN A 84 20.33 58.59 51.35
C GLN A 84 20.84 57.45 52.22
N ASP A 85 20.17 56.28 52.15
CA ASP A 85 20.57 55.03 52.84
C ASP A 85 21.16 54.08 51.79
N VAL A 86 22.49 53.98 51.71
CA VAL A 86 23.20 53.01 50.83
C VAL A 86 23.27 51.70 51.60
N PRO A 87 22.59 50.64 51.14
CA PRO A 87 22.61 49.36 51.86
C PRO A 87 24.03 48.76 51.78
N THR A 88 24.59 48.45 52.94
CA THR A 88 25.98 48.00 53.15
C THR A 88 25.95 46.69 53.94
N ASN A 89 26.77 45.70 53.56
CA ASN A 89 26.88 44.40 54.27
C ASN A 89 27.98 44.53 55.33
N PHE A 90 27.59 44.74 56.58
CA PHE A 90 28.41 44.69 57.82
C PHE A 90 29.29 45.94 57.99
N VAL A 91 30.03 46.32 56.95
CA VAL A 91 31.12 47.34 57.05
C VAL A 91 31.16 48.14 55.76
N PRO A 92 31.76 49.36 55.79
CA PRO A 92 31.85 50.21 54.60
C PRO A 92 32.49 49.56 53.36
N GLY A 93 31.94 49.88 52.19
CA GLY A 93 32.50 49.48 50.88
C GLY A 93 31.89 48.20 50.32
N HIS A 94 31.11 47.45 51.12
CA HIS A 94 30.42 46.21 50.67
C HIS A 94 28.94 46.52 50.37
N VAL A 95 28.66 46.99 49.17
CA VAL A 95 27.34 47.58 48.81
C VAL A 95 26.44 46.45 48.27
N GLN A 96 25.22 46.35 48.78
CA GLN A 96 24.19 45.41 48.26
C GLN A 96 23.62 46.08 47.02
N GLN A 97 23.73 45.45 45.86
CA GLN A 97 23.28 46.02 44.57
C GLN A 97 22.68 44.89 43.74
N ASP A 98 21.39 45.01 43.44
CA ASP A 98 20.68 44.07 42.54
C ASP A 98 21.07 44.39 41.11
N PRO A 99 21.36 43.37 40.28
CA PRO A 99 21.51 43.60 38.86
C PRO A 99 20.14 43.91 38.26
N PRO A 100 20.08 44.55 37.07
CA PRO A 100 18.78 44.84 36.45
C PRO A 100 18.07 43.53 36.09
N VAL A 101 16.74 43.59 36.14
CA VAL A 101 15.81 42.50 35.69
C VAL A 101 15.03 43.05 34.49
N ARG A 102 15.73 43.73 33.57
CA ARG A 102 15.28 44.04 32.21
C ARG A 102 15.41 42.77 31.36
N GLU A 103 14.44 42.54 30.48
CA GLU A 103 14.41 41.39 29.53
C GLU A 103 15.78 41.26 28.86
N SER A 104 16.38 42.38 28.42
CA SER A 104 17.65 42.39 27.62
C SER A 104 18.84 41.87 28.44
N LEU A 105 18.73 41.78 29.78
CA LEU A 105 19.86 41.41 30.68
C LEU A 105 19.52 40.18 31.53
N LEU A 106 18.43 39.48 31.20
CA LEU A 106 18.06 38.21 31.87
C LEU A 106 18.37 37.06 30.92
N PHE A 107 19.44 36.30 31.19
CA PHE A 107 19.98 35.27 30.28
C PHE A 107 19.69 33.89 30.84
N PRO A 108 19.06 32.97 30.06
CA PRO A 108 18.88 31.59 30.49
C PRO A 108 20.19 30.93 31.01
N ASP A 109 21.34 31.24 30.43
CA ASP A 109 22.64 30.62 30.81
C ASP A 109 23.11 31.13 32.18
N VAL A 110 22.51 32.22 32.70
CA VAL A 110 22.81 32.77 34.05
C VAL A 110 21.72 32.32 35.03
N LEU A 111 20.44 32.60 34.76
CA LEU A 111 19.31 32.31 35.69
C LEU A 111 19.04 30.80 35.76
N LEU A 112 19.13 30.10 34.60
CA LEU A 112 18.72 28.70 34.45
C LEU A 112 19.87 27.88 33.86
N ASN A 113 21.05 27.96 34.47
CA ASN A 113 22.27 27.32 33.92
C ASN A 113 22.12 25.80 34.06
N PRO A 114 22.28 25.02 32.96
CA PRO A 114 21.99 23.59 33.02
C PRO A 114 22.94 22.84 33.96
N VAL A 115 24.20 23.24 34.04
CA VAL A 115 25.22 22.57 34.92
C VAL A 115 24.92 22.93 36.37
N VAL A 116 24.62 24.21 36.65
CA VAL A 116 24.28 24.66 38.03
C VAL A 116 23.11 23.81 38.53
N TYR A 117 22.03 23.75 37.77
CA TYR A 117 20.80 23.04 38.19
C TYR A 117 21.02 21.53 38.22
N GLN A 118 21.89 20.99 37.37
CA GLN A 118 22.25 19.55 37.47
C GLN A 118 22.81 19.29 38.88
N ILE A 119 23.68 20.17 39.36
CA ILE A 119 24.32 20.05 40.70
C ILE A 119 23.28 20.30 41.80
N THR A 120 22.51 21.39 41.73
CA THR A 120 21.58 21.76 42.82
C THR A 120 20.43 20.73 42.86
N HIS A 121 19.99 20.19 41.71
CA HIS A 121 19.00 19.08 41.66
C HIS A 121 19.55 17.87 42.43
N ALA A 122 20.81 17.49 42.21
CA ALA A 122 21.42 16.30 42.84
C ALA A 122 21.55 16.52 44.36
N VAL A 123 21.83 17.75 44.81
CA VAL A 123 22.06 18.03 46.26
C VAL A 123 20.72 18.31 46.97
N LEU A 124 19.87 19.17 46.40
CA LEU A 124 18.69 19.74 47.10
C LEU A 124 17.37 19.10 46.61
N GLY A 125 17.39 18.36 45.50
CA GLY A 125 16.21 17.73 44.90
C GLY A 125 15.69 18.47 43.67
N ALA A 126 14.81 17.81 42.91
CA ALA A 126 14.26 18.24 41.61
C ALA A 126 13.39 19.49 41.78
N ASP A 127 12.88 19.70 42.99
CA ASP A 127 11.98 20.83 43.36
C ASP A 127 12.78 21.99 43.97
N ALA A 128 14.11 21.92 43.96
CA ALA A 128 14.97 23.05 44.38
C ALA A 128 14.67 24.26 43.49
N ARG A 129 14.78 25.47 44.04
CA ARG A 129 14.42 26.70 43.29
C ARG A 129 15.37 27.85 43.62
N ASN A 130 15.73 28.63 42.60
CA ASN A 130 16.43 29.92 42.77
C ASN A 130 15.45 30.91 43.41
N ALA A 131 15.82 31.55 44.52
CA ALA A 131 15.00 32.58 45.19
C ALA A 131 15.83 33.84 45.45
N VAL A 132 17.00 33.99 44.83
CA VAL A 132 17.80 35.24 44.96
C VAL A 132 18.32 35.64 43.57
N TYR A 133 18.18 36.91 43.22
CA TYR A 133 18.87 37.50 42.04
C TYR A 133 19.37 38.87 42.49
N SER A 134 20.58 38.87 43.03
CA SER A 134 21.13 40.03 43.75
C SER A 134 22.61 40.18 43.39
N GLY A 135 23.32 41.01 44.15
CA GLY A 135 24.74 41.30 43.86
C GLY A 135 25.39 42.07 44.98
N ASN A 136 26.72 42.07 44.95
CA ASN A 136 27.63 42.63 45.97
C ASN A 136 28.64 43.47 45.18
N MET A 137 28.59 44.79 45.33
CA MET A 137 29.57 45.70 44.72
C MET A 137 30.60 46.05 45.79
N ASN A 138 31.83 45.52 45.64
CA ASN A 138 32.94 45.75 46.61
C ASN A 138 33.73 46.96 46.11
N LEU A 139 33.62 48.10 46.80
CA LEU A 139 34.20 49.40 46.38
C LEU A 139 35.68 49.49 46.74
N PRO A 140 36.47 50.25 45.96
CA PRO A 140 37.81 50.63 46.40
C PRO A 140 37.79 51.19 47.82
N GLY A 141 38.74 50.76 48.66
CA GLY A 141 38.90 51.25 50.05
C GLY A 141 37.93 50.57 51.00
N SER A 142 37.26 49.48 50.58
CA SER A 142 36.28 48.77 51.43
C SER A 142 37.01 48.20 52.66
N HIS A 143 36.26 47.97 53.74
CA HIS A 143 36.78 47.40 55.01
C HIS A 143 36.68 45.87 54.99
N GLU A 144 37.20 45.22 56.03
CA GLU A 144 37.15 43.74 56.20
C GLU A 144 35.82 43.38 56.87
N GLN A 145 35.01 42.53 56.25
CA GLN A 145 33.77 42.01 56.87
C GLN A 145 34.16 41.03 57.97
N PRO A 146 33.31 40.86 59.01
CA PRO A 146 33.46 39.75 59.94
C PRO A 146 33.14 38.44 59.21
N VAL A 147 33.81 37.36 59.59
CA VAL A 147 33.49 36.00 59.07
C VAL A 147 32.06 35.67 59.48
N HIS A 148 31.24 35.24 58.51
CA HIS A 148 29.81 34.94 58.71
C HIS A 148 29.38 33.81 57.78
N LEU A 149 28.17 33.29 58.00
CA LEU A 149 27.46 32.48 56.98
C LEU A 149 26.29 33.32 56.46
N ASP A 150 25.92 33.14 55.19
CA ASP A 150 24.81 33.90 54.57
C ASP A 150 23.47 33.28 55.00
N GLU A 151 23.45 31.97 55.24
CA GLU A 151 22.22 31.25 55.62
C GLU A 151 22.52 30.39 56.84
N PRO A 152 21.68 30.45 57.89
CA PRO A 152 21.95 29.73 59.14
C PRO A 152 21.66 28.23 59.03
N HIS A 153 22.22 27.48 59.97
CA HIS A 153 21.77 26.13 60.33
C HIS A 153 20.34 26.25 60.87
N LEU A 154 19.52 25.22 60.68
CA LEU A 154 18.06 25.27 60.91
C LEU A 154 17.77 25.00 62.38
N TRP A 155 18.65 24.29 63.08
CA TRP A 155 18.55 24.13 64.55
C TRP A 155 19.93 24.30 65.14
N PRO A 156 20.05 24.93 66.32
CA PRO A 156 21.36 25.10 66.97
C PRO A 156 21.86 23.74 67.49
N GLY A 157 23.17 23.49 67.43
CA GLY A 157 23.81 22.30 68.04
C GLY A 157 23.54 21.02 67.26
N ILE A 158 23.03 21.10 66.02
CA ILE A 158 22.57 19.92 65.24
C ILE A 158 23.29 19.88 63.88
N SER A 159 23.68 18.68 63.45
CA SER A 159 24.23 18.39 62.11
C SER A 159 23.11 17.98 61.17
N HIS A 160 22.95 18.68 60.06
CA HIS A 160 21.94 18.32 59.02
C HIS A 160 22.53 18.62 57.64
N PRO A 161 21.97 18.04 56.58
CA PRO A 161 22.46 18.27 55.23
C PRO A 161 22.13 19.68 54.73
N PRO A 162 22.68 20.06 53.55
CA PRO A 162 22.39 21.36 52.96
C PRO A 162 20.90 21.54 52.67
N TYR A 163 20.41 22.77 52.78
CA TYR A 163 19.09 23.19 52.25
C TYR A 163 19.25 24.34 51.26
N CYS A 164 20.48 24.84 51.05
CA CYS A 164 20.68 25.96 50.09
C CYS A 164 22.10 25.97 49.55
N LEU A 165 22.23 26.37 48.28
CA LEU A 165 23.51 26.53 47.57
C LEU A 165 23.53 27.93 46.97
N CYS A 166 24.50 28.74 47.42
CA CYS A 166 24.81 30.07 46.85
C CYS A 166 25.49 29.83 45.51
N VAL A 167 25.09 30.61 44.50
CA VAL A 167 25.66 30.57 43.13
C VAL A 167 26.20 31.96 42.85
N ASP A 168 27.51 32.14 42.96
CA ASP A 168 28.21 33.44 42.87
C ASP A 168 28.85 33.54 41.47
N VAL A 169 28.60 34.66 40.78
CA VAL A 169 29.08 34.92 39.41
C VAL A 169 29.91 36.20 39.44
N PRO A 170 31.26 36.07 39.49
CA PRO A 170 32.15 37.22 39.38
C PRO A 170 31.91 37.88 38.02
N LEU A 171 31.87 39.21 37.97
CA LEU A 171 31.64 39.94 36.70
C LEU A 171 32.92 40.63 36.22
N ILE A 172 34.01 40.53 36.97
CA ILE A 172 35.41 40.79 36.49
C ILE A 172 36.30 39.69 37.05
N ASP A 173 37.55 39.64 36.61
CA ASP A 173 38.59 38.78 37.22
C ASP A 173 38.68 39.21 38.69
N PHE A 174 38.50 38.25 39.60
CA PHE A 174 38.70 38.47 41.06
C PHE A 174 40.16 38.16 41.37
N THR A 175 40.83 39.06 42.09
CA THR A 175 42.26 38.94 42.47
C THR A 175 42.37 39.07 44.00
N LEU A 176 43.55 38.79 44.54
CA LEU A 176 43.86 39.07 45.96
C LEU A 176 43.81 40.58 46.20
N GLU A 177 44.09 41.37 45.17
CA GLU A 177 44.11 42.85 45.26
C GLU A 177 42.67 43.40 45.34
N ASN A 178 41.74 42.93 44.50
CA ASN A 178 40.45 43.64 44.30
C ASN A 178 39.32 42.98 45.12
N GLY A 179 39.62 42.06 46.03
CA GLY A 179 38.63 41.61 47.03
C GLY A 179 37.99 40.28 46.72
N SER A 180 38.75 39.35 46.13
CA SER A 180 38.32 37.93 46.02
C SER A 180 37.94 37.45 47.43
N THR A 181 36.76 36.84 47.56
CA THR A 181 36.15 36.45 48.84
C THR A 181 37.05 35.46 49.57
N GLU A 182 37.18 35.62 50.90
CA GLU A 182 37.80 34.61 51.78
C GLU A 182 36.78 33.50 52.09
N TYR A 183 37.16 32.24 51.88
CA TYR A 183 36.32 31.05 52.09
C TYR A 183 36.99 30.17 53.16
N TRP A 184 36.20 29.60 54.07
CA TRP A 184 36.63 28.63 55.10
C TRP A 184 36.20 27.23 54.67
N PRO A 185 37.04 26.46 53.96
CA PRO A 185 36.68 25.11 53.50
C PRO A 185 36.26 24.21 54.66
N GLY A 186 35.16 23.48 54.48
CA GLY A 186 34.67 22.47 55.42
C GLY A 186 33.88 23.09 56.56
N SER A 187 33.71 24.40 56.58
CA SER A 187 33.07 25.14 57.70
C SER A 187 31.56 24.96 57.65
N HIS A 188 31.02 24.52 56.50
CA HIS A 188 29.57 24.42 56.27
C HIS A 188 28.89 23.40 57.18
N VAL A 189 29.64 22.45 57.77
CA VAL A 189 29.04 21.37 58.62
C VAL A 189 29.19 21.72 60.10
N LEU A 190 29.80 22.84 60.47
CA LEU A 190 30.09 23.18 61.88
C LEU A 190 28.88 23.89 62.48
N ASN A 191 28.32 23.39 63.58
CA ASN A 191 27.16 24.06 64.24
C ASN A 191 27.15 23.76 65.73
N PRO A 192 28.24 24.03 66.47
CA PRO A 192 28.25 23.80 67.92
C PRO A 192 27.38 24.91 68.56
N ASP A 193 26.94 24.69 69.80
CA ASP A 193 26.19 25.68 70.61
C ASP A 193 26.99 26.99 70.69
N GLU A 194 26.31 28.13 70.73
CA GLU A 194 26.91 29.47 70.98
C GLU A 194 27.98 29.77 69.91
N CYS A 195 27.73 29.47 68.63
CA CYS A 195 28.71 29.63 67.53
C CYS A 195 28.41 30.88 66.71
N TYR A 196 27.13 31.26 66.58
CA TYR A 196 26.64 32.29 65.64
C TYR A 196 25.83 33.32 66.41
N ASP A 197 26.04 34.60 66.11
CA ASP A 197 25.22 35.70 66.69
C ASP A 197 23.99 35.87 65.79
N GLU A 198 23.14 36.84 66.08
CA GLU A 198 21.85 37.07 65.39
C GLU A 198 22.10 37.48 63.92
N ARG A 199 23.32 37.91 63.55
CA ARG A 199 23.62 38.42 62.18
C ARG A 199 24.32 37.33 61.35
N GLY A 200 24.50 36.12 61.91
CA GLY A 200 25.21 35.01 61.24
C GLY A 200 26.72 35.12 61.35
N CYS A 201 27.25 36.00 62.20
CA CYS A 201 28.71 36.12 62.43
C CYS A 201 29.20 35.00 63.35
N VAL A 202 30.33 34.41 63.01
CA VAL A 202 31.00 33.33 63.78
C VAL A 202 31.66 33.96 65.01
N LEU A 203 31.38 33.41 66.20
CA LEU A 203 32.03 33.80 67.47
C LEU A 203 33.56 33.66 67.33
N PRO A 204 34.35 34.64 67.79
CA PRO A 204 35.81 34.63 67.63
C PRO A 204 36.53 33.38 68.17
N ALA A 205 36.07 32.82 69.29
CA ALA A 205 36.64 31.60 69.89
C ALA A 205 36.50 30.43 68.91
N GLU A 206 35.32 30.24 68.29
CA GLU A 206 35.09 29.16 67.29
C GLU A 206 35.93 29.43 66.03
N LEU A 207 36.07 30.68 65.61
CA LEU A 207 36.93 31.06 64.45
C LEU A 207 38.35 30.51 64.67
N GLU A 208 38.92 30.79 65.83
CA GLU A 208 40.36 30.50 66.11
C GLU A 208 40.55 28.99 66.29
N ARG A 209 39.60 28.29 66.92
CA ARG A 209 39.65 26.80 67.01
C ARG A 209 39.72 26.22 65.59
N ARG A 210 38.83 26.69 64.71
CA ARG A 210 38.72 26.18 63.32
C ARG A 210 40.01 26.52 62.55
N ARG A 211 40.53 27.75 62.69
CA ARG A 211 41.72 28.22 61.95
C ARG A 211 42.90 27.25 62.15
N ALA A 212 43.09 26.74 63.38
CA ALA A 212 44.19 25.82 63.76
C ALA A 212 44.13 24.52 62.94
N VAL A 213 42.92 24.08 62.58
CA VAL A 213 42.64 22.76 61.94
C VAL A 213 42.50 22.92 60.42
N ALA A 214 41.84 23.96 59.93
CA ALA A 214 41.53 24.17 58.50
C ALA A 214 41.47 25.68 58.23
N PRO A 215 42.64 26.34 58.02
CA PRO A 215 42.64 27.79 57.85
C PRO A 215 41.90 28.20 56.58
N PRO A 216 41.41 29.46 56.51
CA PRO A 216 40.72 29.95 55.32
C PRO A 216 41.64 30.10 54.10
N VAL A 217 41.06 30.23 52.92
CA VAL A 217 41.79 30.44 51.65
C VAL A 217 41.18 31.65 50.92
N ARG A 218 42.03 32.37 50.19
CA ARG A 218 41.64 33.41 49.23
C ARG A 218 42.39 33.12 47.94
N PHE A 219 41.71 33.19 46.80
CA PHE A 219 42.35 32.88 45.51
C PHE A 219 41.71 33.68 44.41
N PRO A 220 42.47 33.99 43.34
CA PRO A 220 41.93 34.61 42.15
C PRO A 220 40.86 33.71 41.53
N ILE A 221 39.83 34.32 40.96
CA ILE A 221 38.76 33.60 40.23
C ILE A 221 38.53 34.35 38.94
N PRO A 222 38.81 33.72 37.77
CA PRO A 222 38.63 34.40 36.49
C PRO A 222 37.15 34.60 36.21
N VAL A 223 36.80 35.75 35.61
CA VAL A 223 35.43 35.99 35.09
C VAL A 223 35.10 34.86 34.10
N GLY A 224 33.84 34.47 34.04
CA GLY A 224 33.36 33.26 33.33
C GLY A 224 33.13 32.11 34.30
N SER A 225 33.72 32.20 35.50
CA SER A 225 33.59 31.18 36.56
C SER A 225 32.22 31.32 37.24
N VAL A 226 31.77 30.21 37.81
CA VAL A 226 30.63 30.17 38.76
C VAL A 226 31.14 29.46 40.02
N VAL A 227 30.91 30.06 41.17
CA VAL A 227 31.24 29.45 42.48
C VAL A 227 29.92 28.96 43.08
N ILE A 228 29.84 27.67 43.36
CA ILE A 228 28.69 27.07 44.08
C ILE A 228 29.19 26.73 45.47
N ARG A 229 28.46 27.15 46.49
CA ARG A 229 28.87 26.85 47.89
C ARG A 229 27.63 26.63 48.75
N ASP A 230 27.80 25.78 49.75
CA ASP A 230 26.81 25.62 50.85
C ASP A 230 26.52 27.02 51.40
N GLY A 231 25.25 27.38 51.53
CA GLY A 231 24.86 28.69 52.06
C GLY A 231 25.33 28.89 53.48
N ARG A 232 25.73 27.81 54.17
CA ARG A 232 26.20 27.86 55.57
C ARG A 232 27.73 28.03 55.62
N LEU A 233 28.40 28.09 54.48
CA LEU A 233 29.89 28.18 54.47
C LEU A 233 30.34 29.47 55.14
N TRP A 234 31.31 29.39 56.05
CA TRP A 234 31.94 30.59 56.63
C TRP A 234 32.75 31.29 55.54
N HIS A 235 32.62 32.60 55.45
CA HIS A 235 33.33 33.43 54.44
C HIS A 235 33.33 34.88 54.91
N ARG A 236 34.07 35.75 54.23
CA ARG A 236 33.98 37.21 54.45
C ARG A 236 34.45 37.95 53.21
N GLY A 237 33.80 39.07 52.93
CA GLY A 237 34.32 40.08 52.00
C GLY A 237 35.56 40.73 52.61
N VAL A 238 36.53 41.07 51.76
CA VAL A 238 37.81 41.66 52.19
C VAL A 238 38.02 42.96 51.40
N PRO A 239 38.98 43.81 51.84
CA PRO A 239 39.24 45.09 51.19
C PRO A 239 39.53 44.93 49.70
N ASN A 240 38.86 45.76 48.89
CA ASN A 240 39.24 45.98 47.48
C ASN A 240 40.28 47.12 47.49
N LEU A 241 41.52 46.79 47.16
CA LEU A 241 42.67 47.73 47.22
C LEU A 241 43.00 48.22 45.81
N SER A 242 42.18 47.90 44.81
CA SER A 242 42.29 48.37 43.41
C SER A 242 41.54 49.70 43.28
N ALA A 243 41.59 50.31 42.10
CA ALA A 243 40.92 51.60 41.81
C ALA A 243 39.57 51.35 41.15
N ALA A 244 39.13 50.09 41.02
CA ALA A 244 37.87 49.75 40.32
C ALA A 244 36.93 48.94 41.22
N PRO A 245 35.62 49.26 41.21
CA PRO A 245 34.64 48.45 41.91
C PRO A 245 34.64 47.00 41.39
N ARG A 246 34.43 46.05 42.29
CA ARG A 246 34.46 44.59 42.00
C ARG A 246 33.03 44.07 42.08
N PRO A 247 32.31 43.93 40.95
CA PRO A 247 30.93 43.46 40.99
C PRO A 247 30.81 41.94 41.04
N LEU A 248 29.91 41.46 41.90
CA LEU A 248 29.51 40.02 41.98
C LEU A 248 27.99 39.94 41.77
N LEU A 249 27.55 39.01 40.93
CA LEU A 249 26.11 38.67 40.82
C LEU A 249 25.88 37.42 41.67
N ALA A 250 24.81 37.42 42.46
CA ALA A 250 24.54 36.39 43.48
C ALA A 250 23.15 35.79 43.24
N MET A 251 23.09 34.47 43.20
CA MET A 251 21.83 33.70 43.23
C MET A 251 21.94 32.68 44.35
N THR A 252 20.81 32.17 44.83
CA THR A 252 20.79 31.13 45.87
C THR A 252 19.62 30.17 45.60
N HIS A 253 19.95 28.89 45.50
CA HIS A 253 18.98 27.77 45.32
C HIS A 253 18.65 27.21 46.70
N TYR A 254 17.36 27.00 46.94
CA TYR A 254 16.82 26.50 48.22
C TYR A 254 15.96 25.28 47.92
N THR A 255 15.90 24.36 48.87
CA THR A 255 14.86 23.31 48.90
C THR A 255 13.52 24.01 48.77
N GLU A 256 12.54 23.32 48.19
CA GLU A 256 11.20 23.86 47.92
C GLU A 256 10.54 24.31 49.24
N TRP A 257 10.89 23.69 50.37
CA TRP A 257 10.18 23.91 51.66
C TRP A 257 10.79 25.07 52.46
N PHE A 258 11.88 25.68 52.00
CA PHE A 258 12.48 26.85 52.70
C PHE A 258 11.78 28.14 52.28
N ASP A 259 11.18 28.85 53.25
CA ASP A 259 10.38 30.07 53.00
C ASP A 259 11.29 31.22 52.57
N MET A 260 11.03 31.77 51.40
CA MET A 260 11.74 32.94 50.84
C MET A 260 10.72 33.81 50.11
N PRO A 261 10.90 35.15 50.13
CA PRO A 261 10.09 36.01 49.28
C PRO A 261 10.47 35.71 47.82
N PRO A 262 9.54 35.90 46.87
CA PRO A 262 9.85 35.65 45.45
C PRO A 262 10.73 36.75 44.85
N ILE A 263 11.48 36.41 43.80
CA ILE A 263 12.19 37.39 42.93
C ILE A 263 11.13 38.07 42.06
N GLN A 264 11.10 39.40 42.05
CA GLN A 264 10.28 40.20 41.11
C GLN A 264 10.92 40.15 39.73
N LEU A 265 10.22 39.60 38.73
CA LEU A 265 10.69 39.57 37.32
C LEU A 265 9.61 40.17 36.42
N PRO A 266 9.99 40.76 35.27
CA PRO A 266 9.01 41.23 34.30
C PRO A 266 8.32 40.04 33.62
N ASP A 267 7.03 40.14 33.32
CA ASP A 267 6.25 39.02 32.71
C ASP A 267 6.73 38.77 31.26
N THR A 268 7.59 39.62 30.70
CA THR A 268 8.25 39.41 29.38
C THR A 268 9.21 38.21 29.43
N VAL A 269 9.57 37.68 30.60
CA VAL A 269 10.42 36.46 30.71
C VAL A 269 9.59 35.30 31.29
N LYS A 270 8.31 35.51 31.58
CA LYS A 270 7.46 34.46 32.19
C LYS A 270 7.47 33.21 31.30
N SER A 271 7.44 33.37 29.97
CA SER A 271 7.29 32.26 29.00
C SER A 271 8.39 31.20 29.22
N TRP A 272 9.65 31.62 29.37
CA TRP A 272 10.79 30.67 29.49
C TRP A 272 11.18 30.42 30.96
N VAL A 273 10.89 31.34 31.90
CA VAL A 273 11.21 31.11 33.34
C VAL A 273 10.18 30.14 33.94
N ASP A 274 8.89 30.39 33.79
CA ASP A 274 7.80 29.59 34.41
C ASP A 274 7.69 28.21 33.75
N GLY A 275 8.03 28.06 32.47
CA GLY A 275 7.98 26.74 31.79
C GLY A 275 8.91 25.72 32.44
N SER A 276 10.11 26.15 32.85
CA SER A 276 11.32 25.32 33.03
C SER A 276 11.17 24.31 34.17
N ASP A 277 11.85 23.16 34.04
CA ASP A 277 12.08 22.20 35.16
C ASP A 277 13.27 22.68 36.01
N ARG A 278 13.87 23.83 35.68
CA ARG A 278 14.83 24.57 36.55
C ARG A 278 14.03 25.69 37.23
N HIS A 279 13.54 25.41 38.45
CA HIS A 279 12.54 26.26 39.13
C HIS A 279 13.17 27.56 39.63
N THR A 280 12.36 28.63 39.55
CA THR A 280 12.59 29.95 40.14
C THR A 280 11.37 30.29 40.99
N HIS A 281 11.57 30.73 42.24
CA HIS A 281 10.52 31.34 43.08
C HIS A 281 10.38 32.79 42.61
N ALA A 282 9.47 33.03 41.68
CA ALA A 282 9.32 34.31 40.95
C ALA A 282 7.89 34.85 41.07
N HIS A 283 7.77 36.17 41.16
CA HIS A 283 6.53 36.96 40.98
C HIS A 283 6.71 37.74 39.68
N PHE A 284 5.79 37.58 38.72
CA PHE A 284 5.87 38.21 37.37
C PHE A 284 5.01 39.47 37.39
N VAL A 285 5.61 40.58 36.97
CA VAL A 285 5.03 41.95 37.08
C VAL A 285 4.80 42.46 35.64
N ALA A 286 3.75 43.24 35.42
CA ALA A 286 3.54 43.95 34.14
C ALA A 286 4.55 45.10 34.12
N GLY A 287 5.23 45.31 33.00
CA GLY A 287 6.21 46.39 32.85
C GLY A 287 7.54 46.09 33.52
N ASP A 288 8.33 47.13 33.74
CA ASP A 288 9.69 47.03 34.33
C ASP A 288 9.56 46.97 35.84
N VAL A 289 10.43 46.17 36.46
CA VAL A 289 10.69 46.13 37.91
C VAL A 289 11.79 47.16 38.23
N ASP A 290 11.61 47.93 39.29
CA ASP A 290 12.65 48.83 39.84
C ASP A 290 13.57 48.00 40.75
N HIS A 291 14.77 47.64 40.25
CA HIS A 291 15.74 46.73 40.92
C HIS A 291 16.46 47.47 42.06
N LEU A 292 16.47 48.83 42.10
CA LEU A 292 17.01 49.69 43.21
C LEU A 292 15.86 50.36 43.98
N MET B 17 -3.24 -1.50 70.48
CA MET B 17 -3.65 -1.73 71.90
C MET B 17 -4.66 -0.66 72.35
N ALA B 18 -5.84 -1.11 72.80
CA ALA B 18 -7.06 -0.30 72.99
C ALA B 18 -7.32 -0.13 74.49
N LEU B 19 -7.28 1.11 74.98
CA LEU B 19 -7.25 1.44 76.43
C LEU B 19 -8.59 2.05 76.86
N ALA B 20 -8.78 2.35 78.14
CA ALA B 20 -10.03 2.94 78.68
C ALA B 20 -9.86 4.44 78.90
N ALA B 21 -8.64 4.97 78.88
CA ALA B 21 -8.36 6.41 79.08
C ALA B 21 -6.99 6.76 78.50
N PRO B 22 -6.65 8.03 78.32
CA PRO B 22 -5.33 8.40 77.81
C PRO B 22 -4.30 7.82 78.77
N PRO B 23 -3.25 7.14 78.26
CA PRO B 23 -2.25 6.55 79.14
C PRO B 23 -1.45 7.64 79.85
N GLY B 24 -1.17 7.42 81.15
CA GLY B 24 -0.44 8.36 82.01
C GLY B 24 0.89 8.77 81.42
N GLU B 25 1.58 7.86 80.73
CA GLU B 25 2.91 8.13 80.08
C GLU B 25 2.80 9.26 79.06
N LEU B 26 1.62 9.50 78.46
CA LEU B 26 1.45 10.48 77.36
C LEU B 26 0.68 11.73 77.83
N THR B 27 0.19 11.75 79.07
CA THR B 27 -0.91 12.64 79.50
C THR B 27 -0.45 13.60 80.60
N LEU B 28 -0.86 14.86 80.45
CA LEU B 28 -0.86 15.88 81.51
C LEU B 28 -2.30 16.35 81.69
N ALA B 29 -2.83 16.25 82.90
CA ALA B 29 -4.21 16.66 83.25
C ALA B 29 -4.18 18.13 83.65
N LEU B 30 -4.94 18.97 82.96
CA LEU B 30 -5.03 20.43 83.18
C LEU B 30 -6.50 20.81 83.44
N THR B 31 -6.73 22.08 83.74
CA THR B 31 -8.06 22.76 83.84
C THR B 31 -8.02 23.90 82.84
N PRO B 32 -9.18 24.45 82.41
CA PRO B 32 -9.19 25.60 81.52
C PRO B 32 -8.59 26.88 82.12
N ASP B 33 -8.36 26.91 83.45
CA ASP B 33 -7.76 28.04 84.19
C ASP B 33 -6.25 28.03 84.09
N ASP B 34 -5.61 26.88 83.81
CA ASP B 34 -4.13 26.76 83.70
C ASP B 34 -3.70 27.57 82.47
N LYS B 35 -2.96 28.67 82.69
CA LYS B 35 -2.50 29.54 81.59
C LYS B 35 -1.07 29.15 81.20
N THR B 36 -0.21 28.82 82.15
CA THR B 36 1.19 28.38 81.84
C THR B 36 1.54 27.25 82.80
N LEU B 37 2.35 26.31 82.32
CA LEU B 37 2.83 25.15 83.09
C LEU B 37 4.04 25.60 83.91
N ASP B 38 4.14 25.16 85.15
CA ASP B 38 5.34 25.37 86.00
C ASP B 38 6.51 24.68 85.31
N PRO B 39 7.76 25.05 85.63
CA PRO B 39 8.93 24.43 84.99
C PRO B 39 8.94 22.90 84.97
N ALA B 40 8.55 22.23 86.05
CA ALA B 40 8.57 20.76 86.16
C ALA B 40 7.55 20.14 85.19
N SER B 41 6.36 20.73 85.09
CA SER B 41 5.26 20.29 84.18
C SER B 41 5.68 20.48 82.71
N LEU B 42 6.29 21.63 82.40
CA LEU B 42 6.79 21.89 81.03
C LEU B 42 7.86 20.86 80.68
N ASP B 43 8.80 20.59 81.57
CA ASP B 43 9.89 19.59 81.34
C ASP B 43 9.25 18.24 81.01
N ARG B 44 8.25 17.82 81.76
CA ARG B 44 7.55 16.51 81.56
C ARG B 44 6.86 16.53 80.19
N ALA B 45 6.13 17.61 79.89
CA ALA B 45 5.47 17.79 78.57
C ALA B 45 6.49 17.61 77.42
N LEU B 46 7.64 18.30 77.48
CA LEU B 46 8.68 18.26 76.42
C LEU B 46 9.33 16.88 76.36
N ALA B 47 9.54 16.21 77.50
CA ALA B 47 10.14 14.86 77.56
C ALA B 47 9.21 13.86 76.86
N ILE B 48 7.91 13.97 77.10
CA ILE B 48 6.88 13.12 76.40
C ILE B 48 6.94 13.37 74.89
N LEU B 49 6.91 14.63 74.42
CA LEU B 49 6.94 14.93 72.96
C LEU B 49 8.23 14.42 72.33
N ALA B 50 9.37 14.59 73.00
CA ALA B 50 10.68 14.14 72.50
C ALA B 50 10.69 12.61 72.39
N GLU B 51 10.24 11.89 73.42
CA GLU B 51 10.38 10.41 73.45
C GLU B 51 9.25 9.77 72.61
N HIS B 52 8.00 10.18 72.83
CA HIS B 52 6.81 9.46 72.28
C HIS B 52 6.25 10.18 71.05
N GLY B 53 6.52 11.48 70.89
CA GLY B 53 6.05 12.26 69.73
C GLY B 53 4.58 12.63 69.84
N ILE B 54 3.92 12.33 70.95
CA ILE B 54 2.48 12.63 71.16
C ILE B 54 2.27 12.93 72.64
N LEU B 55 1.58 14.04 72.90
CA LEU B 55 1.25 14.56 74.24
C LEU B 55 -0.25 14.84 74.28
N VAL B 56 -0.95 14.28 75.26
CA VAL B 56 -2.39 14.51 75.49
C VAL B 56 -2.53 15.41 76.72
N LEU B 57 -3.18 16.56 76.53
CA LEU B 57 -3.46 17.54 77.59
C LEU B 57 -4.98 17.56 77.79
N THR B 58 -5.47 16.99 78.89
CA THR B 58 -6.91 16.87 79.20
C THR B 58 -7.36 18.14 79.93
N GLY B 59 -8.62 18.52 79.75
CA GLY B 59 -9.28 19.60 80.50
C GLY B 59 -8.81 20.99 80.14
N MET B 60 -8.36 21.26 78.92
CA MET B 60 -7.78 22.57 78.51
C MET B 60 -8.83 23.58 78.05
N LEU B 61 -9.88 23.14 77.35
CA LEU B 61 -10.85 24.04 76.69
C LEU B 61 -12.21 23.94 77.37
N ARG B 62 -12.81 25.09 77.67
CA ARG B 62 -14.19 25.22 78.24
C ARG B 62 -15.20 24.60 77.27
N THR B 63 -16.23 23.97 77.84
CA THR B 63 -17.39 23.38 77.12
C THR B 63 -18.01 24.42 76.19
N ARG B 64 -18.10 25.67 76.65
CA ARG B 64 -18.68 26.83 75.92
C ARG B 64 -18.03 26.93 74.53
N LEU B 65 -16.71 26.75 74.44
CA LEU B 65 -15.97 26.91 73.16
C LEU B 65 -16.19 25.68 72.27
N THR B 66 -16.01 24.48 72.82
CA THR B 66 -16.10 23.22 72.04
C THR B 66 -17.54 22.99 71.57
N ASP B 67 -18.55 23.37 72.37
CA ASP B 67 -19.98 23.34 71.98
C ASP B 67 -20.18 24.14 70.68
N GLN B 68 -19.70 25.39 70.65
CA GLN B 68 -19.93 26.29 69.50
C GLN B 68 -19.23 25.74 68.27
N LEU B 69 -17.99 25.26 68.40
CA LEU B 69 -17.21 24.73 67.26
C LEU B 69 -17.85 23.44 66.77
N ARG B 70 -18.27 22.55 67.66
CA ARG B 70 -18.96 21.29 67.27
C ARG B 70 -20.21 21.64 66.46
N THR B 71 -21.07 22.50 67.02
CA THR B 71 -22.36 22.93 66.42
C THR B 71 -22.07 23.51 65.02
N ALA B 72 -21.09 24.39 64.90
CA ALA B 72 -20.79 25.11 63.65
C ALA B 72 -20.34 24.10 62.58
N MET B 73 -19.53 23.10 62.93
CA MET B 73 -19.02 22.11 61.95
C MET B 73 -20.15 21.15 61.55
N LEU B 74 -20.99 20.67 62.48
CA LEU B 74 -22.14 19.79 62.17
C LEU B 74 -23.13 20.57 61.27
N ASP B 75 -23.36 21.86 61.53
CA ASP B 75 -24.25 22.72 60.71
C ASP B 75 -23.68 22.88 59.29
N ASP B 76 -22.35 22.88 59.10
CA ASP B 76 -21.69 23.09 57.79
C ASP B 76 -21.60 21.78 57.00
N LEU B 77 -21.75 20.63 57.66
CA LEU B 77 -21.51 19.29 57.03
C LEU B 77 -22.39 19.11 55.81
N PRO B 78 -23.69 19.48 55.83
CA PRO B 78 -24.52 19.39 54.63
C PRO B 78 -23.89 20.11 53.43
N GLU B 79 -23.36 21.33 53.63
CA GLU B 79 -22.74 22.09 52.51
C GLU B 79 -21.52 21.32 52.01
N VAL B 80 -20.75 20.72 52.91
CA VAL B 80 -19.55 19.92 52.53
C VAL B 80 -19.99 18.71 51.70
N LEU B 81 -21.04 18.01 52.12
CA LEU B 81 -21.49 16.74 51.49
C LEU B 81 -22.16 17.04 50.13
N ARG B 82 -22.65 18.26 49.94
CA ARG B 82 -23.37 18.73 48.71
C ARG B 82 -22.39 19.00 47.56
N GLN B 83 -21.08 19.12 47.81
CA GLN B 83 -20.06 19.37 46.75
C GLN B 83 -20.02 18.18 45.78
N GLN B 84 -19.62 18.42 44.52
CA GLN B 84 -19.60 17.39 43.44
C GLN B 84 -18.49 16.38 43.77
N ASP B 85 -17.29 16.89 44.09
CA ASP B 85 -16.15 16.12 44.65
C ASP B 85 -16.05 16.47 46.14
N VAL B 86 -16.47 15.54 47.00
CA VAL B 86 -16.34 15.66 48.49
C VAL B 86 -14.91 15.30 48.86
N PRO B 87 -14.12 16.27 49.39
CA PRO B 87 -12.72 16.01 49.70
C PRO B 87 -12.63 15.00 50.85
N THR B 88 -11.84 13.95 50.62
CA THR B 88 -11.72 12.75 51.48
C THR B 88 -10.24 12.52 51.78
N ASN B 89 -9.88 12.18 53.02
CA ASN B 89 -8.49 11.80 53.39
C ASN B 89 -8.35 10.29 53.23
N PHE B 90 -7.76 9.87 52.09
CA PHE B 90 -7.32 8.50 51.74
C PHE B 90 -8.51 7.58 51.39
N VAL B 91 -9.55 7.54 52.23
CA VAL B 91 -10.61 6.51 52.15
C VAL B 91 -11.95 7.14 52.53
N PRO B 92 -13.08 6.52 52.10
CA PRO B 92 -14.40 7.03 52.43
C PRO B 92 -14.69 7.22 53.92
N GLY B 93 -15.43 8.28 54.23
CA GLY B 93 -15.93 8.62 55.58
C GLY B 93 -15.00 9.55 56.34
N HIS B 94 -13.78 9.79 55.87
CA HIS B 94 -12.81 10.74 56.46
C HIS B 94 -12.82 12.04 55.64
N VAL B 95 -13.73 12.93 55.97
CA VAL B 95 -14.02 14.14 55.15
C VAL B 95 -13.13 15.28 55.66
N GLN B 96 -12.46 15.98 54.74
CA GLN B 96 -11.67 17.19 55.06
C GLN B 96 -12.69 18.32 55.19
N GLN B 97 -12.74 18.98 56.34
CA GLN B 97 -13.69 20.09 56.56
C GLN B 97 -13.01 21.16 57.42
N ASP B 98 -12.86 22.37 56.88
CA ASP B 98 -12.32 23.54 57.62
C ASP B 98 -13.44 24.11 58.48
N PRO B 99 -13.14 24.43 59.75
CA PRO B 99 -14.10 25.13 60.59
C PRO B 99 -14.24 26.57 60.12
N PRO B 100 -15.34 27.26 60.49
CA PRO B 100 -15.54 28.65 60.06
C PRO B 100 -14.47 29.56 60.65
N VAL B 101 -14.16 30.59 59.88
CA VAL B 101 -13.30 31.74 60.28
C VAL B 101 -14.19 32.99 60.31
N ARG B 102 -15.39 32.88 60.89
CA ARG B 102 -16.21 34.04 61.33
C ARG B 102 -15.66 34.54 62.66
N GLU B 103 -15.66 35.85 62.85
CA GLU B 103 -15.23 36.54 64.10
C GLU B 103 -15.82 35.81 65.31
N SER B 104 -17.12 35.48 65.28
CA SER B 104 -17.88 34.91 66.43
C SER B 104 -17.37 33.50 66.81
N LEU B 105 -16.60 32.83 65.94
CA LEU B 105 -16.14 31.43 66.16
C LEU B 105 -14.61 31.32 66.13
N LEU B 106 -13.90 32.45 66.18
CA LEU B 106 -12.43 32.48 66.31
C LEU B 106 -12.08 32.88 67.75
N PHE B 107 -11.61 31.91 68.56
CA PHE B 107 -11.40 32.11 70.01
C PHE B 107 -9.91 32.17 70.31
N PRO B 108 -9.42 33.22 71.01
CA PRO B 108 -8.03 33.25 71.42
C PRO B 108 -7.58 31.96 72.14
N ASP B 109 -8.43 31.34 72.96
CA ASP B 109 -8.05 30.13 73.74
C ASP B 109 -7.91 28.90 72.82
N VAL B 110 -8.38 28.97 71.57
CA VAL B 110 -8.23 27.88 70.57
C VAL B 110 -7.09 28.22 69.60
N LEU B 111 -7.10 29.38 68.94
CA LEU B 111 -6.06 29.79 67.96
C LEU B 111 -4.73 30.11 68.64
N LEU B 112 -4.77 30.77 69.80
CA LEU B 112 -3.60 31.36 70.49
C LEU B 112 -3.55 30.86 71.95
N ASN B 113 -3.62 29.56 72.13
CA ASN B 113 -3.71 28.95 73.48
C ASN B 113 -2.36 29.11 74.17
N PRO B 114 -2.32 29.71 75.39
CA PRO B 114 -1.04 30.03 76.02
C PRO B 114 -0.22 28.77 76.35
N VAL B 115 -0.86 27.67 76.75
CA VAL B 115 -0.15 26.39 77.08
C VAL B 115 0.40 25.77 75.78
N VAL B 116 -0.41 25.73 74.72
CA VAL B 116 0.03 25.17 73.41
C VAL B 116 1.29 25.91 72.98
N TYR B 117 1.24 27.24 72.94
CA TYR B 117 2.36 28.08 72.45
C TYR B 117 3.55 28.00 73.42
N GLN B 118 3.32 27.84 74.71
CA GLN B 118 4.43 27.61 75.66
C GLN B 118 5.22 26.38 75.20
N ILE B 119 4.51 25.32 74.82
CA ILE B 119 5.15 24.04 74.36
C ILE B 119 5.78 24.24 72.98
N THR B 120 5.06 24.80 72.02
CA THR B 120 5.59 24.92 70.62
C THR B 120 6.73 25.93 70.61
N HIS B 121 6.69 26.98 71.41
CA HIS B 121 7.84 27.93 71.59
C HIS B 121 9.07 27.15 72.06
N ALA B 122 8.92 26.28 73.06
CA ALA B 122 10.08 25.55 73.65
C ALA B 122 10.65 24.58 72.63
N VAL B 123 9.82 23.97 71.77
CA VAL B 123 10.28 22.94 70.80
C VAL B 123 10.77 23.61 69.51
N LEU B 124 10.00 24.54 68.94
CA LEU B 124 10.21 25.05 67.56
C LEU B 124 10.79 26.46 67.55
N GLY B 125 10.82 27.15 68.72
CA GLY B 125 11.34 28.52 68.86
C GLY B 125 10.24 29.56 68.96
N ALA B 126 10.61 30.76 69.40
CA ALA B 126 9.71 31.91 69.68
C ALA B 126 9.02 32.39 68.39
N ASP B 127 9.62 32.10 67.24
CA ASP B 127 9.15 32.52 65.89
C ASP B 127 8.33 31.39 65.24
N ALA B 128 8.02 30.32 65.96
CA ALA B 128 7.12 29.26 65.46
C ALA B 128 5.75 29.88 65.18
N ARG B 129 5.02 29.37 64.19
CA ARG B 129 3.73 29.97 63.77
C ARG B 129 2.72 28.87 63.40
N ASN B 130 1.46 29.08 63.78
CA ASN B 130 0.32 28.31 63.28
C ASN B 130 0.11 28.63 61.80
N ALA B 131 0.06 27.62 60.92
CA ALA B 131 -0.25 27.82 59.49
C ALA B 131 -1.37 26.90 59.03
N VAL B 132 -2.11 26.28 59.95
CA VAL B 132 -3.27 25.41 59.58
C VAL B 132 -4.43 25.73 60.51
N TYR B 133 -5.62 25.90 59.93
CA TYR B 133 -6.88 25.97 60.70
C TYR B 133 -7.92 25.16 59.93
N SER B 134 -7.92 23.85 60.19
CA SER B 134 -8.63 22.86 59.36
C SER B 134 -9.35 21.84 60.27
N GLY B 135 -9.80 20.73 59.71
CA GLY B 135 -10.58 19.75 60.46
C GLY B 135 -10.83 18.49 59.67
N ASN B 136 -11.23 17.45 60.40
CA ASN B 136 -11.45 16.07 59.94
C ASN B 136 -12.82 15.65 60.47
N MET B 137 -13.80 15.47 59.60
CA MET B 137 -15.14 14.97 60.00
C MET B 137 -15.19 13.47 59.67
N ASN B 138 -15.15 12.64 60.70
CA ASN B 138 -15.15 11.15 60.57
C ASN B 138 -16.61 10.68 60.64
N LEU B 139 -17.17 10.23 59.51
CA LEU B 139 -18.62 9.87 59.38
C LEU B 139 -18.87 8.46 59.88
N PRO B 140 -20.08 8.18 60.42
CA PRO B 140 -20.51 6.79 60.65
C PRO B 140 -20.25 5.92 59.40
N GLY B 141 -19.69 4.74 59.61
CA GLY B 141 -19.43 3.75 58.54
C GLY B 141 -18.17 4.06 57.76
N SER B 142 -17.31 4.95 58.29
CA SER B 142 -16.03 5.32 57.61
C SER B 142 -15.12 4.08 57.52
N HIS B 143 -14.18 4.09 56.57
CA HIS B 143 -13.18 3.02 56.34
C HIS B 143 -11.91 3.24 57.17
N GLU B 144 -10.97 2.29 57.14
CA GLU B 144 -9.67 2.37 57.84
C GLU B 144 -8.69 3.13 56.94
N GLN B 145 -8.10 4.23 57.43
CA GLN B 145 -7.04 4.94 56.69
C GLN B 145 -5.76 4.09 56.75
N PRO B 146 -4.86 4.22 55.75
CA PRO B 146 -3.53 3.65 55.87
C PRO B 146 -2.73 4.47 56.89
N VAL B 147 -1.82 3.81 57.58
CA VAL B 147 -0.89 4.50 58.52
C VAL B 147 -0.04 5.46 57.69
N HIS B 148 0.03 6.72 58.10
CA HIS B 148 0.76 7.80 57.39
C HIS B 148 1.32 8.81 58.38
N LEU B 149 2.18 9.69 57.89
CA LEU B 149 2.53 10.94 58.62
C LEU B 149 1.87 12.10 57.87
N ASP B 150 1.48 13.15 58.59
CA ASP B 150 0.84 14.35 57.96
C ASP B 150 1.93 15.23 57.34
N GLU B 151 3.13 15.24 57.92
CA GLU B 151 4.25 16.11 57.46
C GLU B 151 5.49 15.23 57.30
N PRO B 152 6.17 15.31 56.15
CA PRO B 152 7.33 14.46 55.89
C PRO B 152 8.58 14.92 56.64
N HIS B 153 9.54 14.00 56.75
CA HIS B 153 10.96 14.31 57.04
C HIS B 153 11.48 15.17 55.89
N LEU B 154 12.44 16.03 56.16
CA LEU B 154 12.88 17.08 55.22
C LEU B 154 13.94 16.54 54.27
N TRP B 155 14.65 15.50 54.66
CA TRP B 155 15.55 14.75 53.76
C TRP B 155 15.34 13.27 54.00
N PRO B 156 15.41 12.44 52.94
CA PRO B 156 15.29 11.00 53.11
C PRO B 156 16.54 10.44 53.80
N GLY B 157 16.37 9.42 54.67
CA GLY B 157 17.49 8.69 55.30
C GLY B 157 18.23 9.50 56.36
N ILE B 158 17.67 10.60 56.84
CA ILE B 158 18.33 11.57 57.76
C ILE B 158 17.49 11.73 59.03
N SER B 159 18.15 11.76 60.17
CA SER B 159 17.56 12.05 61.50
C SER B 159 17.73 13.54 61.80
N HIS B 160 16.64 14.25 62.04
CA HIS B 160 16.64 15.70 62.38
C HIS B 160 15.54 15.98 63.40
N PRO B 161 15.64 17.10 64.12
CA PRO B 161 14.63 17.45 65.11
C PRO B 161 13.31 17.88 64.47
N PRO B 162 12.27 18.07 65.30
CA PRO B 162 10.97 18.52 64.81
C PRO B 162 11.04 19.88 64.12
N TYR B 163 10.22 20.07 63.09
CA TYR B 163 9.97 21.40 62.49
C TYR B 163 8.48 21.73 62.55
N CYS B 164 7.64 20.83 63.03
CA CYS B 164 6.18 21.08 63.11
C CYS B 164 5.52 20.22 64.19
N LEU B 165 4.51 20.80 64.83
CA LEU B 165 3.66 20.16 65.86
C LEU B 165 2.20 20.32 65.45
N CYS B 166 1.51 19.20 65.21
CA CYS B 166 0.05 19.15 64.99
C CYS B 166 -0.61 19.39 66.34
N VAL B 167 -1.66 20.21 66.32
CA VAL B 167 -2.48 20.54 67.51
C VAL B 167 -3.92 20.13 67.18
N ASP B 168 -4.35 18.98 67.71
CA ASP B 168 -5.66 18.35 67.40
C ASP B 168 -6.61 18.64 68.56
N VAL B 169 -7.81 19.11 68.22
CA VAL B 169 -8.87 19.50 69.20
C VAL B 169 -10.12 18.67 68.88
N PRO B 170 -10.33 17.58 69.63
CA PRO B 170 -11.58 16.81 69.53
C PRO B 170 -12.75 17.73 69.89
N LEU B 171 -13.85 17.64 69.12
CA LEU B 171 -15.03 18.50 69.39
C LEU B 171 -16.19 17.69 69.98
N ILE B 172 -16.00 16.37 70.16
CA ILE B 172 -16.86 15.52 71.03
C ILE B 172 -15.93 14.60 71.80
N ASP B 173 -16.47 13.85 72.78
CA ASP B 173 -15.72 12.75 73.44
C ASP B 173 -15.32 11.79 72.33
N PHE B 174 -14.02 11.50 72.21
CA PHE B 174 -13.49 10.48 71.28
C PHE B 174 -13.47 9.16 72.04
N THR B 175 -13.99 8.10 71.43
CA THR B 175 -14.10 6.75 72.03
C THR B 175 -13.45 5.76 71.05
N LEU B 176 -13.22 4.53 71.50
CA LEU B 176 -12.78 3.44 70.59
C LEU B 176 -13.85 3.20 69.54
N GLU B 177 -15.11 3.46 69.88
CA GLU B 177 -16.26 3.21 68.97
C GLU B 177 -16.30 4.27 67.87
N ASN B 178 -16.12 5.57 68.18
CA ASN B 178 -16.47 6.66 67.23
C ASN B 178 -15.23 7.17 66.48
N GLY B 179 -14.09 6.50 66.58
CA GLY B 179 -12.95 6.74 65.68
C GLY B 179 -11.85 7.57 66.30
N SER B 180 -11.59 7.39 67.60
CA SER B 180 -10.38 7.95 68.25
C SER B 180 -9.16 7.50 67.43
N THR B 181 -8.29 8.43 67.08
CA THR B 181 -7.16 8.22 66.15
C THR B 181 -6.19 7.17 66.73
N GLU B 182 -5.66 6.29 65.88
CA GLU B 182 -4.53 5.39 66.21
C GLU B 182 -3.21 6.14 66.10
N TYR B 183 -2.38 6.07 67.14
CA TYR B 183 -1.07 6.76 67.24
C TYR B 183 0.04 5.71 67.41
N TRP B 184 1.17 5.89 66.72
CA TRP B 184 2.37 5.03 66.82
C TRP B 184 3.44 5.76 67.64
N PRO B 185 3.50 5.56 68.97
CA PRO B 185 4.47 6.23 69.83
C PRO B 185 5.91 6.02 69.35
N GLY B 186 6.68 7.11 69.32
CA GLY B 186 8.14 7.08 69.03
C GLY B 186 8.40 7.02 67.53
N SER B 187 7.34 6.99 66.69
CA SER B 187 7.47 6.79 65.22
C SER B 187 7.97 8.09 64.56
N HIS B 188 7.87 9.21 65.27
CA HIS B 188 8.22 10.55 64.73
C HIS B 188 9.69 10.67 64.35
N VAL B 189 10.58 9.83 64.89
CA VAL B 189 12.06 9.94 64.64
C VAL B 189 12.50 8.95 63.56
N LEU B 190 11.61 8.13 63.01
CA LEU B 190 12.00 7.04 62.08
C LEU B 190 12.05 7.58 60.66
N ASN B 191 13.17 7.46 59.96
CA ASN B 191 13.29 7.93 58.55
C ASN B 191 14.31 7.11 57.77
N PRO B 192 14.20 5.76 57.76
CA PRO B 192 15.12 4.95 56.96
C PRO B 192 14.76 5.12 55.49
N ASP B 193 15.68 4.79 54.58
CA ASP B 193 15.48 4.88 53.11
C ASP B 193 14.23 4.08 52.72
N GLU B 194 13.46 4.55 51.73
CA GLU B 194 12.33 3.77 51.13
C GLU B 194 11.29 3.41 52.21
N CYS B 195 10.93 4.34 53.09
CA CYS B 195 9.99 4.13 54.22
C CYS B 195 8.60 4.70 53.89
N TYR B 196 8.54 5.76 53.07
CA TYR B 196 7.33 6.56 52.79
C TYR B 196 7.07 6.57 51.29
N ASP B 197 5.81 6.42 50.89
CA ASP B 197 5.39 6.58 49.48
C ASP B 197 5.10 8.08 49.26
N GLU B 198 4.67 8.46 48.07
CA GLU B 198 4.44 9.88 47.67
C GLU B 198 3.26 10.48 48.45
N ARG B 199 2.42 9.69 49.11
CA ARG B 199 1.26 10.21 49.89
C ARG B 199 1.59 10.35 51.39
N GLY B 200 2.81 10.01 51.81
CA GLY B 200 3.21 10.00 53.22
C GLY B 200 2.74 8.74 53.95
N CYS B 201 2.32 7.70 53.21
CA CYS B 201 1.97 6.39 53.80
C CYS B 201 3.24 5.62 54.11
N VAL B 202 3.25 4.94 55.25
CA VAL B 202 4.37 4.07 55.70
C VAL B 202 4.31 2.77 54.89
N LEU B 203 5.43 2.40 54.27
CA LEU B 203 5.53 1.15 53.48
C LEU B 203 5.32 -0.03 54.41
N PRO B 204 4.53 -1.05 53.98
CA PRO B 204 4.09 -2.13 54.86
C PRO B 204 5.21 -2.90 55.59
N ALA B 205 6.37 -3.10 54.96
CA ALA B 205 7.51 -3.81 55.59
C ALA B 205 8.00 -2.99 56.80
N GLU B 206 8.16 -1.68 56.67
CA GLU B 206 8.57 -0.78 57.78
C GLU B 206 7.48 -0.77 58.88
N LEU B 207 6.20 -0.77 58.50
CA LEU B 207 5.09 -0.82 59.49
C LEU B 207 5.29 -2.03 60.42
N GLU B 208 5.51 -3.20 59.83
CA GLU B 208 5.51 -4.48 60.58
C GLU B 208 6.81 -4.55 61.41
N ARG B 209 7.93 -4.10 60.90
CA ARG B 209 9.20 -4.04 61.68
C ARG B 209 8.96 -3.20 62.94
N ARG B 210 8.34 -2.02 62.78
CA ARG B 210 8.07 -1.11 63.91
C ARG B 210 7.08 -1.75 64.88
N ARG B 211 6.02 -2.37 64.39
CA ARG B 211 4.95 -2.98 65.25
C ARG B 211 5.57 -3.95 66.27
N ALA B 212 6.57 -4.74 65.85
CA ALA B 212 7.26 -5.75 66.69
C ALA B 212 7.96 -5.08 67.88
N VAL B 213 8.42 -3.84 67.73
CA VAL B 213 9.24 -3.09 68.72
C VAL B 213 8.36 -2.15 69.56
N ALA B 214 7.40 -1.43 68.94
CA ALA B 214 6.56 -0.42 69.59
C ALA B 214 5.20 -0.38 68.90
N PRO B 215 4.26 -1.28 69.30
CA PRO B 215 2.96 -1.33 68.64
C PRO B 215 2.16 -0.05 68.88
N PRO B 216 1.19 0.26 68.00
CA PRO B 216 0.36 1.46 68.13
C PRO B 216 -0.58 1.42 69.35
N VAL B 217 -1.15 2.56 69.72
CA VAL B 217 -2.16 2.69 70.81
C VAL B 217 -3.36 3.48 70.28
N ARG B 218 -4.54 3.19 70.83
CA ARG B 218 -5.78 3.94 70.60
C ARG B 218 -6.45 4.08 71.96
N PHE B 219 -6.99 5.25 72.26
CA PHE B 219 -7.59 5.50 73.60
C PHE B 219 -8.65 6.56 73.47
N PRO B 220 -9.66 6.53 74.35
CA PRO B 220 -10.63 7.62 74.46
C PRO B 220 -9.92 8.93 74.80
N ILE B 221 -10.44 10.03 74.26
CA ILE B 221 -9.96 11.40 74.57
C ILE B 221 -11.17 12.26 74.84
N PRO B 222 -11.36 12.76 76.07
CA PRO B 222 -12.53 13.57 76.40
C PRO B 222 -12.46 14.92 75.68
N VAL B 223 -13.62 15.42 75.23
CA VAL B 223 -13.73 16.79 74.68
C VAL B 223 -13.21 17.76 75.76
N GLY B 224 -12.56 18.83 75.33
CA GLY B 224 -11.78 19.71 76.21
C GLY B 224 -10.31 19.45 76.08
N SER B 225 -9.93 18.27 75.59
CA SER B 225 -8.51 17.86 75.45
C SER B 225 -7.88 18.54 74.23
N VAL B 226 -6.57 18.73 74.29
CA VAL B 226 -5.73 19.10 73.12
C VAL B 226 -4.64 18.05 73.01
N VAL B 227 -4.48 17.48 71.82
CA VAL B 227 -3.38 16.54 71.51
C VAL B 227 -2.33 17.31 70.72
N ILE B 228 -1.11 17.37 71.24
CA ILE B 228 0.04 17.94 70.52
C ILE B 228 0.92 16.78 70.10
N ARG B 229 1.30 16.74 68.82
CA ARG B 229 2.15 15.63 68.32
C ARG B 229 3.08 16.15 67.24
N ASP B 230 4.26 15.52 67.16
CA ASP B 230 5.21 15.72 66.04
C ASP B 230 4.43 15.49 64.75
N GLY B 231 4.53 16.42 63.80
CA GLY B 231 3.84 16.30 62.50
C GLY B 231 4.27 15.06 61.75
N ARG B 232 5.40 14.45 62.14
CA ARG B 232 5.94 13.25 61.46
C ARG B 232 5.42 11.96 62.12
N LEU B 233 4.62 12.07 63.18
CA LEU B 233 4.15 10.88 63.91
C LEU B 233 3.30 9.99 63.00
N TRP B 234 3.57 8.70 62.98
CA TRP B 234 2.72 7.72 62.26
C TRP B 234 1.38 7.63 63.00
N HIS B 235 0.29 7.65 62.26
CA HIS B 235 -1.08 7.58 62.82
C HIS B 235 -2.04 7.16 61.70
N ARG B 236 -3.27 6.84 62.05
CA ARG B 236 -4.35 6.63 61.04
C ARG B 236 -5.73 6.88 61.67
N GLY B 237 -6.63 7.45 60.89
CA GLY B 237 -8.06 7.47 61.16
C GLY B 237 -8.60 6.07 61.06
N VAL B 238 -9.57 5.74 61.90
CA VAL B 238 -10.19 4.39 61.97
C VAL B 238 -11.71 4.56 61.85
N PRO B 239 -12.44 3.45 61.60
CA PRO B 239 -13.89 3.51 61.40
C PRO B 239 -14.61 4.15 62.60
N ASN B 240 -15.51 5.06 62.31
CA ASN B 240 -16.52 5.59 63.27
C ASN B 240 -17.73 4.66 63.21
N LEU B 241 -17.94 3.87 64.26
CA LEU B 241 -19.00 2.85 64.36
C LEU B 241 -20.10 3.35 65.30
N SER B 242 -20.14 4.64 65.58
CA SER B 242 -21.24 5.32 66.32
C SER B 242 -22.27 5.82 65.30
N ALA B 243 -23.36 6.39 65.82
CA ALA B 243 -24.48 6.97 65.05
C ALA B 243 -24.21 8.43 64.67
N ALA B 244 -23.12 9.05 65.10
CA ALA B 244 -22.90 10.51 64.95
C ALA B 244 -21.54 10.80 64.32
N PRO B 245 -21.44 11.79 63.41
CA PRO B 245 -20.16 12.26 62.91
C PRO B 245 -19.25 12.73 64.07
N ARG B 246 -17.96 12.45 63.95
CA ARG B 246 -16.91 12.74 64.95
C ARG B 246 -16.05 13.88 64.42
N PRO B 247 -16.31 15.14 64.82
CA PRO B 247 -15.52 16.27 64.34
C PRO B 247 -14.21 16.47 65.11
N LEU B 248 -13.15 16.76 64.38
CA LEU B 248 -11.82 17.17 64.88
C LEU B 248 -11.47 18.52 64.27
N LEU B 249 -11.01 19.46 65.10
CA LEU B 249 -10.38 20.71 64.61
C LEU B 249 -8.87 20.52 64.67
N ALA B 250 -8.18 20.92 63.61
CA ALA B 250 -6.74 20.62 63.40
C ALA B 250 -5.99 21.94 63.15
N MET B 251 -4.92 22.16 63.90
CA MET B 251 -3.96 23.27 63.67
C MET B 251 -2.57 22.62 63.59
N THR B 252 -1.62 23.31 62.97
CA THR B 252 -0.22 22.86 62.89
C THR B 252 0.71 24.05 63.01
N HIS B 253 1.63 23.97 63.96
CA HIS B 253 2.69 24.98 64.23
C HIS B 253 3.94 24.52 63.50
N TYR B 254 4.60 25.45 62.83
CA TYR B 254 5.81 25.23 62.01
C TYR B 254 6.87 26.22 62.46
N THR B 255 8.13 25.82 62.34
CA THR B 255 9.29 26.74 62.38
C THR B 255 9.00 27.85 61.38
N GLU B 256 9.53 29.04 61.65
CA GLU B 256 9.30 30.25 60.82
C GLU B 256 9.78 29.98 59.38
N TRP B 257 10.78 29.13 59.18
CA TRP B 257 11.45 28.95 57.86
C TRP B 257 10.75 27.87 57.01
N PHE B 258 9.72 27.20 57.52
CA PHE B 258 8.98 26.20 56.69
C PHE B 258 7.90 26.91 55.87
N ASP B 259 7.98 26.76 54.54
CA ASP B 259 7.08 27.43 53.58
C ASP B 259 5.67 26.84 53.67
N MET B 260 4.68 27.67 53.99
CA MET B 260 3.26 27.28 54.04
C MET B 260 2.43 28.42 53.46
N PRO B 261 1.29 28.13 52.80
CA PRO B 261 0.37 29.20 52.43
C PRO B 261 -0.22 29.77 53.72
N PRO B 262 -0.62 31.05 53.74
CA PRO B 262 -1.22 31.64 54.95
C PRO B 262 -2.65 31.16 55.17
N ILE B 263 -3.11 31.19 56.41
CA ILE B 263 -4.54 31.05 56.78
C ILE B 263 -5.26 32.35 56.40
N GLN B 264 -6.33 32.23 55.62
CA GLN B 264 -7.20 33.37 55.24
C GLN B 264 -8.09 33.65 56.46
N LEU B 265 -8.00 34.84 57.04
CA LEU B 265 -8.84 35.28 58.20
C LEU B 265 -9.49 36.62 57.87
N PRO B 266 -10.68 36.91 58.43
CA PRO B 266 -11.30 38.23 58.25
C PRO B 266 -10.50 39.28 59.02
N ASP B 267 -10.39 40.50 58.50
CA ASP B 267 -9.58 41.58 59.15
C ASP B 267 -10.25 42.05 60.46
N THR B 268 -11.47 41.61 60.75
CA THR B 268 -12.15 41.84 62.06
C THR B 268 -11.40 41.15 63.21
N VAL B 269 -10.47 40.22 62.96
CA VAL B 269 -9.66 39.58 64.05
C VAL B 269 -8.20 40.03 63.94
N LYS B 270 -7.86 40.88 62.96
CA LYS B 270 -6.46 41.30 62.76
C LYS B 270 -5.91 41.93 64.05
N SER B 271 -6.73 42.70 64.78
CA SER B 271 -6.29 43.49 65.97
C SER B 271 -5.63 42.57 66.99
N TRP B 272 -6.23 41.42 67.32
CA TRP B 272 -5.70 40.52 68.38
C TRP B 272 -4.85 39.38 67.79
N VAL B 273 -5.02 38.99 66.53
CA VAL B 273 -4.19 37.91 65.90
C VAL B 273 -2.81 38.49 65.55
N ASP B 274 -2.75 39.61 64.84
CA ASP B 274 -1.47 40.20 64.35
C ASP B 274 -0.67 40.81 65.53
N GLY B 275 -1.32 41.29 66.59
CA GLY B 275 -0.60 41.80 67.80
C GLY B 275 0.31 40.74 68.46
N SER B 276 -0.12 39.49 68.49
CA SER B 276 0.28 38.46 69.50
C SER B 276 1.75 38.04 69.32
N ASP B 277 2.42 37.67 70.42
CA ASP B 277 3.72 36.96 70.39
C ASP B 277 3.49 35.44 70.17
N ARG B 278 2.22 35.02 70.02
CA ARG B 278 1.82 33.68 69.52
C ARG B 278 1.50 33.81 68.04
N HIS B 279 2.47 33.53 67.19
CA HIS B 279 2.42 33.88 65.75
C HIS B 279 1.46 32.99 64.97
N THR B 280 0.78 33.61 64.02
CA THR B 280 -0.07 32.97 62.99
C THR B 280 0.44 33.44 61.62
N HIS B 281 0.68 32.53 60.69
CA HIS B 281 0.91 32.86 59.26
C HIS B 281 -0.48 33.10 58.65
N ALA B 282 -0.91 34.38 58.65
CA ALA B 282 -2.28 34.79 58.30
C ALA B 282 -2.27 35.84 57.19
N HIS B 283 -3.25 35.76 56.30
CA HIS B 283 -3.64 36.82 55.33
C HIS B 283 -5.02 37.33 55.77
N PHE B 284 -5.14 38.64 56.00
CA PHE B 284 -6.38 39.28 56.51
C PHE B 284 -7.15 39.85 55.31
N VAL B 285 -8.42 39.50 55.22
CA VAL B 285 -9.32 39.79 54.06
C VAL B 285 -10.41 40.75 54.54
N ALA B 286 -10.87 41.64 53.66
CA ALA B 286 -11.92 42.65 53.93
C ALA B 286 -13.26 42.02 54.32
N GLY B 287 -13.73 41.01 53.61
CA GLY B 287 -15.09 40.53 53.84
C GLY B 287 -15.11 39.39 54.83
N ASP B 288 -16.13 38.56 54.66
CA ASP B 288 -16.16 37.17 55.16
C ASP B 288 -15.30 36.30 54.23
N VAL B 289 -14.62 35.34 54.83
CA VAL B 289 -13.84 34.28 54.12
C VAL B 289 -14.78 33.09 53.88
N ASP B 290 -14.73 32.52 52.68
CA ASP B 290 -15.32 31.19 52.36
C ASP B 290 -14.33 30.11 52.84
N HIS B 291 -14.61 29.51 53.99
CA HIS B 291 -13.76 28.49 54.68
C HIS B 291 -13.88 27.15 53.95
N LEU B 292 -15.03 26.86 53.38
CA LEU B 292 -15.30 25.55 52.71
C LEU B 292 -14.56 25.49 51.37
N THR B 293 -14.73 26.47 50.47
CA THR B 293 -14.17 26.43 49.08
C THR B 293 -12.91 27.30 48.88
N GLY B 294 -12.57 28.23 49.77
CA GLY B 294 -11.53 29.25 49.55
C GLY B 294 -11.78 30.13 48.30
N ASP B 295 -13.05 30.37 47.93
CA ASP B 295 -13.47 31.08 46.70
C ASP B 295 -14.04 32.48 47.02
N HIS B 296 -13.37 33.25 47.90
CA HIS B 296 -13.60 34.70 48.08
C HIS B 296 -12.76 35.46 47.05
N PRO B 297 -13.22 36.65 46.62
CA PRO B 297 -12.67 37.30 45.42
C PRO B 297 -11.21 37.77 45.37
N PHE B 298 -10.53 37.99 46.51
CA PHE B 298 -9.09 38.43 46.54
C PHE B 298 -8.32 37.43 47.38
N ALA B 299 -8.48 36.13 47.03
CA ALA B 299 -8.02 34.93 47.77
C ALA B 299 -6.48 34.91 47.90
N HIS C 16 19.66 -35.09 -11.35
CA HIS C 16 20.25 -35.18 -12.72
C HIS C 16 21.69 -34.62 -12.73
N MET C 17 22.54 -35.16 -13.60
CA MET C 17 23.92 -34.68 -13.87
C MET C 17 23.87 -33.61 -14.97
N ALA C 18 24.38 -32.41 -14.65
CA ALA C 18 24.40 -31.22 -15.54
C ALA C 18 25.83 -31.03 -16.03
N LEU C 19 26.07 -31.17 -17.33
CA LEU C 19 27.41 -31.20 -17.92
C LEU C 19 27.62 -29.90 -18.68
N ALA C 20 28.86 -29.65 -19.08
CA ALA C 20 29.30 -28.40 -19.75
C ALA C 20 29.32 -28.60 -21.27
N ALA C 21 29.33 -29.86 -21.72
CA ALA C 21 29.42 -30.22 -23.15
C ALA C 21 28.94 -31.65 -23.33
N PRO C 22 28.66 -32.10 -24.58
CA PRO C 22 28.23 -33.46 -24.81
C PRO C 22 29.29 -34.40 -24.25
N PRO C 23 28.92 -35.42 -23.46
CA PRO C 23 29.89 -36.32 -22.87
C PRO C 23 30.61 -37.14 -23.95
N GLY C 24 31.91 -37.31 -23.77
CA GLY C 24 32.80 -38.08 -24.67
C GLY C 24 32.31 -39.51 -24.87
N GLU C 25 31.71 -40.14 -23.84
CA GLU C 25 31.15 -41.51 -23.93
C GLU C 25 30.09 -41.59 -25.06
N LEU C 26 29.40 -40.49 -25.38
CA LEU C 26 28.20 -40.48 -26.26
C LEU C 26 28.51 -39.80 -27.60
N THR C 27 29.70 -39.21 -27.78
CA THR C 27 29.86 -38.15 -28.83
C THR C 27 30.92 -38.54 -29.85
N LEU C 28 30.62 -38.31 -31.12
CA LEU C 28 31.53 -38.37 -32.29
C LEU C 28 31.54 -37.00 -32.96
N ALA C 29 32.73 -36.50 -33.25
CA ALA C 29 32.94 -35.21 -33.94
C ALA C 29 33.01 -35.48 -35.45
N LEU C 30 32.19 -34.76 -36.21
CA LEU C 30 32.32 -34.67 -37.68
C LEU C 30 32.49 -33.22 -38.14
N THR C 31 32.68 -33.04 -39.45
CA THR C 31 32.52 -31.78 -40.23
C THR C 31 31.40 -32.01 -41.24
N PRO C 32 30.79 -30.97 -41.83
CA PRO C 32 29.76 -31.15 -42.86
C PRO C 32 30.31 -31.78 -44.17
N ASP C 33 31.63 -31.89 -44.32
CA ASP C 33 32.29 -32.54 -45.48
C ASP C 33 32.28 -34.08 -45.35
N ASP C 34 32.21 -34.61 -44.12
CA ASP C 34 32.22 -36.07 -43.86
C ASP C 34 30.90 -36.64 -44.39
N LYS C 35 30.96 -37.47 -45.44
CA LYS C 35 29.77 -38.13 -46.04
C LYS C 35 29.59 -39.53 -45.45
N THR C 36 30.64 -40.14 -44.90
CA THR C 36 30.56 -41.44 -44.19
C THR C 36 31.46 -41.39 -42.96
N LEU C 37 31.17 -42.20 -41.94
CA LEU C 37 32.10 -42.55 -40.85
C LEU C 37 33.04 -43.65 -41.35
N ASP C 38 34.33 -43.57 -41.02
CA ASP C 38 35.29 -44.67 -41.28
C ASP C 38 34.82 -45.89 -40.49
N PRO C 39 35.26 -47.12 -40.84
CA PRO C 39 34.83 -48.33 -40.13
C PRO C 39 34.93 -48.26 -38.59
N ALA C 40 36.02 -47.71 -38.04
CA ALA C 40 36.26 -47.64 -36.58
C ALA C 40 35.23 -46.72 -35.92
N SER C 41 34.93 -45.59 -36.55
CA SER C 41 33.93 -44.59 -36.07
C SER C 41 32.52 -45.19 -36.13
N LEU C 42 32.17 -45.92 -37.20
CA LEU C 42 30.87 -46.60 -37.32
C LEU C 42 30.73 -47.63 -36.19
N ASP C 43 31.76 -48.44 -35.96
CA ASP C 43 31.76 -49.46 -34.88
C ASP C 43 31.47 -48.77 -33.53
N ARG C 44 32.14 -47.66 -33.27
CA ARG C 44 31.98 -46.88 -32.02
C ARG C 44 30.57 -46.32 -31.94
N ALA C 45 30.06 -45.73 -33.02
CA ALA C 45 28.67 -45.23 -33.14
C ALA C 45 27.67 -46.34 -32.74
N LEU C 46 27.80 -47.54 -33.29
CA LEU C 46 26.86 -48.66 -33.03
C LEU C 46 27.01 -49.16 -31.59
N ALA C 47 28.23 -49.20 -31.06
CA ALA C 47 28.52 -49.61 -29.66
C ALA C 47 27.86 -48.61 -28.69
N ILE C 48 27.96 -47.33 -28.96
CA ILE C 48 27.29 -46.25 -28.16
C ILE C 48 25.77 -46.45 -28.19
N LEU C 49 25.16 -46.61 -29.36
CA LEU C 49 23.68 -46.79 -29.49
C LEU C 49 23.23 -48.06 -28.76
N ALA C 50 23.98 -49.16 -28.89
CA ALA C 50 23.67 -50.44 -28.20
C ALA C 50 23.74 -50.26 -26.69
N GLU C 51 24.81 -49.66 -26.18
CA GLU C 51 25.03 -49.58 -24.71
C GLU C 51 24.19 -48.45 -24.10
N HIS C 52 24.26 -47.25 -24.67
CA HIS C 52 23.72 -46.01 -24.05
C HIS C 52 22.39 -45.59 -24.68
N GLY C 53 22.09 -46.01 -25.90
CA GLY C 53 20.81 -45.70 -26.58
C GLY C 53 20.74 -44.27 -27.09
N ILE C 54 21.81 -43.50 -26.99
CA ILE C 54 21.87 -42.09 -27.44
C ILE C 54 23.28 -41.79 -27.94
N LEU C 55 23.36 -41.18 -29.12
CA LEU C 55 24.61 -40.83 -29.83
C LEU C 55 24.51 -39.37 -30.26
N VAL C 56 25.51 -38.58 -29.91
CA VAL C 56 25.64 -37.15 -30.28
C VAL C 56 26.71 -37.02 -31.38
N LEU C 57 26.33 -36.48 -32.52
CA LEU C 57 27.22 -36.22 -33.68
C LEU C 57 27.35 -34.71 -33.82
N THR C 58 28.50 -34.13 -33.51
CA THR C 58 28.75 -32.67 -33.64
C THR C 58 29.25 -32.36 -35.06
N GLY C 59 28.97 -31.14 -35.53
CA GLY C 59 29.53 -30.53 -36.75
C GLY C 59 28.98 -31.16 -38.03
N MET C 60 27.71 -31.59 -38.04
CA MET C 60 27.14 -32.33 -39.20
C MET C 60 26.48 -31.37 -40.21
N LEU C 61 25.83 -30.31 -39.75
CA LEU C 61 24.96 -29.49 -40.62
C LEU C 61 25.55 -28.08 -40.74
N ARG C 62 25.63 -27.56 -41.97
CA ARG C 62 26.08 -26.19 -42.31
C ARG C 62 25.12 -25.18 -41.67
N THR C 63 25.68 -24.04 -41.25
CA THR C 63 24.95 -22.88 -40.68
C THR C 63 23.83 -22.45 -41.63
N ARG C 64 24.11 -22.46 -42.94
CA ARG C 64 23.18 -22.02 -44.00
C ARG C 64 21.87 -22.79 -43.87
N LEU C 65 21.92 -24.10 -43.56
CA LEU C 65 20.71 -24.96 -43.47
C LEU C 65 19.98 -24.67 -42.16
N THR C 66 20.69 -24.69 -41.03
CA THR C 66 20.05 -24.55 -39.68
C THR C 66 19.48 -23.14 -39.53
N ASP C 67 20.14 -22.12 -40.10
CA ASP C 67 19.61 -20.73 -40.14
C ASP C 67 18.22 -20.73 -40.79
N GLN C 68 18.09 -21.30 -41.98
CA GLN C 68 16.82 -21.25 -42.75
C GLN C 68 15.73 -22.01 -41.98
N LEU C 69 16.04 -23.17 -41.42
CA LEU C 69 15.04 -24.00 -40.68
C LEU C 69 14.64 -23.29 -39.39
N ARG C 70 15.60 -22.70 -38.67
CA ARG C 70 15.31 -21.93 -37.44
C ARG C 70 14.34 -20.79 -37.79
N THR C 71 14.69 -19.99 -38.79
CA THR C 71 13.91 -18.81 -39.23
C THR C 71 12.50 -19.27 -39.59
N ALA C 72 12.38 -20.33 -40.39
CA ALA C 72 11.09 -20.83 -40.90
C ALA C 72 10.20 -21.26 -39.74
N MET C 73 10.75 -21.95 -38.72
CA MET C 73 9.94 -22.45 -37.58
C MET C 73 9.53 -21.28 -36.67
N LEU C 74 10.42 -20.33 -36.38
CA LEU C 74 10.08 -19.13 -35.57
C LEU C 74 9.00 -18.30 -36.30
N ASP C 75 9.12 -18.16 -37.63
CA ASP C 75 8.11 -17.43 -38.46
C ASP C 75 6.75 -18.14 -38.40
N ASP C 76 6.71 -19.47 -38.30
CA ASP C 76 5.47 -20.28 -38.34
C ASP C 76 4.81 -20.36 -36.97
N LEU C 77 5.54 -20.02 -35.89
CA LEU C 77 5.05 -20.23 -34.50
C LEU C 77 3.72 -19.51 -34.30
N PRO C 78 3.53 -18.25 -34.76
CA PRO C 78 2.24 -17.58 -34.65
C PRO C 78 1.10 -18.43 -35.20
N GLU C 79 1.28 -19.01 -36.38
CA GLU C 79 0.20 -19.85 -37.01
C GLU C 79 -0.06 -21.07 -36.12
N VAL C 80 0.99 -21.66 -35.55
CA VAL C 80 0.82 -22.84 -34.66
C VAL C 80 0.02 -22.43 -33.41
N LEU C 81 0.35 -21.28 -32.80
CA LEU C 81 -0.24 -20.85 -31.51
C LEU C 81 -1.67 -20.35 -31.74
N ARG C 82 -2.03 -19.99 -32.97
CA ARG C 82 -3.35 -19.44 -33.36
C ARG C 82 -4.40 -20.55 -33.45
N GLN C 83 -4.01 -21.83 -33.51
CA GLN C 83 -4.95 -22.98 -33.64
C GLN C 83 -5.86 -23.06 -32.40
N GLN C 84 -7.08 -23.59 -32.56
CA GLN C 84 -8.08 -23.72 -31.47
C GLN C 84 -7.58 -24.75 -30.46
N ASP C 85 -7.12 -25.90 -30.96
CA ASP C 85 -6.41 -26.97 -30.20
C ASP C 85 -4.91 -26.86 -30.49
N VAL C 86 -4.13 -26.23 -29.59
CA VAL C 86 -2.65 -26.12 -29.73
C VAL C 86 -2.05 -27.41 -29.18
N PRO C 87 -1.43 -28.25 -30.04
CA PRO C 87 -0.90 -29.52 -29.55
C PRO C 87 0.30 -29.24 -28.63
N THR C 88 0.21 -29.79 -27.42
CA THR C 88 1.14 -29.59 -26.31
C THR C 88 1.53 -30.99 -25.83
N ASN C 89 2.83 -31.23 -25.64
CA ASN C 89 3.35 -32.54 -25.19
C ASN C 89 3.39 -32.54 -23.65
N PHE C 90 2.39 -33.16 -23.04
CA PHE C 90 2.26 -33.51 -21.60
C PHE C 90 1.93 -32.29 -20.74
N VAL C 91 2.64 -31.16 -20.91
CA VAL C 91 2.58 -29.98 -19.99
C VAL C 91 2.77 -28.71 -20.81
N PRO C 92 2.36 -27.53 -20.26
CA PRO C 92 2.51 -26.26 -20.94
C PRO C 92 3.94 -25.90 -21.39
N GLY C 93 4.04 -25.28 -22.57
CA GLY C 93 5.26 -24.70 -23.14
C GLY C 93 5.97 -25.66 -24.09
N HIS C 94 5.55 -26.92 -24.18
CA HIS C 94 6.13 -27.95 -25.08
C HIS C 94 5.22 -28.13 -26.29
N VAL C 95 5.41 -27.30 -27.31
CA VAL C 95 4.45 -27.24 -28.46
C VAL C 95 4.94 -28.18 -29.55
N GLN C 96 4.06 -29.03 -30.07
CA GLN C 96 4.34 -29.89 -31.26
C GLN C 96 4.22 -28.97 -32.48
N GLN C 97 5.27 -28.86 -33.29
CA GLN C 97 5.27 -28.01 -34.50
C GLN C 97 6.03 -28.71 -35.63
N ASP C 98 5.36 -28.96 -36.75
CA ASP C 98 5.99 -29.51 -37.97
C ASP C 98 6.71 -28.38 -38.70
N PRO C 99 7.95 -28.61 -39.15
CA PRO C 99 8.62 -27.67 -40.03
C PRO C 99 7.96 -27.70 -41.40
N PRO C 100 8.15 -26.64 -42.23
CA PRO C 100 7.56 -26.59 -43.56
C PRO C 100 8.07 -27.71 -44.45
N VAL C 101 7.18 -28.17 -45.32
CA VAL C 101 7.49 -29.14 -46.41
C VAL C 101 7.31 -28.40 -47.75
N ARG C 102 7.76 -27.14 -47.82
CA ARG C 102 8.02 -26.39 -49.07
C ARG C 102 9.34 -26.88 -49.65
N GLU C 103 9.39 -27.00 -50.98
CA GLU C 103 10.58 -27.43 -51.76
C GLU C 103 11.81 -26.67 -51.23
N SER C 104 11.70 -25.35 -51.02
CA SER C 104 12.84 -24.45 -50.69
C SER C 104 13.43 -24.79 -49.30
N LEU C 105 12.73 -25.54 -48.45
CA LEU C 105 13.16 -25.83 -47.06
C LEU C 105 13.27 -27.33 -46.78
N LEU C 106 13.24 -28.15 -47.84
CA LEU C 106 13.51 -29.60 -47.75
C LEU C 106 14.90 -29.85 -48.30
N PHE C 107 15.86 -30.16 -47.41
CA PHE C 107 17.30 -30.28 -47.75
C PHE C 107 17.71 -31.75 -47.71
N PRO C 108 18.32 -32.29 -48.79
CA PRO C 108 18.86 -33.65 -48.76
C PRO C 108 19.74 -33.93 -47.54
N ASP C 109 20.54 -32.96 -47.09
CA ASP C 109 21.49 -33.16 -45.97
C ASP C 109 20.74 -33.26 -44.64
N VAL C 110 19.45 -32.91 -44.59
CA VAL C 110 18.59 -33.03 -43.37
C VAL C 110 17.71 -34.29 -43.49
N LEU C 111 16.93 -34.42 -44.56
CA LEU C 111 15.98 -35.56 -44.75
C LEU C 111 16.72 -36.85 -45.04
N LEU C 112 17.79 -36.78 -45.85
CA LEU C 112 18.52 -37.95 -46.40
C LEU C 112 20.00 -37.84 -46.07
N ASN C 113 20.33 -37.60 -44.80
CA ASN C 113 21.72 -37.35 -44.37
C ASN C 113 22.51 -38.65 -44.50
N PRO C 114 23.66 -38.65 -45.22
CA PRO C 114 24.36 -39.90 -45.50
C PRO C 114 24.89 -40.58 -44.23
N VAL C 115 25.33 -39.81 -43.24
CA VAL C 115 25.88 -40.35 -41.96
C VAL C 115 24.73 -40.92 -41.14
N VAL C 116 23.62 -40.20 -41.03
CA VAL C 116 22.41 -40.68 -40.30
C VAL C 116 22.01 -42.04 -40.86
N TYR C 117 21.83 -42.14 -42.17
CA TYR C 117 21.34 -43.38 -42.83
C TYR C 117 22.40 -44.48 -42.76
N GLN C 118 23.69 -44.14 -42.78
CA GLN C 118 24.75 -45.15 -42.59
C GLN C 118 24.50 -45.84 -41.24
N ILE C 119 24.20 -45.05 -40.20
CA ILE C 119 23.95 -45.57 -38.82
C ILE C 119 22.62 -46.35 -38.79
N THR C 120 21.52 -45.77 -39.29
CA THR C 120 20.18 -46.39 -39.16
C THR C 120 20.15 -47.66 -40.04
N HIS C 121 20.82 -47.67 -41.20
CA HIS C 121 20.97 -48.88 -42.04
C HIS C 121 21.64 -50.00 -41.22
N ALA C 122 22.74 -49.70 -40.53
CA ALA C 122 23.50 -50.71 -39.77
C ALA C 122 22.67 -51.23 -38.58
N VAL C 123 21.84 -50.40 -37.95
CA VAL C 123 21.04 -50.82 -36.76
C VAL C 123 19.72 -51.47 -37.17
N LEU C 124 18.98 -50.86 -38.10
CA LEU C 124 17.58 -51.25 -38.40
C LEU C 124 17.47 -52.02 -39.72
N GLY C 125 18.52 -52.02 -40.56
CA GLY C 125 18.53 -52.66 -41.89
C GLY C 125 18.37 -51.67 -43.03
N ALA C 126 18.70 -52.12 -44.24
CA ALA C 126 18.77 -51.34 -45.49
C ALA C 126 17.39 -50.80 -45.88
N ASP C 127 16.33 -51.44 -45.38
CA ASP C 127 14.92 -51.10 -45.70
C ASP C 127 14.32 -50.21 -44.59
N ALA C 128 15.13 -49.75 -43.63
CA ALA C 128 14.70 -48.75 -42.63
C ALA C 128 14.25 -47.48 -43.35
N ARG C 129 13.26 -46.77 -42.81
CA ARG C 129 12.67 -45.59 -43.50
C ARG C 129 12.32 -44.50 -42.48
N ASN C 130 12.55 -43.25 -42.86
CA ASN C 130 12.07 -42.07 -42.12
C ASN C 130 10.55 -41.99 -42.28
N ALA C 131 9.79 -41.91 -41.20
CA ALA C 131 8.31 -41.74 -41.25
C ALA C 131 7.88 -40.56 -40.36
N VAL C 132 8.79 -39.71 -39.92
CA VAL C 132 8.45 -38.50 -39.13
C VAL C 132 9.26 -37.32 -39.64
N TYR C 133 8.60 -36.21 -39.89
CA TYR C 133 9.22 -34.90 -40.18
C TYR C 133 8.45 -33.87 -39.36
N SER C 134 8.87 -33.67 -38.12
CA SER C 134 8.12 -32.92 -37.10
C SER C 134 9.10 -32.05 -36.30
N GLY C 135 8.69 -31.61 -35.12
CA GLY C 135 9.48 -30.66 -34.31
C GLY C 135 8.81 -30.34 -33.01
N ASN C 136 9.58 -29.78 -32.10
CA ASN C 136 9.23 -29.43 -30.70
C ASN C 136 9.67 -27.98 -30.50
N MET C 137 8.72 -27.08 -30.29
CA MET C 137 9.05 -25.68 -29.91
C MET C 137 8.90 -25.56 -28.38
N ASN C 138 10.02 -25.42 -27.67
CA ASN C 138 10.04 -25.28 -26.19
C ASN C 138 9.99 -23.78 -25.85
N LEU C 139 8.86 -23.29 -25.33
CA LEU C 139 8.61 -21.85 -25.07
C LEU C 139 9.23 -21.40 -23.75
N PRO C 140 9.64 -20.11 -23.65
CA PRO C 140 9.98 -19.53 -22.34
C PRO C 140 8.88 -19.80 -21.31
N GLY C 141 9.28 -20.20 -20.10
CA GLY C 141 8.34 -20.45 -18.99
C GLY C 141 7.72 -21.82 -19.07
N SER C 142 8.21 -22.71 -19.94
CA SER C 142 7.64 -24.07 -20.11
C SER C 142 7.80 -24.85 -18.79
N HIS C 143 6.95 -25.85 -18.58
CA HIS C 143 6.95 -26.75 -17.40
C HIS C 143 7.86 -27.96 -17.65
N GLU C 144 8.06 -28.78 -16.61
CA GLU C 144 8.87 -30.02 -16.69
C GLU C 144 7.97 -31.15 -17.18
N GLN C 145 8.34 -31.82 -18.28
CA GLN C 145 7.60 -33.00 -18.76
C GLN C 145 7.90 -34.16 -17.82
N PRO C 146 6.98 -35.15 -17.72
CA PRO C 146 7.30 -36.41 -17.06
C PRO C 146 8.30 -37.17 -17.92
N VAL C 147 9.15 -37.97 -17.29
CA VAL C 147 10.07 -38.88 -18.02
C VAL C 147 9.20 -39.90 -18.79
N HIS C 148 9.47 -40.05 -20.07
CA HIS C 148 8.71 -40.93 -20.99
C HIS C 148 9.62 -41.51 -22.05
N LEU C 149 9.11 -42.49 -22.80
CA LEU C 149 9.68 -42.88 -24.11
C LEU C 149 8.73 -42.39 -25.20
N ASP C 150 9.26 -42.04 -26.37
CA ASP C 150 8.45 -41.57 -27.53
C ASP C 150 7.81 -42.78 -28.22
N GLU C 151 8.51 -43.91 -28.22
CA GLU C 151 8.04 -45.14 -28.92
C GLU C 151 8.12 -46.31 -27.96
N PRO C 152 7.03 -47.07 -27.78
CA PRO C 152 7.00 -48.13 -26.79
C PRO C 152 7.80 -49.36 -27.23
N HIS C 153 8.15 -50.18 -26.24
CA HIS C 153 8.51 -51.61 -26.43
C HIS C 153 7.28 -52.29 -27.01
N LEU C 154 7.48 -53.31 -27.84
CA LEU C 154 6.38 -53.89 -28.66
C LEU C 154 5.58 -54.89 -27.81
N TRP C 155 6.18 -55.47 -26.76
CA TRP C 155 5.47 -56.29 -25.76
C TRP C 155 5.99 -55.91 -24.39
N PRO C 156 5.12 -55.93 -23.36
CA PRO C 156 5.57 -55.73 -21.98
C PRO C 156 6.41 -56.92 -21.49
N GLY C 157 7.40 -56.65 -20.65
CA GLY C 157 8.18 -57.68 -19.94
C GLY C 157 9.18 -58.41 -20.84
N ILE C 158 9.46 -57.90 -22.04
CA ILE C 158 10.30 -58.58 -23.07
C ILE C 158 11.47 -57.66 -23.46
N SER C 159 12.65 -58.23 -23.62
CA SER C 159 13.86 -57.60 -24.17
C SER C 159 13.91 -57.86 -25.68
N HIS C 160 13.92 -56.81 -26.49
CA HIS C 160 14.08 -56.95 -27.96
C HIS C 160 14.95 -55.81 -28.47
N PRO C 161 15.54 -55.96 -29.67
CA PRO C 161 16.39 -54.92 -30.22
C PRO C 161 15.57 -53.73 -30.70
N PRO C 162 16.24 -52.64 -31.10
CA PRO C 162 15.54 -51.45 -31.59
C PRO C 162 14.70 -51.77 -32.84
N TYR C 163 13.57 -51.08 -33.00
CA TYR C 163 12.83 -51.00 -34.28
C TYR C 163 12.73 -49.54 -34.74
N CYS C 164 13.23 -48.58 -33.98
CA CYS C 164 13.18 -47.15 -34.40
C CYS C 164 14.28 -46.32 -33.74
N LEU C 165 14.79 -45.35 -34.49
CA LEU C 165 15.82 -44.38 -34.08
C LEU C 165 15.28 -42.97 -34.34
N CYS C 166 15.12 -42.20 -33.27
CA CYS C 166 14.78 -40.77 -33.31
C CYS C 166 16.03 -40.01 -33.75
N VAL C 167 15.85 -39.04 -34.63
CA VAL C 167 16.91 -38.15 -35.15
C VAL C 167 16.52 -36.71 -34.81
N ASP C 168 17.14 -36.15 -33.78
CA ASP C 168 16.84 -34.81 -33.23
C ASP C 168 17.88 -33.79 -33.74
N VAL C 169 17.40 -32.69 -34.30
CA VAL C 169 18.24 -31.62 -34.91
C VAL C 169 17.92 -30.32 -34.21
N PRO C 170 18.75 -29.92 -33.22
CA PRO C 170 18.62 -28.61 -32.59
C PRO C 170 18.76 -27.52 -33.65
N LEU C 171 17.92 -26.49 -33.60
CA LEU C 171 17.98 -25.39 -34.58
C LEU C 171 18.51 -24.10 -33.94
N ILE C 172 18.83 -24.11 -32.64
CA ILE C 172 19.74 -23.11 -32.00
C ILE C 172 20.68 -23.88 -31.08
N ASP C 173 21.68 -23.22 -30.51
CA ASP C 173 22.51 -23.79 -29.44
C ASP C 173 21.56 -24.15 -28.30
N PHE C 174 21.58 -25.41 -27.86
CA PHE C 174 20.83 -25.89 -26.68
C PHE C 174 21.73 -25.69 -25.47
N THR C 175 21.19 -25.13 -24.40
CA THR C 175 21.90 -24.86 -23.12
C THR C 175 21.09 -25.50 -21.98
N LEU C 176 21.69 -25.58 -20.80
CA LEU C 176 20.97 -25.98 -19.55
C LEU C 176 19.86 -24.96 -19.27
N GLU C 177 20.05 -23.71 -19.69
CA GLU C 177 19.06 -22.64 -19.44
C GLU C 177 17.84 -22.79 -20.36
N ASN C 178 18.04 -23.05 -21.67
CA ASN C 178 16.95 -22.87 -22.66
C ASN C 178 16.28 -24.21 -23.00
N GLY C 179 16.56 -25.28 -22.26
CA GLY C 179 15.74 -26.51 -22.28
C GLY C 179 16.37 -27.62 -23.08
N SER C 180 17.69 -27.76 -23.04
CA SER C 180 18.38 -28.97 -23.55
C SER C 180 17.73 -30.19 -22.89
N THR C 181 17.35 -31.17 -23.69
CA THR C 181 16.57 -32.37 -23.28
C THR C 181 17.33 -33.15 -22.21
N GLU C 182 16.63 -33.64 -21.19
CA GLU C 182 17.18 -34.63 -20.24
C GLU C 182 17.08 -36.04 -20.87
N TYR C 183 18.19 -36.79 -20.88
CA TYR C 183 18.32 -38.15 -21.46
C TYR C 183 18.75 -39.11 -20.35
N TRP C 184 18.18 -40.32 -20.34
CA TRP C 184 18.52 -41.42 -19.41
C TRP C 184 19.36 -42.46 -20.14
N PRO C 185 20.70 -42.36 -20.16
CA PRO C 185 21.54 -43.31 -20.89
C PRO C 185 21.29 -44.76 -20.42
N GLY C 186 21.15 -45.69 -21.37
CA GLY C 186 21.01 -47.13 -21.13
C GLY C 186 19.57 -47.51 -20.80
N SER C 187 18.66 -46.54 -20.79
CA SER C 187 17.23 -46.76 -20.41
C SER C 187 16.46 -47.48 -21.53
N HIS C 188 17.01 -47.50 -22.73
CA HIS C 188 16.31 -48.00 -23.94
C HIS C 188 16.05 -49.52 -23.86
N VAL C 189 16.79 -50.26 -23.02
CA VAL C 189 16.67 -51.75 -22.94
C VAL C 189 15.82 -52.13 -21.73
N LEU C 190 15.30 -51.18 -20.94
CA LEU C 190 14.53 -51.48 -19.71
C LEU C 190 13.06 -51.69 -20.09
N ASN C 191 12.48 -52.85 -19.75
CA ASN C 191 11.05 -53.14 -20.06
C ASN C 191 10.52 -54.18 -19.08
N PRO C 192 10.63 -53.97 -17.75
CA PRO C 192 10.02 -54.89 -16.79
C PRO C 192 8.50 -54.68 -16.84
N ASP C 193 7.73 -55.64 -16.34
CA ASP C 193 6.25 -55.55 -16.19
C ASP C 193 5.88 -54.26 -15.43
N GLU C 194 4.75 -53.64 -15.77
CA GLU C 194 4.16 -52.49 -15.03
C GLU C 194 5.17 -51.32 -14.99
N CYS C 195 5.85 -51.00 -16.09
CA CYS C 195 6.90 -49.96 -16.16
C CYS C 195 6.36 -48.66 -16.78
N TYR C 196 5.40 -48.77 -17.70
CA TYR C 196 4.91 -47.67 -18.57
C TYR C 196 3.40 -47.54 -18.43
N ASP C 197 2.88 -46.31 -18.37
CA ASP C 197 1.42 -46.05 -18.45
C ASP C 197 1.03 -45.94 -19.94
N GLU C 198 -0.23 -45.62 -20.25
CA GLU C 198 -0.77 -45.61 -21.63
C GLU C 198 -0.13 -44.48 -22.45
N ARG C 199 0.53 -43.50 -21.82
CA ARG C 199 1.15 -42.34 -22.54
C ARG C 199 2.66 -42.57 -22.75
N GLY C 200 3.19 -43.71 -22.32
CA GLY C 200 4.63 -44.00 -22.38
C GLY C 200 5.43 -43.34 -21.25
N CYS C 201 4.76 -42.87 -20.20
CA CYS C 201 5.44 -42.31 -19.00
C CYS C 201 5.94 -43.44 -18.12
N VAL C 202 7.14 -43.28 -17.60
CA VAL C 202 7.83 -44.28 -16.72
C VAL C 202 7.22 -44.19 -15.32
N LEU C 203 6.79 -45.31 -14.77
CA LEU C 203 6.29 -45.41 -13.37
C LEU C 203 7.39 -44.93 -12.40
N PRO C 204 7.02 -44.11 -11.39
CA PRO C 204 7.99 -43.51 -10.47
C PRO C 204 8.93 -44.49 -9.77
N ALA C 205 8.47 -45.67 -9.40
CA ALA C 205 9.29 -46.70 -8.72
C ALA C 205 10.44 -47.13 -9.65
N GLU C 206 10.15 -47.39 -10.93
CA GLU C 206 11.18 -47.77 -11.94
C GLU C 206 12.14 -46.59 -12.17
N LEU C 207 11.62 -45.36 -12.21
CA LEU C 207 12.48 -44.15 -12.37
C LEU C 207 13.56 -44.13 -11.30
N GLU C 208 13.17 -44.32 -10.03
CA GLU C 208 14.08 -44.13 -8.87
C GLU C 208 15.05 -45.30 -8.79
N ARG C 209 14.62 -46.52 -9.10
CA ARG C 209 15.56 -47.68 -9.19
C ARG C 209 16.67 -47.34 -10.18
N ARG C 210 16.29 -46.87 -11.36
CA ARG C 210 17.24 -46.57 -12.45
C ARG C 210 18.17 -45.42 -12.05
N ARG C 211 17.62 -44.37 -11.45
CA ARG C 211 18.40 -43.16 -11.09
C ARG C 211 19.59 -43.54 -10.21
N ALA C 212 19.42 -44.48 -9.27
CA ALA C 212 20.46 -44.91 -8.31
C ALA C 212 21.67 -45.52 -9.06
N VAL C 213 21.41 -46.16 -10.20
CA VAL C 213 22.41 -46.98 -10.97
C VAL C 213 23.00 -46.15 -12.13
N ALA C 214 22.20 -45.35 -12.83
CA ALA C 214 22.61 -44.58 -14.02
C ALA C 214 21.79 -43.31 -14.09
N PRO C 215 22.16 -42.24 -13.35
CA PRO C 215 21.35 -41.02 -13.30
C PRO C 215 21.28 -40.35 -14.66
N PRO C 216 20.22 -39.57 -14.93
CA PRO C 216 20.05 -38.89 -16.20
C PRO C 216 21.09 -37.79 -16.41
N VAL C 217 21.24 -37.35 -17.65
CA VAL C 217 22.19 -36.26 -18.00
C VAL C 217 21.43 -35.21 -18.79
N ARG C 218 21.84 -33.97 -18.61
CA ARG C 218 21.47 -32.81 -19.46
C ARG C 218 22.77 -32.15 -19.87
N PHE C 219 22.92 -31.79 -21.14
CA PHE C 219 24.16 -31.16 -21.61
C PHE C 219 23.85 -30.20 -22.74
N PRO C 220 24.65 -29.13 -22.88
CA PRO C 220 24.56 -28.23 -24.02
C PRO C 220 24.82 -29.01 -25.31
N ILE C 221 24.13 -28.63 -26.37
CA ILE C 221 24.31 -29.24 -27.70
C ILE C 221 24.38 -28.08 -28.70
N PRO C 222 25.53 -27.88 -29.37
CA PRO C 222 25.64 -26.79 -30.33
C PRO C 222 24.79 -27.09 -31.57
N VAL C 223 24.17 -26.05 -32.12
CA VAL C 223 23.46 -26.14 -33.42
C VAL C 223 24.47 -26.64 -34.45
N GLY C 224 24.01 -27.45 -35.41
CA GLY C 224 24.88 -28.18 -36.35
C GLY C 224 25.03 -29.63 -35.92
N SER C 225 24.74 -29.95 -34.66
CA SER C 225 24.79 -31.32 -34.12
C SER C 225 23.52 -32.08 -34.53
N VAL C 226 23.61 -33.40 -34.54
CA VAL C 226 22.46 -34.33 -34.68
C VAL C 226 22.54 -35.34 -33.54
N VAL C 227 21.43 -35.57 -32.87
CA VAL C 227 21.31 -36.61 -31.82
C VAL C 227 20.54 -37.78 -32.42
N ILE C 228 21.13 -38.96 -32.42
CA ILE C 228 20.41 -40.20 -32.80
C ILE C 228 20.20 -41.01 -31.53
N ARG C 229 18.97 -41.45 -31.28
CA ARG C 229 18.67 -42.24 -30.06
C ARG C 229 17.63 -43.31 -30.36
N ASP C 230 17.71 -44.40 -29.61
CA ASP C 230 16.66 -45.44 -29.55
C ASP C 230 15.33 -44.73 -29.24
N GLY C 231 14.28 -45.03 -30.02
CA GLY C 231 12.96 -44.44 -29.81
C GLY C 231 12.42 -44.75 -28.43
N ARG C 232 12.97 -45.78 -27.77
CA ARG C 232 12.50 -46.25 -26.45
C ARG C 232 13.31 -45.58 -25.32
N LEU C 233 14.26 -44.70 -25.66
CA LEU C 233 15.09 -44.06 -24.61
C LEU C 233 14.21 -43.19 -23.70
N TRP C 234 14.37 -43.34 -22.39
CA TRP C 234 13.71 -42.45 -21.40
C TRP C 234 14.33 -41.06 -21.53
N HIS C 235 13.49 -40.04 -21.54
CA HIS C 235 13.91 -38.63 -21.67
C HIS C 235 12.75 -37.74 -21.20
N ARG C 236 13.01 -36.44 -21.06
CA ARG C 236 11.94 -35.45 -20.80
C ARG C 236 12.38 -34.08 -21.27
N GLY C 237 11.43 -33.33 -21.83
CA GLY C 237 11.57 -31.88 -22.02
C GLY C 237 11.61 -31.20 -20.66
N VAL C 238 12.42 -30.15 -20.54
CA VAL C 238 12.59 -29.41 -19.26
C VAL C 238 12.31 -27.94 -19.52
N PRO C 239 12.13 -27.13 -18.44
CA PRO C 239 11.81 -25.72 -18.60
C PRO C 239 12.85 -24.99 -19.45
N ASN C 240 12.37 -24.20 -20.40
CA ASN C 240 13.15 -23.15 -21.09
C ASN C 240 13.02 -21.88 -20.24
N LEU C 241 14.13 -21.49 -19.59
CA LEU C 241 14.20 -20.35 -18.65
C LEU C 241 14.90 -19.19 -19.32
N SER C 242 15.07 -19.23 -20.64
CA SER C 242 15.61 -18.12 -21.47
C SER C 242 14.43 -17.26 -21.94
N ALA C 243 14.73 -16.20 -22.66
CA ALA C 243 13.74 -15.25 -23.22
C ALA C 243 13.35 -15.65 -24.64
N ALA C 244 13.88 -16.74 -25.19
CA ALA C 244 13.66 -17.10 -26.62
C ALA C 244 13.15 -18.55 -26.75
N PRO C 245 12.18 -18.80 -27.65
CA PRO C 245 11.76 -20.17 -27.96
C PRO C 245 12.94 -21.02 -28.47
N ARG C 246 12.94 -22.29 -28.09
CA ARG C 246 14.02 -23.26 -28.42
C ARG C 246 13.47 -24.27 -29.43
N PRO C 247 13.73 -24.10 -30.74
CA PRO C 247 13.21 -25.04 -31.75
C PRO C 247 14.06 -26.29 -31.92
N LEU C 248 13.40 -27.43 -32.04
CA LEU C 248 14.00 -28.75 -32.39
C LEU C 248 13.27 -29.29 -33.62
N LEU C 249 14.01 -29.78 -34.62
CA LEU C 249 13.43 -30.57 -35.75
C LEU C 249 13.63 -32.06 -35.43
N ALA C 250 12.60 -32.86 -35.64
CA ALA C 250 12.53 -34.28 -35.21
C ALA C 250 12.19 -35.16 -36.40
N MET C 251 12.97 -36.21 -36.60
CA MET C 251 12.69 -37.29 -37.56
C MET C 251 12.80 -38.61 -36.80
N THR C 252 12.16 -39.67 -37.31
CA THR C 252 12.25 -41.02 -36.73
C THR C 252 12.30 -42.06 -37.85
N HIS C 253 13.34 -42.89 -37.82
CA HIS C 253 13.56 -44.04 -38.73
C HIS C 253 13.00 -45.28 -38.07
N TYR C 254 12.24 -46.07 -38.84
CA TYR C 254 11.56 -47.31 -38.40
C TYR C 254 11.96 -48.44 -39.33
N THR C 255 12.01 -49.65 -38.80
CA THR C 255 12.06 -50.89 -39.60
C THR C 255 10.92 -50.79 -40.62
N GLU C 256 11.12 -51.43 -41.77
CA GLU C 256 10.14 -51.38 -42.88
C GLU C 256 8.80 -51.96 -42.44
N TRP C 257 8.77 -52.86 -41.45
CA TRP C 257 7.54 -53.61 -41.07
C TRP C 257 6.73 -52.86 -39.99
N PHE C 258 7.22 -51.73 -39.47
CA PHE C 258 6.45 -50.95 -38.46
C PHE C 258 5.47 -50.01 -39.15
N ASP C 259 4.19 -50.17 -38.88
CA ASP C 259 3.10 -49.43 -39.56
C ASP C 259 3.09 -47.96 -39.07
N MET C 260 3.24 -47.03 -40.00
CA MET C 260 3.23 -45.57 -39.72
C MET C 260 2.48 -44.91 -40.87
N PRO C 261 1.78 -43.79 -40.61
CA PRO C 261 1.23 -43.00 -41.70
C PRO C 261 2.40 -42.40 -42.48
N PRO C 262 2.25 -42.17 -43.79
CA PRO C 262 3.31 -41.54 -44.57
C PRO C 262 3.44 -40.04 -44.26
N ILE C 263 4.62 -39.48 -44.48
CA ILE C 263 4.87 -38.01 -44.51
C ILE C 263 4.29 -37.49 -45.82
N GLN C 264 3.42 -36.47 -45.74
CA GLN C 264 2.90 -35.75 -46.93
C GLN C 264 4.01 -34.82 -47.43
N LEU C 265 4.47 -35.01 -48.66
CA LEU C 265 5.48 -34.15 -49.31
C LEU C 265 4.96 -33.67 -50.66
N PRO C 266 5.38 -32.46 -51.11
CA PRO C 266 5.02 -32.00 -52.46
C PRO C 266 5.76 -32.83 -53.50
N ASP C 267 5.12 -33.13 -54.65
CA ASP C 267 5.74 -34.00 -55.70
C ASP C 267 6.91 -33.26 -56.37
N THR C 268 7.13 -31.97 -56.08
CA THR C 268 8.34 -31.22 -56.51
C THR C 268 9.62 -31.79 -55.88
N VAL C 269 9.55 -32.65 -54.85
CA VAL C 269 10.77 -33.29 -54.27
C VAL C 269 10.74 -34.80 -54.55
N LYS C 270 9.72 -35.30 -55.25
CA LYS C 270 9.60 -36.75 -55.52
C LYS C 270 10.86 -37.24 -56.24
N SER C 271 11.44 -36.45 -57.15
CA SER C 271 12.56 -36.89 -58.03
C SER C 271 13.74 -37.38 -57.17
N TRP C 272 14.12 -36.63 -56.12
CA TRP C 272 15.31 -36.98 -55.29
C TRP C 272 14.92 -37.76 -54.03
N VAL C 273 13.68 -37.65 -53.51
CA VAL C 273 13.25 -38.42 -52.31
C VAL C 273 12.97 -39.88 -52.73
N ASP C 274 12.15 -40.10 -53.75
CA ASP C 274 11.70 -41.45 -54.18
C ASP C 274 12.86 -42.22 -54.85
N GLY C 275 13.82 -41.56 -55.49
CA GLY C 275 14.99 -42.25 -56.09
C GLY C 275 15.83 -43.00 -55.07
N SER C 276 15.99 -42.42 -53.87
CA SER C 276 17.11 -42.68 -52.93
C SER C 276 17.06 -44.09 -52.35
N ASP C 277 18.23 -44.66 -52.03
CA ASP C 277 18.39 -45.87 -51.19
C ASP C 277 18.31 -45.47 -49.70
N ARG C 278 18.11 -44.19 -49.40
CA ARG C 278 17.74 -43.68 -48.06
C ARG C 278 16.23 -43.46 -48.05
N HIS C 279 15.49 -44.46 -47.56
CA HIS C 279 14.03 -44.54 -47.75
C HIS C 279 13.31 -43.54 -46.85
N THR C 280 12.23 -42.99 -47.38
CA THR C 280 11.22 -42.17 -46.69
C THR C 280 9.87 -42.83 -46.95
N HIS C 281 9.06 -43.04 -45.90
CA HIS C 281 7.63 -43.41 -46.04
C HIS C 281 6.88 -42.12 -46.34
N ALA C 282 6.70 -41.82 -47.62
CA ALA C 282 6.21 -40.54 -48.15
C ALA C 282 4.99 -40.77 -49.06
N HIS C 283 4.03 -39.85 -48.99
CA HIS C 283 2.92 -39.66 -49.96
C HIS C 283 3.17 -38.34 -50.67
N PHE C 284 3.27 -38.35 -52.00
CA PHE C 284 3.60 -37.17 -52.82
C PHE C 284 2.29 -36.55 -53.34
N VAL C 285 2.13 -35.25 -53.12
CA VAL C 285 0.88 -34.49 -53.38
C VAL C 285 1.18 -33.50 -54.51
N ALA C 286 0.20 -33.24 -55.39
CA ALA C 286 0.27 -32.16 -56.39
C ALA C 286 0.11 -30.85 -55.62
N GLY C 287 0.95 -29.86 -55.89
CA GLY C 287 0.87 -28.55 -55.21
C GLY C 287 1.40 -28.59 -53.78
N ASP C 288 0.96 -27.62 -52.98
CA ASP C 288 1.46 -27.39 -51.61
C ASP C 288 0.74 -28.32 -50.63
N VAL C 289 1.51 -28.78 -49.65
CA VAL C 289 1.01 -29.42 -48.40
C VAL C 289 0.85 -28.33 -47.34
N ASP C 290 -0.24 -28.33 -46.59
CA ASP C 290 -0.34 -27.55 -45.32
C ASP C 290 0.30 -28.37 -44.18
N HIS C 291 1.53 -28.04 -43.79
CA HIS C 291 2.34 -28.74 -42.74
C HIS C 291 1.72 -28.56 -41.33
N LEU C 292 0.80 -27.61 -41.13
CA LEU C 292 0.18 -27.26 -39.80
C LEU C 292 -1.27 -27.75 -39.70
N HIS D 16 -4.81 -50.64 -70.81
CA HIS D 16 -6.09 -50.01 -70.31
C HIS D 16 -7.01 -51.07 -69.70
N MET D 17 -7.79 -50.69 -68.67
CA MET D 17 -8.85 -51.57 -68.10
C MET D 17 -10.16 -51.31 -68.84
N ALA D 18 -10.76 -52.38 -69.37
CA ALA D 18 -12.04 -52.39 -70.12
C ALA D 18 -13.13 -52.96 -69.21
N LEU D 19 -14.13 -52.16 -68.85
CA LEU D 19 -15.14 -52.49 -67.82
C LEU D 19 -16.47 -52.76 -68.52
N ALA D 20 -17.45 -53.28 -67.78
CA ALA D 20 -18.79 -53.67 -68.30
C ALA D 20 -19.81 -52.56 -68.03
N ALA D 21 -19.50 -51.61 -67.14
CA ALA D 21 -20.39 -50.49 -66.78
C ALA D 21 -19.57 -49.33 -66.23
N PRO D 22 -20.13 -48.11 -66.13
CA PRO D 22 -19.42 -47.00 -65.48
C PRO D 22 -19.05 -47.44 -64.08
N PRO D 23 -17.79 -47.28 -63.64
CA PRO D 23 -17.39 -47.70 -62.31
C PRO D 23 -18.08 -46.84 -61.24
N GLY D 24 -18.51 -47.49 -60.16
CA GLY D 24 -19.26 -46.87 -59.05
C GLY D 24 -18.52 -45.68 -58.46
N GLU D 25 -17.18 -45.72 -58.39
CA GLU D 25 -16.35 -44.62 -57.83
C GLU D 25 -16.54 -43.33 -58.63
N LEU D 26 -16.94 -43.41 -59.93
CA LEU D 26 -17.03 -42.22 -60.82
C LEU D 26 -18.49 -41.84 -61.10
N THR D 27 -19.46 -42.61 -60.62
CA THR D 27 -20.85 -42.59 -61.14
C THR D 27 -21.85 -42.16 -60.07
N LEU D 28 -22.76 -41.28 -60.45
CA LEU D 28 -23.97 -40.89 -59.69
C LEU D 28 -25.16 -41.21 -60.59
N ALA D 29 -26.10 -42.00 -60.10
CA ALA D 29 -27.31 -42.43 -60.84
C ALA D 29 -28.42 -41.44 -60.56
N LEU D 30 -28.99 -40.83 -61.60
CA LEU D 30 -30.12 -39.87 -61.49
C LEU D 30 -31.27 -40.34 -62.38
N THR D 31 -32.39 -39.61 -62.32
CA THR D 31 -33.56 -39.67 -63.27
C THR D 31 -33.69 -38.28 -63.89
N PRO D 32 -34.40 -38.11 -65.03
CA PRO D 32 -34.62 -36.78 -65.61
C PRO D 32 -35.51 -35.87 -64.72
N ASP D 33 -36.16 -36.42 -63.67
CA ASP D 33 -36.97 -35.66 -62.69
C ASP D 33 -36.08 -34.95 -61.65
N ASP D 34 -34.85 -35.44 -61.40
CA ASP D 34 -33.93 -34.82 -60.41
C ASP D 34 -33.48 -33.46 -60.97
N LYS D 35 -33.92 -32.34 -60.38
CA LYS D 35 -33.61 -30.96 -60.84
C LYS D 35 -32.40 -30.41 -60.08
N THR D 36 -32.15 -30.90 -58.87
CA THR D 36 -30.98 -30.55 -58.04
C THR D 36 -30.50 -31.83 -57.36
N LEU D 37 -29.22 -31.87 -57.01
CA LEU D 37 -28.64 -32.90 -56.12
C LEU D 37 -28.87 -32.45 -54.69
N ASP D 38 -29.25 -33.35 -53.78
CA ASP D 38 -29.28 -33.04 -52.32
C ASP D 38 -27.85 -32.73 -51.90
N PRO D 39 -27.63 -32.04 -50.75
CA PRO D 39 -26.28 -31.72 -50.29
C PRO D 39 -25.28 -32.89 -50.29
N ALA D 40 -25.68 -34.09 -49.86
CA ALA D 40 -24.79 -35.27 -49.76
C ALA D 40 -24.34 -35.70 -51.16
N SER D 41 -25.26 -35.71 -52.14
CA SER D 41 -24.99 -36.08 -53.55
C SER D 41 -24.06 -35.05 -54.21
N LEU D 42 -24.29 -33.75 -53.96
CA LEU D 42 -23.41 -32.67 -54.50
C LEU D 42 -22.01 -32.85 -53.91
N ASP D 43 -21.88 -33.10 -52.60
CA ASP D 43 -20.57 -33.30 -51.94
C ASP D 43 -19.83 -34.45 -52.61
N ARG D 44 -20.52 -35.56 -52.88
CA ARG D 44 -19.94 -36.77 -53.51
C ARG D 44 -19.52 -36.39 -54.95
N ALA D 45 -20.38 -35.71 -55.70
CA ALA D 45 -20.08 -35.22 -57.07
C ALA D 45 -18.77 -34.41 -57.07
N LEU D 46 -18.62 -33.45 -56.15
CA LEU D 46 -17.44 -32.55 -56.08
C LEU D 46 -16.20 -33.34 -55.65
N ALA D 47 -16.35 -34.30 -54.73
CA ALA D 47 -15.25 -35.16 -54.25
C ALA D 47 -14.73 -36.00 -55.42
N ILE D 48 -15.62 -36.56 -56.23
CA ILE D 48 -15.24 -37.35 -57.44
C ILE D 48 -14.47 -36.46 -58.43
N LEU D 49 -14.98 -35.27 -58.75
CA LEU D 49 -14.30 -34.34 -59.70
C LEU D 49 -12.93 -33.93 -59.16
N ALA D 50 -12.82 -33.63 -57.86
CA ALA D 50 -11.54 -33.23 -57.23
C ALA D 50 -10.55 -34.40 -57.28
N GLU D 51 -10.96 -35.61 -56.92
CA GLU D 51 -10.01 -36.75 -56.81
C GLU D 51 -9.74 -37.35 -58.20
N HIS D 52 -10.78 -37.65 -58.98
CA HIS D 52 -10.67 -38.46 -60.22
C HIS D 52 -10.70 -37.58 -61.47
N GLY D 53 -11.25 -36.36 -61.39
CA GLY D 53 -11.33 -35.41 -62.51
C GLY D 53 -12.40 -35.80 -63.55
N ILE D 54 -13.19 -36.82 -63.28
CA ILE D 54 -14.27 -37.28 -64.22
C ILE D 54 -15.43 -37.83 -63.41
N LEU D 55 -16.63 -37.37 -63.73
CA LEU D 55 -17.90 -37.74 -63.09
C LEU D 55 -18.89 -38.18 -64.17
N VAL D 56 -19.47 -39.36 -64.03
CA VAL D 56 -20.52 -39.91 -64.93
C VAL D 56 -21.86 -39.82 -64.21
N LEU D 57 -22.81 -39.10 -64.80
CA LEU D 57 -24.19 -38.93 -64.30
C LEU D 57 -25.14 -39.66 -65.24
N THR D 58 -25.68 -40.80 -64.80
CA THR D 58 -26.60 -41.63 -65.64
C THR D 58 -28.04 -41.13 -65.43
N GLY D 59 -28.86 -41.29 -66.46
CA GLY D 59 -30.32 -41.07 -66.44
C GLY D 59 -30.70 -39.60 -66.37
N MET D 60 -29.92 -38.70 -66.97
CA MET D 60 -30.18 -37.22 -66.88
C MET D 60 -31.12 -36.73 -67.98
N LEU D 61 -30.99 -37.25 -69.20
CA LEU D 61 -31.67 -36.66 -70.38
C LEU D 61 -32.71 -37.64 -70.93
N ARG D 62 -33.92 -37.15 -71.21
CA ARG D 62 -35.04 -37.92 -71.82
C ARG D 62 -34.65 -38.40 -73.22
N THR D 63 -35.12 -39.58 -73.59
CA THR D 63 -34.98 -40.22 -74.94
C THR D 63 -35.41 -39.23 -76.03
N ARG D 64 -36.49 -38.48 -75.78
CA ARG D 64 -37.08 -37.52 -76.75
C ARG D 64 -36.00 -36.52 -77.18
N LEU D 65 -35.16 -36.05 -76.25
CA LEU D 65 -34.11 -35.03 -76.55
C LEU D 65 -32.95 -35.70 -77.29
N THR D 66 -32.43 -36.82 -76.79
CA THR D 66 -31.23 -37.47 -77.36
C THR D 66 -31.56 -38.03 -78.74
N ASP D 67 -32.78 -38.53 -78.95
CA ASP D 67 -33.25 -38.99 -80.29
C ASP D 67 -33.11 -37.82 -81.29
N GLN D 68 -33.63 -36.65 -80.96
CA GLN D 68 -33.66 -35.50 -81.91
C GLN D 68 -32.22 -35.06 -82.22
N LEU D 69 -31.36 -34.97 -81.20
CA LEU D 69 -29.96 -34.51 -81.38
C LEU D 69 -29.19 -35.56 -82.19
N ARG D 70 -29.36 -36.84 -81.89
CA ARG D 70 -28.69 -37.92 -82.64
C ARG D 70 -29.09 -37.83 -84.11
N THR D 71 -30.39 -37.77 -84.39
CA THR D 71 -30.96 -37.71 -85.77
C THR D 71 -30.36 -36.50 -86.49
N ALA D 72 -30.37 -35.34 -85.84
CA ALA D 72 -29.92 -34.06 -86.45
C ALA D 72 -28.43 -34.17 -86.81
N MET D 73 -27.60 -34.76 -85.95
CA MET D 73 -26.14 -34.85 -86.21
C MET D 73 -25.86 -35.88 -87.31
N LEU D 74 -26.52 -37.05 -87.31
CA LEU D 74 -26.38 -38.08 -88.37
C LEU D 74 -26.85 -37.51 -89.72
N ASP D 75 -27.94 -36.74 -89.73
CA ASP D 75 -28.46 -36.08 -90.95
C ASP D 75 -27.44 -35.06 -91.50
N ASP D 76 -26.67 -34.39 -90.63
CA ASP D 76 -25.71 -33.32 -91.03
C ASP D 76 -24.38 -33.92 -91.49
N LEU D 77 -24.07 -35.15 -91.10
CA LEU D 77 -22.73 -35.76 -91.33
C LEU D 77 -22.36 -35.73 -92.81
N PRO D 78 -23.27 -36.08 -93.74
CA PRO D 78 -22.95 -35.97 -95.17
C PRO D 78 -22.42 -34.58 -95.54
N GLU D 79 -23.08 -33.53 -95.07
CA GLU D 79 -22.65 -32.14 -95.39
C GLU D 79 -21.25 -31.91 -94.80
N VAL D 80 -20.99 -32.42 -93.61
CA VAL D 80 -19.66 -32.26 -92.96
C VAL D 80 -18.60 -32.98 -93.81
N LEU D 81 -18.88 -34.20 -94.28
CA LEU D 81 -17.87 -35.04 -94.99
C LEU D 81 -17.63 -34.49 -96.40
N ARG D 82 -18.58 -33.72 -96.94
CA ARG D 82 -18.55 -33.15 -98.32
C ARG D 82 -17.60 -31.93 -98.39
N GLN D 83 -17.24 -31.31 -97.25
CA GLN D 83 -16.45 -30.05 -97.23
C GLN D 83 -15.04 -30.31 -97.76
N GLN D 84 -14.39 -29.26 -98.27
CA GLN D 84 -13.00 -29.30 -98.83
C GLN D 84 -12.03 -29.61 -97.68
N ASP D 85 -12.17 -28.92 -96.56
CA ASP D 85 -11.45 -29.17 -95.28
C ASP D 85 -12.39 -29.92 -94.32
N VAL D 86 -12.22 -31.22 -94.14
CA VAL D 86 -12.98 -31.97 -93.07
C VAL D 86 -12.15 -31.86 -91.80
N PRO D 87 -12.60 -31.13 -90.76
CA PRO D 87 -11.79 -30.98 -89.55
C PRO D 87 -11.77 -32.33 -88.80
N THR D 88 -10.57 -32.82 -88.51
CA THR D 88 -10.30 -34.15 -87.93
C THR D 88 -9.37 -33.95 -86.73
N ASN D 89 -9.69 -34.54 -85.57
CA ASN D 89 -8.91 -34.37 -84.32
C ASN D 89 -7.80 -35.44 -84.27
N PHE D 90 -6.58 -35.01 -84.60
CA PHE D 90 -5.28 -35.71 -84.43
C PHE D 90 -5.09 -36.80 -85.48
N VAL D 91 -6.08 -37.67 -85.69
CA VAL D 91 -5.95 -38.89 -86.54
C VAL D 91 -7.27 -39.12 -87.28
N PRO D 92 -7.26 -39.92 -88.36
CA PRO D 92 -8.47 -40.19 -89.13
C PRO D 92 -9.65 -40.77 -88.34
N GLY D 93 -10.86 -40.35 -88.70
CA GLY D 93 -12.12 -40.91 -88.21
C GLY D 93 -12.71 -40.13 -87.03
N HIS D 94 -11.94 -39.17 -86.46
CA HIS D 94 -12.41 -38.32 -85.33
C HIS D 94 -12.81 -36.94 -85.86
N VAL D 95 -14.03 -36.80 -86.32
CA VAL D 95 -14.50 -35.59 -87.07
C VAL D 95 -15.06 -34.57 -86.06
N GLN D 96 -14.65 -33.31 -86.15
CA GLN D 96 -15.22 -32.20 -85.36
C GLN D 96 -16.53 -31.82 -86.04
N GLN D 97 -17.64 -31.89 -85.34
CA GLN D 97 -18.97 -31.54 -85.89
C GLN D 97 -19.80 -30.82 -84.82
N ASP D 98 -20.20 -29.58 -85.12
CA ASP D 98 -21.10 -28.79 -84.26
C ASP D 98 -22.53 -29.27 -84.48
N PRO D 99 -23.31 -29.48 -83.41
CA PRO D 99 -24.73 -29.73 -83.55
C PRO D 99 -25.45 -28.45 -84.01
N PRO D 100 -26.66 -28.58 -84.57
CA PRO D 100 -27.42 -27.41 -85.01
C PRO D 100 -27.77 -26.50 -83.82
N VAL D 101 -27.82 -25.21 -84.13
CA VAL D 101 -28.31 -24.14 -83.22
C VAL D 101 -29.59 -23.56 -83.86
N ARG D 102 -30.47 -24.43 -84.35
CA ARG D 102 -31.90 -24.09 -84.66
C ARG D 102 -32.68 -24.09 -83.34
N GLU D 103 -33.61 -23.16 -83.19
CA GLU D 103 -34.51 -23.03 -82.03
C GLU D 103 -35.08 -24.41 -81.66
N SER D 104 -35.53 -25.19 -82.65
CA SER D 104 -36.23 -26.49 -82.44
C SER D 104 -35.30 -27.56 -81.82
N LEU D 105 -33.97 -27.35 -81.84
CA LEU D 105 -32.98 -28.36 -81.36
C LEU D 105 -32.08 -27.78 -80.25
N LEU D 106 -32.43 -26.63 -79.69
CA LEU D 106 -31.75 -26.03 -78.53
C LEU D 106 -32.65 -26.23 -77.31
N PHE D 107 -32.25 -27.15 -76.42
CA PHE D 107 -33.09 -27.58 -75.28
C PHE D 107 -32.51 -27.01 -73.99
N PRO D 108 -33.31 -26.32 -73.16
CA PRO D 108 -32.85 -25.87 -71.85
C PRO D 108 -32.20 -27.00 -71.03
N ASP D 109 -32.71 -28.23 -71.12
CA ASP D 109 -32.21 -29.38 -70.29
C ASP D 109 -30.84 -29.83 -70.80
N VAL D 110 -30.41 -29.40 -71.99
CA VAL D 110 -29.06 -29.71 -72.55
C VAL D 110 -28.12 -28.50 -72.34
N LEU D 111 -28.50 -27.31 -72.80
CA LEU D 111 -27.64 -26.09 -72.73
C LEU D 111 -27.53 -25.57 -71.30
N LEU D 112 -28.64 -25.60 -70.56
CA LEU D 112 -28.78 -24.95 -69.23
C LEU D 112 -29.26 -26.00 -68.21
N ASN D 113 -28.60 -27.15 -68.15
CA ASN D 113 -29.04 -28.27 -67.29
C ASN D 113 -28.85 -27.87 -65.82
N PRO D 114 -29.91 -27.96 -64.99
CA PRO D 114 -29.82 -27.46 -63.62
C PRO D 114 -28.80 -28.21 -62.76
N VAL D 115 -28.65 -29.52 -62.97
CA VAL D 115 -27.68 -30.36 -62.21
C VAL D 115 -26.25 -30.03 -62.67
N VAL D 116 -26.04 -29.92 -63.97
CA VAL D 116 -24.71 -29.57 -64.53
C VAL D 116 -24.26 -28.25 -63.92
N TYR D 117 -25.10 -27.21 -63.98
CA TYR D 117 -24.72 -25.86 -63.51
C TYR D 117 -24.61 -25.84 -61.97
N GLN D 118 -25.39 -26.65 -61.27
CA GLN D 118 -25.22 -26.77 -59.81
C GLN D 118 -23.76 -27.20 -59.54
N ILE D 119 -23.25 -28.17 -60.30
CA ILE D 119 -21.88 -28.70 -60.14
C ILE D 119 -20.86 -27.64 -60.59
N THR D 120 -21.00 -27.06 -61.77
CA THR D 120 -19.99 -26.12 -62.32
C THR D 120 -20.00 -24.83 -61.49
N HIS D 121 -21.14 -24.38 -60.98
CA HIS D 121 -21.22 -23.23 -60.03
C HIS D 121 -20.38 -23.53 -58.78
N ALA D 122 -20.51 -24.73 -58.21
CA ALA D 122 -19.79 -25.09 -56.97
C ALA D 122 -18.29 -25.19 -57.22
N VAL D 123 -17.86 -25.62 -58.41
CA VAL D 123 -16.41 -25.81 -58.72
C VAL D 123 -15.79 -24.51 -59.24
N LEU D 124 -16.44 -23.83 -60.18
CA LEU D 124 -15.84 -22.71 -60.95
C LEU D 124 -16.37 -21.34 -60.50
N GLY D 125 -17.46 -21.30 -59.73
CA GLY D 125 -18.12 -20.07 -59.28
C GLY D 125 -19.39 -19.76 -60.06
N ALA D 126 -20.19 -18.84 -59.50
CA ALA D 126 -21.55 -18.46 -59.98
C ALA D 126 -21.47 -17.80 -61.36
N ASP D 127 -20.31 -17.24 -61.69
CA ASP D 127 -20.06 -16.49 -62.94
C ASP D 127 -19.42 -17.41 -63.99
N ALA D 128 -19.31 -18.70 -63.73
CA ALA D 128 -18.86 -19.69 -64.73
C ALA D 128 -19.83 -19.65 -65.93
N ARG D 129 -19.32 -19.91 -67.13
CA ARG D 129 -20.15 -19.79 -68.36
C ARG D 129 -19.79 -20.89 -69.35
N ASN D 130 -20.81 -21.45 -70.01
CA ASN D 130 -20.64 -22.33 -71.18
C ASN D 130 -20.11 -21.49 -72.35
N ALA D 131 -19.01 -21.90 -72.98
CA ALA D 131 -18.45 -21.21 -74.17
C ALA D 131 -18.21 -22.20 -75.31
N VAL D 132 -18.76 -23.42 -75.22
CA VAL D 132 -18.61 -24.43 -76.31
C VAL D 132 -19.96 -25.10 -76.52
N TYR D 133 -20.39 -25.20 -77.78
CA TYR D 133 -21.54 -26.05 -78.20
C TYR D 133 -21.11 -26.74 -79.48
N SER D 134 -20.45 -27.87 -79.31
CA SER D 134 -19.72 -28.57 -80.40
C SER D 134 -19.97 -30.08 -80.28
N GLY D 135 -19.14 -30.89 -80.92
CA GLY D 135 -19.33 -32.33 -80.99
C GLY D 135 -18.22 -33.04 -81.71
N ASN D 136 -18.18 -34.34 -81.53
CA ASN D 136 -17.16 -35.30 -82.02
C ASN D 136 -17.93 -36.45 -82.68
N MET D 137 -17.79 -36.59 -83.98
CA MET D 137 -18.38 -37.73 -84.72
C MET D 137 -17.25 -38.76 -84.96
N ASN D 138 -17.29 -39.88 -84.22
CA ASN D 138 -16.27 -40.95 -84.32
C ASN D 138 -16.76 -41.97 -85.37
N LEU D 139 -16.10 -42.01 -86.54
CA LEU D 139 -16.51 -42.83 -87.72
C LEU D 139 -16.07 -44.27 -87.57
N PRO D 140 -16.82 -45.22 -88.16
CA PRO D 140 -16.32 -46.58 -88.31
C PRO D 140 -14.92 -46.58 -88.92
N GLY D 141 -14.02 -47.39 -88.37
CA GLY D 141 -12.64 -47.57 -88.87
C GLY D 141 -11.72 -46.47 -88.40
N SER D 142 -12.14 -45.64 -87.44
CA SER D 142 -11.33 -44.51 -86.93
C SER D 142 -10.05 -45.06 -86.29
N HIS D 143 -9.01 -44.23 -86.23
CA HIS D 143 -7.69 -44.56 -85.63
C HIS D 143 -7.68 -44.19 -84.13
N GLU D 144 -6.60 -44.55 -83.43
CA GLU D 144 -6.39 -44.25 -81.99
C GLU D 144 -5.79 -42.85 -81.86
N GLN D 145 -6.44 -41.96 -81.13
CA GLN D 145 -5.88 -40.60 -80.86
C GLN D 145 -4.73 -40.74 -79.87
N PRO D 146 -3.75 -39.83 -79.89
CA PRO D 146 -2.76 -39.75 -78.82
C PRO D 146 -3.48 -39.27 -77.55
N VAL D 147 -3.00 -39.71 -76.39
CA VAL D 147 -3.52 -39.23 -75.09
C VAL D 147 -3.21 -37.74 -75.00
N HIS D 148 -4.22 -36.93 -74.67
CA HIS D 148 -4.12 -35.45 -74.64
C HIS D 148 -5.05 -34.91 -73.56
N LEU D 149 -4.88 -33.62 -73.24
CA LEU D 149 -5.92 -32.82 -72.56
C LEU D 149 -6.52 -31.87 -73.59
N ASP D 150 -7.79 -31.54 -73.42
CA ASP D 150 -8.51 -30.59 -74.33
C ASP D 150 -8.14 -29.16 -73.94
N GLU D 151 -7.92 -28.91 -72.66
CA GLU D 151 -7.61 -27.55 -72.16
C GLU D 151 -6.34 -27.62 -71.33
N PRO D 152 -5.34 -26.78 -71.63
CA PRO D 152 -4.05 -26.86 -70.94
C PRO D 152 -4.10 -26.31 -69.51
N HIS D 153 -3.11 -26.72 -68.72
CA HIS D 153 -2.72 -26.01 -67.48
C HIS D 153 -2.25 -24.62 -67.89
N LEU D 154 -2.44 -23.64 -67.01
CA LEU D 154 -2.28 -22.21 -67.37
C LEU D 154 -0.81 -21.80 -67.33
N TRP D 155 0.01 -22.51 -66.57
CA TRP D 155 1.48 -22.35 -66.56
C TRP D 155 2.07 -23.74 -66.47
N PRO D 156 3.21 -23.98 -67.13
CA PRO D 156 3.91 -25.26 -67.00
C PRO D 156 4.52 -25.40 -65.59
N GLY D 157 4.55 -26.62 -65.07
CA GLY D 157 5.26 -26.96 -63.82
C GLY D 157 4.53 -26.49 -62.58
N ILE D 158 3.26 -26.08 -62.69
CA ILE D 158 2.49 -25.44 -61.57
C ILE D 158 1.21 -26.23 -61.32
N SER D 159 0.88 -26.44 -60.05
CA SER D 159 -0.36 -27.09 -59.59
C SER D 159 -1.39 -26.00 -59.27
N HIS D 160 -2.55 -26.01 -59.94
CA HIS D 160 -3.63 -25.03 -59.70
C HIS D 160 -4.97 -25.72 -59.83
N PRO D 161 -6.05 -25.13 -59.29
CA PRO D 161 -7.38 -25.73 -59.37
C PRO D 161 -7.96 -25.63 -60.78
N PRO D 162 -9.11 -26.29 -61.01
CA PRO D 162 -9.77 -26.23 -62.32
C PRO D 162 -10.16 -24.80 -62.72
N TYR D 163 -10.12 -24.48 -64.01
CA TYR D 163 -10.75 -23.27 -64.58
C TYR D 163 -11.78 -23.67 -65.64
N CYS D 164 -11.93 -24.97 -65.93
CA CYS D 164 -12.93 -25.41 -66.95
C CYS D 164 -13.36 -26.85 -66.71
N LEU D 165 -14.63 -27.12 -67.03
CA LEU D 165 -15.27 -28.45 -66.96
C LEU D 165 -15.90 -28.75 -68.32
N CYS D 166 -15.42 -29.81 -68.96
CA CYS D 166 -16.03 -30.38 -70.19
C CYS D 166 -17.31 -31.10 -69.78
N VAL D 167 -18.36 -30.89 -70.56
CA VAL D 167 -19.69 -31.54 -70.37
C VAL D 167 -19.99 -32.32 -71.65
N ASP D 168 -19.81 -33.63 -71.61
CA ASP D 168 -19.92 -34.56 -72.77
C ASP D 168 -21.27 -35.28 -72.69
N VAL D 169 -22.01 -35.26 -73.80
CA VAL D 169 -23.36 -35.86 -73.94
C VAL D 169 -23.31 -36.89 -75.06
N PRO D 170 -23.16 -38.18 -74.72
CA PRO D 170 -23.27 -39.25 -75.72
C PRO D 170 -24.65 -39.21 -76.34
N LEU D 171 -24.75 -39.36 -77.66
CA LEU D 171 -26.07 -39.33 -78.35
C LEU D 171 -26.49 -40.72 -78.83
N ILE D 172 -25.65 -41.74 -78.60
CA ILE D 172 -26.06 -43.18 -78.63
C ILE D 172 -25.44 -43.86 -77.43
N ASP D 173 -25.81 -45.11 -77.17
CA ASP D 173 -25.11 -45.95 -76.16
C ASP D 173 -23.65 -46.05 -76.63
N PHE D 174 -22.71 -45.66 -75.76
CA PHE D 174 -21.26 -45.79 -76.01
C PHE D 174 -20.86 -47.18 -75.48
N THR D 175 -20.13 -47.93 -76.28
CA THR D 175 -19.65 -49.30 -75.95
C THR D 175 -18.14 -49.34 -76.13
N LEU D 176 -17.49 -50.38 -75.66
CA LEU D 176 -16.05 -50.65 -75.94
C LEU D 176 -15.87 -50.83 -77.45
N GLU D 177 -16.88 -51.31 -78.15
CA GLU D 177 -16.83 -51.54 -79.61
C GLU D 177 -16.88 -50.23 -80.39
N ASN D 178 -17.78 -49.30 -80.05
CA ASN D 178 -18.09 -48.14 -80.95
C ASN D 178 -17.34 -46.87 -80.51
N GLY D 179 -16.38 -46.97 -79.60
CA GLY D 179 -15.41 -45.86 -79.35
C GLY D 179 -15.74 -45.05 -78.11
N SER D 180 -16.24 -45.69 -77.06
CA SER D 180 -16.32 -45.06 -75.72
C SER D 180 -14.93 -44.54 -75.37
N THR D 181 -14.86 -43.28 -74.93
CA THR D 181 -13.61 -42.54 -74.70
C THR D 181 -12.77 -43.23 -73.62
N GLU D 182 -11.45 -43.29 -73.81
CA GLU D 182 -10.50 -43.69 -72.75
C GLU D 182 -10.21 -42.48 -71.84
N TYR D 183 -10.36 -42.66 -70.52
CA TYR D 183 -10.17 -41.62 -69.49
C TYR D 183 -9.05 -42.08 -68.55
N TRP D 184 -8.18 -41.15 -68.14
CA TRP D 184 -7.10 -41.36 -67.16
C TRP D 184 -7.49 -40.71 -65.83
N PRO D 185 -8.13 -41.47 -64.90
CA PRO D 185 -8.57 -40.89 -63.64
C PRO D 185 -7.40 -40.28 -62.84
N GLY D 186 -7.62 -39.08 -62.30
CA GLY D 186 -6.66 -38.38 -61.43
C GLY D 186 -5.59 -37.66 -62.20
N SER D 187 -5.63 -37.72 -63.55
CA SER D 187 -4.59 -37.15 -64.43
C SER D 187 -4.73 -35.62 -64.49
N HIS D 188 -5.87 -35.09 -64.09
CA HIS D 188 -6.19 -33.64 -64.24
C HIS D 188 -5.27 -32.75 -63.39
N VAL D 189 -4.61 -33.29 -62.36
CA VAL D 189 -3.74 -32.48 -61.45
C VAL D 189 -2.27 -32.61 -61.83
N LEU D 190 -1.92 -33.37 -62.86
CA LEU D 190 -0.50 -33.64 -63.22
C LEU D 190 -0.04 -32.55 -64.19
N ASN D 191 1.03 -31.83 -63.85
CA ASN D 191 1.58 -30.76 -64.72
C ASN D 191 3.07 -30.60 -64.43
N PRO D 192 3.91 -31.65 -64.49
CA PRO D 192 5.35 -31.48 -64.30
C PRO D 192 5.91 -30.80 -65.56
N ASP D 193 7.11 -30.23 -65.48
CA ASP D 193 7.85 -29.64 -66.62
C ASP D 193 7.94 -30.64 -67.77
N GLU D 194 7.91 -30.16 -69.02
CA GLU D 194 8.14 -30.97 -70.25
C GLU D 194 7.11 -32.11 -70.31
N CYS D 195 5.83 -31.87 -70.01
CA CYS D 195 4.79 -32.94 -69.95
C CYS D 195 3.91 -32.91 -71.22
N TYR D 196 3.71 -31.75 -71.83
CA TYR D 196 2.74 -31.50 -72.91
C TYR D 196 3.46 -30.89 -74.11
N ASP D 197 3.13 -31.32 -75.33
CA ASP D 197 3.55 -30.63 -76.58
C ASP D 197 2.54 -29.51 -76.86
N GLU D 198 2.71 -28.79 -77.98
CA GLU D 198 1.90 -27.59 -78.34
C GLU D 198 0.44 -27.98 -78.60
N ARG D 199 0.13 -29.27 -78.84
CA ARG D 199 -1.25 -29.72 -79.17
C ARG D 199 -1.96 -30.28 -77.92
N GLY D 200 -1.32 -30.23 -76.75
CA GLY D 200 -1.86 -30.79 -75.50
C GLY D 200 -1.65 -32.30 -75.38
N CYS D 201 -0.80 -32.90 -76.20
CA CYS D 201 -0.50 -34.36 -76.13
C CYS D 201 0.50 -34.61 -75.00
N VAL D 202 0.26 -35.65 -74.22
CA VAL D 202 1.10 -36.05 -73.06
C VAL D 202 2.35 -36.75 -73.59
N LEU D 203 3.52 -36.29 -73.16
CA LEU D 203 4.83 -36.91 -73.50
C LEU D 203 4.81 -38.38 -73.03
N PRO D 204 5.31 -39.31 -73.88
CA PRO D 204 5.23 -40.75 -73.60
C PRO D 204 5.83 -41.20 -72.27
N ALA D 205 6.91 -40.57 -71.82
CA ALA D 205 7.57 -40.89 -70.53
C ALA D 205 6.58 -40.64 -69.37
N GLU D 206 5.89 -39.50 -69.37
CA GLU D 206 4.88 -39.15 -68.34
C GLU D 206 3.69 -40.10 -68.42
N LEU D 207 3.27 -40.46 -69.63
CA LEU D 207 2.15 -41.42 -69.83
C LEU D 207 2.48 -42.72 -69.08
N GLU D 208 3.68 -43.28 -69.30
CA GLU D 208 4.04 -44.63 -68.81
C GLU D 208 4.27 -44.58 -67.30
N ARG D 209 4.84 -43.51 -66.77
CA ARG D 209 4.95 -43.33 -65.30
C ARG D 209 3.55 -43.41 -64.68
N ARG D 210 2.62 -42.67 -65.25
CA ARG D 210 1.23 -42.57 -64.73
C ARG D 210 0.53 -43.93 -64.85
N ARG D 211 0.70 -44.61 -65.98
CA ARG D 211 0.02 -45.91 -66.27
C ARG D 211 0.31 -46.91 -65.14
N ALA D 212 1.55 -46.96 -64.65
CA ALA D 212 2.03 -47.90 -63.61
C ALA D 212 1.25 -47.69 -62.31
N VAL D 213 0.81 -46.45 -62.02
CA VAL D 213 0.22 -46.01 -60.73
C VAL D 213 -1.30 -45.97 -60.81
N ALA D 214 -1.87 -45.51 -61.94
CA ALA D 214 -3.34 -45.33 -62.12
C ALA D 214 -3.67 -45.53 -63.59
N PRO D 215 -3.81 -46.79 -64.06
CA PRO D 215 -4.01 -47.05 -65.48
C PRO D 215 -5.33 -46.47 -65.98
N PRO D 216 -5.43 -46.18 -67.29
CA PRO D 216 -6.66 -45.62 -67.85
C PRO D 216 -7.81 -46.63 -67.86
N VAL D 217 -9.03 -46.14 -68.03
CA VAL D 217 -10.26 -46.97 -68.05
C VAL D 217 -11.05 -46.58 -69.29
N ARG D 218 -11.74 -47.57 -69.84
CA ARG D 218 -12.77 -47.43 -70.91
C ARG D 218 -13.99 -48.20 -70.43
N PHE D 219 -15.17 -47.64 -70.55
CA PHE D 219 -16.40 -48.28 -70.07
C PHE D 219 -17.57 -47.84 -70.90
N PRO D 220 -18.61 -48.69 -71.01
CA PRO D 220 -19.83 -48.31 -71.71
C PRO D 220 -20.48 -47.15 -70.98
N ILE D 221 -21.12 -46.27 -71.72
CA ILE D 221 -21.90 -45.13 -71.16
C ILE D 221 -23.23 -45.08 -71.88
N PRO D 222 -24.35 -45.33 -71.18
CA PRO D 222 -25.66 -45.34 -71.81
C PRO D 222 -26.05 -43.93 -72.24
N VAL D 223 -26.71 -43.82 -73.40
CA VAL D 223 -27.34 -42.55 -73.84
C VAL D 223 -28.29 -42.09 -72.74
N GLY D 224 -28.41 -40.79 -72.53
CA GLY D 224 -29.11 -40.20 -71.38
C GLY D 224 -28.13 -39.74 -70.31
N SER D 225 -26.90 -40.25 -70.37
CA SER D 225 -25.82 -39.87 -69.43
C SER D 225 -25.24 -38.51 -69.82
N VAL D 226 -24.66 -37.85 -68.82
CA VAL D 226 -23.77 -36.67 -68.99
C VAL D 226 -22.47 -36.96 -68.26
N VAL D 227 -21.34 -36.76 -68.93
CA VAL D 227 -20.00 -36.91 -68.34
C VAL D 227 -19.48 -35.48 -68.09
N ILE D 228 -19.17 -35.16 -66.85
CA ILE D 228 -18.50 -33.89 -66.47
C ILE D 228 -17.06 -34.24 -66.11
N ARG D 229 -16.10 -33.54 -66.70
CA ARG D 229 -14.68 -33.80 -66.40
C ARG D 229 -13.88 -32.50 -66.41
N ASP D 230 -12.84 -32.46 -65.61
CA ASP D 230 -11.81 -31.39 -65.65
C ASP D 230 -11.33 -31.29 -67.10
N GLY D 231 -11.29 -30.08 -67.66
CA GLY D 231 -10.82 -29.86 -69.04
C GLY D 231 -9.40 -30.34 -69.23
N ARG D 232 -8.66 -30.50 -68.12
CA ARG D 232 -7.23 -30.91 -68.16
C ARG D 232 -7.09 -32.43 -68.06
N LEU D 233 -8.19 -33.17 -67.94
CA LEU D 233 -8.11 -34.65 -67.79
C LEU D 233 -7.46 -35.28 -69.04
N TRP D 234 -6.50 -36.16 -68.83
CA TRP D 234 -5.90 -36.96 -69.93
C TRP D 234 -6.96 -37.94 -70.44
N HIS D 235 -7.10 -38.04 -71.75
CA HIS D 235 -8.09 -38.92 -72.41
C HIS D 235 -7.67 -39.12 -73.86
N ARG D 236 -8.32 -40.05 -74.57
CA ARG D 236 -8.14 -40.18 -76.02
C ARG D 236 -9.38 -40.82 -76.63
N GLY D 237 -9.74 -40.37 -77.83
CA GLY D 237 -10.66 -41.09 -78.71
C GLY D 237 -10.00 -42.37 -79.16
N VAL D 238 -10.78 -43.43 -79.32
CA VAL D 238 -10.29 -44.78 -79.72
C VAL D 238 -11.10 -45.24 -80.93
N PRO D 239 -10.63 -46.30 -81.63
CA PRO D 239 -11.32 -46.80 -82.81
C PRO D 239 -12.78 -47.14 -82.55
N ASN D 240 -13.66 -46.65 -83.42
CA ASN D 240 -15.06 -47.12 -83.56
C ASN D 240 -15.04 -48.33 -84.52
N LEU D 241 -15.28 -49.53 -83.99
CA LEU D 241 -15.22 -50.80 -84.72
C LEU D 241 -16.63 -51.30 -85.01
N SER D 242 -17.64 -50.46 -84.82
CA SER D 242 -19.06 -50.73 -85.19
C SER D 242 -19.28 -50.26 -86.62
N ALA D 243 -20.49 -50.48 -87.15
CA ALA D 243 -20.89 -50.10 -88.52
C ALA D 243 -21.55 -48.72 -88.52
N ALA D 244 -21.64 -48.04 -87.37
CA ALA D 244 -22.40 -46.76 -87.26
C ALA D 244 -21.53 -45.66 -86.65
N PRO D 245 -21.60 -44.42 -87.19
CA PRO D 245 -20.92 -43.29 -86.57
C PRO D 245 -21.41 -43.08 -85.13
N ARG D 246 -20.50 -42.69 -84.23
CA ARG D 246 -20.76 -42.51 -82.79
C ARG D 246 -20.75 -41.02 -82.49
N PRO D 247 -21.92 -40.35 -82.41
CA PRO D 247 -21.97 -38.92 -82.13
C PRO D 247 -21.86 -38.58 -80.64
N LEU D 248 -21.06 -37.56 -80.34
CA LEU D 248 -20.94 -36.95 -78.98
C LEU D 248 -21.22 -35.46 -79.12
N LEU D 249 -22.07 -34.91 -78.26
CA LEU D 249 -22.25 -33.44 -78.14
C LEU D 249 -21.39 -32.96 -76.97
N ALA D 250 -20.66 -31.87 -77.18
CA ALA D 250 -19.62 -31.36 -76.25
C ALA D 250 -19.94 -29.91 -75.89
N MET D 251 -19.93 -29.61 -74.60
CA MET D 251 -19.98 -28.24 -74.04
C MET D 251 -18.80 -28.12 -73.07
N THR D 252 -18.38 -26.89 -72.78
CA THR D 252 -17.28 -26.62 -71.82
C THR D 252 -17.61 -25.33 -71.06
N HIS D 253 -17.62 -25.44 -69.74
CA HIS D 253 -17.84 -24.33 -68.79
C HIS D 253 -16.48 -23.82 -68.35
N TYR D 254 -16.31 -22.50 -68.36
CA TYR D 254 -15.06 -21.80 -68.01
C TYR D 254 -15.35 -20.76 -66.93
N THR D 255 -14.37 -20.51 -66.07
CA THR D 255 -14.38 -19.33 -65.18
C THR D 255 -14.62 -18.12 -66.05
N GLU D 256 -15.24 -17.09 -65.47
CA GLU D 256 -15.63 -15.86 -66.21
C GLU D 256 -14.37 -15.19 -66.78
N TRP D 257 -13.20 -15.37 -66.17
CA TRP D 257 -11.97 -14.62 -66.55
C TRP D 257 -11.18 -15.33 -67.64
N PHE D 258 -11.57 -16.53 -68.07
CA PHE D 258 -10.88 -17.22 -69.18
C PHE D 258 -11.45 -16.74 -70.53
N ASP D 259 -10.58 -16.17 -71.38
CA ASP D 259 -10.98 -15.57 -72.68
C ASP D 259 -11.39 -16.67 -73.68
N MET D 260 -12.62 -16.61 -74.17
CA MET D 260 -13.14 -17.54 -75.19
C MET D 260 -13.98 -16.75 -76.20
N PRO D 261 -14.03 -17.18 -77.48
CA PRO D 261 -14.97 -16.60 -78.43
C PRO D 261 -16.38 -16.98 -77.97
N PRO D 262 -17.40 -16.16 -78.26
CA PRO D 262 -18.76 -16.51 -77.93
C PRO D 262 -19.33 -17.60 -78.87
N ILE D 263 -20.31 -18.35 -78.37
CA ILE D 263 -21.18 -19.26 -79.19
C ILE D 263 -22.14 -18.38 -79.99
N GLN D 264 -22.21 -18.57 -81.30
CA GLN D 264 -23.23 -17.92 -82.17
C GLN D 264 -24.56 -18.66 -81.96
N LEU D 265 -25.59 -17.97 -81.48
CA LEU D 265 -26.97 -18.51 -81.32
C LEU D 265 -27.97 -17.61 -82.03
N PRO D 266 -29.11 -18.15 -82.50
CA PRO D 266 -30.16 -17.32 -83.11
C PRO D 266 -30.85 -16.51 -81.99
N ASP D 267 -31.26 -15.27 -82.27
CA ASP D 267 -31.89 -14.39 -81.26
C ASP D 267 -33.28 -14.92 -80.87
N THR D 268 -33.81 -15.92 -81.56
CA THR D 268 -35.07 -16.63 -81.17
C THR D 268 -34.89 -17.39 -79.84
N VAL D 269 -33.67 -17.58 -79.33
CA VAL D 269 -33.47 -18.23 -78.00
C VAL D 269 -32.89 -17.21 -77.00
N LYS D 270 -32.70 -15.96 -77.41
CA LYS D 270 -32.10 -14.93 -76.53
C LYS D 270 -32.94 -14.80 -75.27
N SER D 271 -34.28 -14.87 -75.36
CA SER D 271 -35.20 -14.61 -74.22
C SER D 271 -34.86 -15.52 -73.03
N TRP D 272 -34.65 -16.84 -73.26
CA TRP D 272 -34.39 -17.80 -72.16
C TRP D 272 -32.89 -18.04 -71.94
N VAL D 273 -32.02 -17.86 -72.93
CA VAL D 273 -30.54 -18.03 -72.76
C VAL D 273 -29.98 -16.82 -71.98
N ASP D 274 -30.25 -15.60 -72.42
CA ASP D 274 -29.67 -14.36 -71.83
C ASP D 274 -30.27 -14.08 -70.44
N GLY D 275 -31.52 -14.47 -70.18
CA GLY D 275 -32.14 -14.27 -68.84
C GLY D 275 -31.40 -15.00 -67.72
N SER D 276 -30.90 -16.21 -68.00
CA SER D 276 -30.60 -17.27 -67.02
C SER D 276 -29.42 -16.89 -66.11
N ASP D 277 -29.46 -17.38 -64.86
CA ASP D 277 -28.30 -17.38 -63.93
C ASP D 277 -27.39 -18.58 -64.25
N ARG D 278 -27.71 -19.37 -65.28
CA ARG D 278 -26.80 -20.37 -65.89
C ARG D 278 -26.19 -19.72 -67.14
N HIS D 279 -25.01 -19.12 -67.00
CA HIS D 279 -24.44 -18.21 -68.01
C HIS D 279 -23.94 -19.00 -69.23
N THR D 280 -24.14 -18.38 -70.39
CA THR D 280 -23.59 -18.77 -71.71
C THR D 280 -22.85 -17.55 -72.26
N HIS D 281 -21.61 -17.73 -72.72
CA HIS D 281 -20.88 -16.71 -73.50
C HIS D 281 -21.41 -16.79 -74.93
N ALA D 282 -22.43 -15.97 -75.25
CA ALA D 282 -23.22 -16.09 -76.50
C ALA D 282 -23.25 -14.76 -77.27
N HIS D 283 -23.21 -14.84 -78.59
CA HIS D 283 -23.53 -13.77 -79.57
C HIS D 283 -24.84 -14.15 -80.26
N PHE D 284 -25.85 -13.30 -80.20
CA PHE D 284 -27.21 -13.55 -80.76
C PHE D 284 -27.30 -12.91 -82.14
N VAL D 285 -27.73 -13.71 -83.13
CA VAL D 285 -27.77 -13.34 -84.57
C VAL D 285 -29.24 -13.28 -85.02
N ALA D 286 -29.56 -12.39 -85.96
CA ALA D 286 -30.90 -12.22 -86.55
C ALA D 286 -31.44 -13.49 -87.23
N GLY D 287 -30.67 -14.20 -88.07
CA GLY D 287 -31.28 -15.25 -88.89
C GLY D 287 -31.20 -16.61 -88.21
N ASP D 288 -31.18 -17.65 -89.05
CA ASP D 288 -30.59 -18.98 -88.73
C ASP D 288 -29.05 -18.85 -88.80
N VAL D 289 -28.36 -19.53 -87.89
CA VAL D 289 -26.88 -19.61 -87.83
C VAL D 289 -26.43 -20.83 -88.65
N ASP D 290 -25.38 -20.68 -89.45
CA ASP D 290 -24.67 -21.80 -90.12
C ASP D 290 -23.69 -22.41 -89.08
N HIS D 291 -24.07 -23.54 -88.50
CA HIS D 291 -23.34 -24.26 -87.41
C HIS D 291 -22.15 -25.00 -88.01
N LEU D 292 -22.29 -25.49 -89.26
CA LEU D 292 -21.27 -26.32 -89.94
C LEU D 292 -20.08 -25.45 -90.35
N THR D 293 -20.29 -24.35 -91.08
CA THR D 293 -19.20 -23.50 -91.66
C THR D 293 -18.96 -22.20 -90.87
N GLY D 294 -19.85 -21.82 -89.94
CA GLY D 294 -19.70 -20.62 -89.10
C GLY D 294 -19.80 -19.34 -89.92
N ASP D 295 -20.53 -19.39 -91.05
CA ASP D 295 -20.63 -18.29 -92.05
C ASP D 295 -22.04 -17.67 -92.00
N HIS D 296 -22.41 -17.01 -90.90
CA HIS D 296 -23.46 -15.95 -90.94
C HIS D 296 -22.78 -14.65 -91.38
N PRO D 297 -23.49 -13.79 -92.15
CA PRO D 297 -22.94 -12.49 -92.57
C PRO D 297 -22.53 -11.47 -91.50
N PHE D 298 -23.03 -11.56 -90.26
CA PHE D 298 -22.72 -10.61 -89.15
C PHE D 298 -22.16 -11.42 -87.97
N ALA D 299 -21.02 -12.09 -88.22
CA ALA D 299 -20.17 -12.80 -87.24
C ALA D 299 -19.12 -11.82 -86.68
N ARG E 15 -16.66 -10.30 -33.07
CA ARG E 15 -16.62 -10.25 -31.58
C ARG E 15 -15.79 -9.04 -31.14
N HIS E 16 -14.53 -8.97 -31.58
CA HIS E 16 -13.66 -7.77 -31.42
C HIS E 16 -13.35 -7.20 -32.81
N MET E 17 -13.17 -5.87 -32.92
CA MET E 17 -12.70 -5.22 -34.18
C MET E 17 -11.17 -5.18 -34.19
N ALA E 18 -10.55 -5.74 -35.23
CA ALA E 18 -9.09 -5.85 -35.40
C ALA E 18 -8.67 -4.86 -36.50
N LEU E 19 -7.90 -3.84 -36.14
CA LEU E 19 -7.61 -2.68 -37.00
C LEU E 19 -6.14 -2.79 -37.44
N ALA E 20 -5.76 -2.02 -38.44
CA ALA E 20 -4.40 -2.01 -39.04
C ALA E 20 -3.54 -0.91 -38.42
N ALA E 21 -4.15 0.06 -37.72
CA ALA E 21 -3.44 1.18 -37.08
C ALA E 21 -4.28 1.68 -35.91
N PRO E 22 -3.71 2.49 -35.00
CA PRO E 22 -4.51 3.14 -33.96
C PRO E 22 -5.60 3.95 -34.67
N PRO E 23 -6.88 3.84 -34.25
CA PRO E 23 -7.93 4.58 -34.93
C PRO E 23 -7.77 6.10 -34.70
N GLY E 24 -7.98 6.89 -35.76
CA GLY E 24 -7.86 8.36 -35.75
C GLY E 24 -8.65 9.01 -34.62
N GLU E 25 -9.84 8.48 -34.31
CA GLU E 25 -10.73 9.01 -33.23
C GLU E 25 -10.00 8.98 -31.87
N LEU E 26 -9.02 8.08 -31.66
CA LEU E 26 -8.38 7.84 -30.34
C LEU E 26 -6.95 8.38 -30.31
N THR E 27 -6.42 8.88 -31.43
CA THR E 27 -4.97 9.05 -31.64
C THR E 27 -4.61 10.52 -31.84
N LEU E 28 -3.51 10.94 -31.23
CA LEU E 28 -2.79 12.21 -31.48
C LEU E 28 -1.35 11.85 -31.86
N ALA E 29 -0.89 12.29 -33.02
CA ALA E 29 0.46 12.03 -33.54
C ALA E 29 1.39 13.13 -33.05
N LEU E 30 2.48 12.77 -32.36
CA LEU E 30 3.50 13.71 -31.84
C LEU E 30 4.89 13.29 -32.35
N THR E 31 5.90 14.11 -32.04
CA THR E 31 7.36 13.81 -32.16
C THR E 31 7.94 13.92 -30.76
N PRO E 32 9.15 13.37 -30.49
CA PRO E 32 9.79 13.55 -29.18
C PRO E 32 10.22 15.00 -28.89
N ASP E 33 10.15 15.90 -29.87
CA ASP E 33 10.45 17.35 -29.73
C ASP E 33 9.25 18.10 -29.11
N ASP E 34 8.02 17.58 -29.25
CA ASP E 34 6.79 18.22 -28.69
C ASP E 34 6.88 18.11 -27.16
N LYS E 35 7.06 19.23 -26.46
CA LYS E 35 7.16 19.28 -24.97
C LYS E 35 5.79 19.64 -24.39
N THR E 36 4.95 20.31 -25.17
CA THR E 36 3.59 20.72 -24.74
C THR E 36 2.64 20.54 -25.93
N LEU E 37 1.38 20.26 -25.67
CA LEU E 37 0.29 20.29 -26.66
C LEU E 37 -0.22 21.73 -26.72
N ASP E 38 -0.47 22.27 -27.91
CA ASP E 38 -1.16 23.59 -28.06
C ASP E 38 -2.56 23.44 -27.47
N PRO E 39 -3.25 24.55 -27.12
CA PRO E 39 -4.60 24.47 -26.56
C PRO E 39 -5.58 23.57 -27.34
N ALA E 40 -5.59 23.61 -28.67
CA ALA E 40 -6.55 22.84 -29.51
C ALA E 40 -6.27 21.33 -29.37
N SER E 41 -4.99 20.94 -29.36
CA SER E 41 -4.53 19.54 -29.20
C SER E 41 -4.88 19.02 -27.80
N LEU E 42 -4.66 19.84 -26.76
CA LEU E 42 -5.03 19.47 -25.37
C LEU E 42 -6.54 19.25 -25.29
N ASP E 43 -7.34 20.16 -25.85
CA ASP E 43 -8.83 20.05 -25.84
C ASP E 43 -9.23 18.71 -26.47
N ARG E 44 -8.63 18.36 -27.61
CA ARG E 44 -8.94 17.11 -28.34
C ARG E 44 -8.53 15.91 -27.46
N ALA E 45 -7.33 15.94 -26.89
CA ALA E 45 -6.84 14.91 -25.95
C ALA E 45 -7.86 14.68 -24.82
N LEU E 46 -8.34 15.74 -24.17
CA LEU E 46 -9.26 15.62 -23.01
C LEU E 46 -10.64 15.13 -23.48
N ALA E 47 -11.09 15.58 -24.65
CA ALA E 47 -12.39 15.15 -25.24
C ALA E 47 -12.34 13.64 -25.53
N ILE E 48 -11.22 13.14 -26.07
CA ILE E 48 -11.03 11.68 -26.32
C ILE E 48 -11.08 10.90 -24.99
N LEU E 49 -10.34 11.33 -23.96
CA LEU E 49 -10.33 10.63 -22.65
C LEU E 49 -11.74 10.65 -22.01
N ALA E 50 -12.44 11.77 -22.09
CA ALA E 50 -13.81 11.91 -21.53
C ALA E 50 -14.77 10.96 -22.28
N GLU E 51 -14.75 10.95 -23.61
CA GLU E 51 -15.75 10.19 -24.40
C GLU E 51 -15.36 8.71 -24.45
N HIS E 52 -14.11 8.40 -24.82
CA HIS E 52 -13.68 7.02 -25.18
C HIS E 52 -12.90 6.36 -24.02
N GLY E 53 -12.33 7.15 -23.10
CA GLY E 53 -11.57 6.63 -21.94
C GLY E 53 -10.17 6.12 -22.30
N ILE E 54 -9.76 6.25 -23.55
CA ILE E 54 -8.41 5.78 -24.01
C ILE E 54 -7.91 6.74 -25.09
N LEU E 55 -6.65 7.14 -24.94
CA LEU E 55 -5.94 8.10 -25.81
C LEU E 55 -4.59 7.46 -26.19
N VAL E 56 -4.32 7.38 -27.49
CA VAL E 56 -3.03 6.88 -28.04
C VAL E 56 -2.23 8.08 -28.55
N LEU E 57 -1.04 8.27 -28.00
CA LEU E 57 -0.09 9.33 -28.40
C LEU E 57 1.11 8.68 -29.08
N THR E 58 1.23 8.80 -30.39
CA THR E 58 2.33 8.18 -31.17
C THR E 58 3.53 9.13 -31.20
N GLY E 59 4.74 8.57 -31.28
CA GLY E 59 6.02 9.28 -31.53
C GLY E 59 6.48 10.13 -30.34
N MET E 60 6.21 9.73 -29.10
CA MET E 60 6.52 10.52 -27.89
C MET E 60 7.92 10.24 -27.35
N LEU E 61 8.39 9.01 -27.42
CA LEU E 61 9.64 8.58 -26.74
C LEU E 61 10.71 8.24 -27.77
N ARG E 62 11.92 8.75 -27.52
CA ARG E 62 13.15 8.48 -28.31
C ARG E 62 13.45 6.99 -28.24
N THR E 63 13.92 6.43 -29.36
CA THR E 63 14.30 5.01 -29.50
C THR E 63 15.36 4.67 -28.46
N ARG E 64 16.27 5.61 -28.18
CA ARG E 64 17.39 5.46 -27.21
C ARG E 64 16.83 5.01 -25.85
N LEU E 65 15.69 5.57 -25.43
CA LEU E 65 15.10 5.27 -24.09
C LEU E 65 14.40 3.91 -24.13
N THR E 66 13.55 3.67 -25.14
CA THR E 66 12.74 2.42 -25.23
C THR E 66 13.69 1.22 -25.48
N ASP E 67 14.76 1.40 -26.24
CA ASP E 67 15.81 0.37 -26.45
C ASP E 67 16.37 -0.07 -25.09
N GLN E 68 16.80 0.87 -24.24
CA GLN E 68 17.45 0.53 -22.97
C GLN E 68 16.45 -0.19 -22.05
N LEU E 69 15.20 0.27 -21.99
CA LEU E 69 14.17 -0.33 -21.11
C LEU E 69 13.81 -1.72 -21.64
N ARG E 70 13.64 -1.87 -22.94
CA ARG E 70 13.35 -3.19 -23.55
C ARG E 70 14.48 -4.17 -23.19
N THR E 71 15.74 -3.78 -23.46
CA THR E 71 16.95 -4.61 -23.23
C THR E 71 16.98 -5.02 -21.75
N ALA E 72 16.77 -4.07 -20.84
CA ALA E 72 16.87 -4.31 -19.38
C ALA E 72 15.82 -5.34 -18.96
N MET E 73 14.59 -5.25 -19.46
CA MET E 73 13.51 -6.17 -19.06
C MET E 73 13.73 -7.56 -19.68
N LEU E 74 14.15 -7.66 -20.94
CA LEU E 74 14.46 -8.96 -21.59
C LEU E 74 15.64 -9.62 -20.87
N ASP E 75 16.66 -8.86 -20.46
CA ASP E 75 17.82 -9.38 -19.69
C ASP E 75 17.37 -9.92 -18.33
N ASP E 76 16.34 -9.33 -17.71
CA ASP E 76 15.86 -9.72 -16.33
C ASP E 76 14.93 -10.95 -16.42
N LEU E 77 14.33 -11.22 -17.59
CA LEU E 77 13.26 -12.24 -17.72
C LEU E 77 13.74 -13.61 -17.27
N PRO E 78 14.97 -14.07 -17.62
CA PRO E 78 15.45 -15.37 -17.13
C PRO E 78 15.39 -15.45 -15.60
N GLU E 79 15.82 -14.39 -14.90
CA GLU E 79 15.79 -14.40 -13.42
C GLU E 79 14.34 -14.48 -12.95
N VAL E 80 13.42 -13.78 -13.61
CA VAL E 80 11.97 -13.81 -13.25
C VAL E 80 11.45 -15.24 -13.43
N LEU E 81 11.81 -15.92 -14.54
CA LEU E 81 11.22 -17.25 -14.88
C LEU E 81 11.83 -18.33 -13.96
N ARG E 82 13.00 -18.07 -13.38
CA ARG E 82 13.74 -19.00 -12.48
C ARG E 82 13.11 -19.07 -11.08
N GLN E 83 12.26 -18.11 -10.69
CA GLN E 83 11.61 -18.08 -9.34
C GLN E 83 10.67 -19.28 -9.20
N GLN E 84 10.45 -19.72 -7.96
CA GLN E 84 9.58 -20.89 -7.62
C GLN E 84 8.13 -20.51 -7.93
N ASP E 85 7.70 -19.33 -7.46
CA ASP E 85 6.39 -18.72 -7.80
C ASP E 85 6.63 -17.58 -8.80
N VAL E 86 6.31 -17.81 -10.08
CA VAL E 86 6.34 -16.74 -11.13
C VAL E 86 5.04 -15.96 -11.04
N PRO E 87 5.07 -14.68 -10.64
CA PRO E 87 3.86 -13.89 -10.43
C PRO E 87 3.18 -13.64 -11.79
N THR E 88 1.87 -13.90 -11.82
CA THR E 88 1.03 -13.92 -13.04
C THR E 88 -0.19 -13.01 -12.85
N ASN E 89 -0.60 -12.26 -13.87
CA ASN E 89 -1.86 -11.47 -13.88
C ASN E 89 -3.00 -12.33 -14.45
N PHE E 90 -3.79 -12.94 -13.58
CA PHE E 90 -5.03 -13.71 -13.87
C PHE E 90 -4.74 -15.10 -14.47
N VAL E 91 -3.90 -15.19 -15.50
CA VAL E 91 -3.76 -16.43 -16.34
C VAL E 91 -2.32 -16.59 -16.79
N PRO E 92 -1.90 -17.82 -17.17
CA PRO E 92 -0.53 -18.07 -17.63
C PRO E 92 -0.05 -17.20 -18.80
N GLY E 93 1.23 -16.82 -18.73
CA GLY E 93 1.95 -16.05 -19.78
C GLY E 93 1.88 -14.54 -19.60
N HIS E 94 1.06 -14.03 -18.69
CA HIS E 94 0.98 -12.59 -18.33
C HIS E 94 1.76 -12.38 -17.03
N VAL E 95 3.06 -12.17 -17.16
CA VAL E 95 4.02 -12.16 -16.03
C VAL E 95 4.11 -10.72 -15.51
N GLN E 96 3.99 -10.55 -14.19
CA GLN E 96 4.20 -9.24 -13.50
C GLN E 96 5.71 -9.05 -13.44
N GLN E 97 6.23 -8.01 -14.08
CA GLN E 97 7.69 -7.78 -14.08
C GLN E 97 7.92 -6.27 -13.97
N ASP E 98 8.53 -5.83 -12.87
CA ASP E 98 8.89 -4.42 -12.64
C ASP E 98 10.14 -4.13 -13.46
N PRO E 99 10.19 -2.98 -14.16
CA PRO E 99 11.44 -2.54 -14.75
C PRO E 99 12.42 -2.12 -13.64
N PRO E 100 13.74 -2.08 -13.92
CA PRO E 100 14.72 -1.70 -12.91
C PRO E 100 14.51 -0.25 -12.47
N VAL E 101 14.81 0.00 -11.19
CA VAL E 101 14.89 1.37 -10.60
C VAL E 101 16.36 1.64 -10.24
N ARG E 102 17.28 1.30 -11.14
CA ARG E 102 18.69 1.79 -11.16
C ARG E 102 18.68 3.20 -11.76
N GLU E 103 19.51 4.08 -11.20
CA GLU E 103 19.72 5.48 -11.66
C GLU E 103 19.84 5.48 -13.20
N SER E 104 20.64 4.58 -13.77
CA SER E 104 20.99 4.55 -15.21
C SER E 104 19.76 4.28 -16.10
N LEU E 105 18.65 3.78 -15.54
CA LEU E 105 17.43 3.36 -16.32
C LEU E 105 16.18 4.11 -15.85
N LEU E 106 16.34 5.17 -15.04
CA LEU E 106 15.21 6.05 -14.64
C LEU E 106 15.32 7.35 -15.44
N PHE E 107 14.46 7.56 -16.42
CA PHE E 107 14.56 8.70 -17.39
C PHE E 107 13.46 9.72 -17.13
N PRO E 108 13.80 11.02 -16.94
CA PRO E 108 12.78 12.05 -16.81
C PRO E 108 11.69 12.01 -17.90
N ASP E 109 12.03 11.69 -19.13
CA ASP E 109 11.06 11.70 -20.26
C ASP E 109 10.09 10.51 -20.15
N VAL E 110 10.38 9.52 -19.28
CA VAL E 110 9.48 8.36 -19.01
C VAL E 110 8.71 8.60 -17.71
N LEU E 111 9.40 8.87 -16.59
CA LEU E 111 8.75 9.05 -15.26
C LEU E 111 7.99 10.37 -15.20
N LEU E 112 8.55 11.44 -15.79
CA LEU E 112 8.07 12.85 -15.64
C LEU E 112 7.85 13.46 -17.03
N ASN E 113 7.12 12.76 -17.89
CA ASN E 113 6.92 13.21 -19.30
C ASN E 113 6.06 14.47 -19.31
N PRO E 114 6.52 15.56 -19.96
CA PRO E 114 5.80 16.83 -19.89
C PRO E 114 4.40 16.78 -20.51
N VAL E 115 4.23 16.03 -21.59
CA VAL E 115 2.91 15.89 -22.30
C VAL E 115 1.97 15.03 -21.43
N VAL E 116 2.48 13.93 -20.89
CA VAL E 116 1.66 13.03 -20.02
C VAL E 116 1.11 13.88 -18.86
N TYR E 117 1.98 14.61 -18.15
CA TYR E 117 1.58 15.38 -16.96
C TYR E 117 0.71 16.59 -17.37
N GLN E 118 0.91 17.15 -18.55
CA GLN E 118 0.01 18.23 -19.04
C GLN E 118 -1.41 17.66 -19.07
N ILE E 119 -1.57 16.43 -19.57
CA ILE E 119 -2.90 15.77 -19.68
C ILE E 119 -3.41 15.40 -18.27
N THR E 120 -2.60 14.74 -17.45
CA THR E 120 -3.08 14.24 -16.13
C THR E 120 -3.35 15.44 -15.21
N HIS E 121 -2.57 16.52 -15.30
CA HIS E 121 -2.84 17.78 -14.56
C HIS E 121 -4.23 18.30 -14.94
N ALA E 122 -4.57 18.35 -16.23
CA ALA E 122 -5.86 18.91 -16.70
C ALA E 122 -7.02 18.03 -16.25
N VAL E 123 -6.84 16.70 -16.16
CA VAL E 123 -7.95 15.77 -15.80
C VAL E 123 -8.04 15.62 -14.27
N LEU E 124 -6.92 15.39 -13.59
CA LEU E 124 -6.89 14.96 -12.17
C LEU E 124 -6.45 16.09 -11.24
N GLY E 125 -5.94 17.21 -11.76
CA GLY E 125 -5.47 18.38 -10.97
C GLY E 125 -3.95 18.43 -10.86
N ALA E 126 -3.43 19.58 -10.44
CA ALA E 126 -1.99 19.92 -10.37
C ALA E 126 -1.27 19.05 -9.33
N ASP E 127 -2.02 18.48 -8.38
CA ASP E 127 -1.48 17.66 -7.27
C ASP E 127 -1.63 16.17 -7.61
N ALA E 128 -2.02 15.82 -8.84
CA ALA E 128 -2.03 14.43 -9.32
C ALA E 128 -0.60 13.87 -9.24
N ARG E 129 -0.46 12.57 -8.98
CA ARG E 129 0.86 11.95 -8.73
C ARG E 129 0.93 10.55 -9.33
N ASN E 130 2.07 10.21 -9.91
CA ASN E 130 2.42 8.83 -10.33
C ASN E 130 2.66 8.00 -9.06
N ALA E 131 1.98 6.87 -8.92
CA ALA E 131 2.18 5.93 -7.80
C ALA E 131 2.42 4.51 -8.29
N VAL E 132 2.70 4.31 -9.57
CA VAL E 132 3.02 2.95 -10.11
C VAL E 132 4.22 3.05 -11.05
N TYR E 133 5.20 2.16 -10.88
CA TYR E 133 6.29 1.97 -11.85
C TYR E 133 6.50 0.46 -12.00
N SER E 134 5.76 -0.13 -12.92
CA SER E 134 5.61 -1.59 -13.05
C SER E 134 5.64 -2.02 -14.51
N GLY E 135 5.38 -3.30 -14.76
CA GLY E 135 5.39 -3.83 -16.13
C GLY E 135 4.68 -5.16 -16.22
N ASN E 136 4.38 -5.52 -17.48
CA ASN E 136 3.64 -6.74 -17.88
C ASN E 136 4.49 -7.37 -18.98
N MET E 137 5.07 -8.54 -18.73
CA MET E 137 5.80 -9.30 -19.77
C MET E 137 4.83 -10.37 -20.30
N ASN E 138 4.35 -10.19 -21.53
CA ASN E 138 3.38 -11.12 -22.17
C ASN E 138 4.19 -12.15 -22.97
N LEU E 139 4.26 -13.40 -22.49
CA LEU E 139 5.11 -14.47 -23.06
C LEU E 139 4.44 -15.12 -24.27
N PRO E 140 5.24 -15.62 -25.25
CA PRO E 140 4.70 -16.50 -26.27
C PRO E 140 3.86 -17.62 -25.65
N GLY E 141 2.68 -17.90 -26.22
CA GLY E 141 1.77 -18.96 -25.76
C GLY E 141 0.92 -18.54 -24.56
N SER E 142 0.89 -17.27 -24.24
CA SER E 142 0.07 -16.74 -23.11
C SER E 142 -1.42 -17.00 -23.37
N HIS E 143 -2.22 -17.04 -22.31
CA HIS E 143 -3.69 -17.27 -22.33
C HIS E 143 -4.43 -15.92 -22.41
N GLU E 144 -5.75 -15.95 -22.55
CA GLU E 144 -6.61 -14.75 -22.60
C GLU E 144 -6.96 -14.35 -21.17
N GLN E 145 -6.67 -13.10 -20.78
CA GLN E 145 -7.12 -12.57 -19.46
C GLN E 145 -8.63 -12.34 -19.54
N PRO E 146 -9.35 -12.40 -18.39
CA PRO E 146 -10.74 -11.97 -18.36
C PRO E 146 -10.78 -10.44 -18.52
N VAL E 147 -11.83 -9.92 -19.14
CA VAL E 147 -12.05 -8.46 -19.24
C VAL E 147 -12.22 -7.91 -17.81
N HIS E 148 -11.46 -6.87 -17.48
CA HIS E 148 -11.41 -6.27 -16.12
C HIS E 148 -11.14 -4.77 -16.23
N LEU E 149 -11.31 -4.08 -15.11
CA LEU E 149 -10.75 -2.73 -14.92
C LEU E 149 -9.60 -2.86 -13.92
N ASP E 150 -8.56 -2.03 -14.05
CA ASP E 150 -7.38 -2.06 -13.15
C ASP E 150 -7.74 -1.34 -11.84
N GLU E 151 -8.60 -0.34 -11.90
CA GLU E 151 -9.00 0.46 -10.73
C GLU E 151 -10.52 0.56 -10.71
N PRO E 152 -11.16 0.28 -9.56
CA PRO E 152 -12.62 0.28 -9.49
C PRO E 152 -13.22 1.69 -9.44
N HIS E 153 -14.51 1.78 -9.74
CA HIS E 153 -15.39 2.90 -9.35
C HIS E 153 -15.40 2.96 -7.81
N LEU E 154 -15.54 4.15 -7.25
CA LEU E 154 -15.34 4.38 -5.80
C LEU E 154 -16.63 4.05 -5.04
N TRP E 155 -17.78 4.11 -5.68
CA TRP E 155 -19.05 3.63 -5.12
C TRP E 155 -19.80 2.89 -6.21
N PRO E 156 -20.52 1.79 -5.85
CA PRO E 156 -21.37 1.09 -6.82
C PRO E 156 -22.58 1.95 -7.20
N GLY E 157 -23.02 1.87 -8.46
CA GLY E 157 -24.24 2.50 -8.97
C GLY E 157 -24.14 3.99 -9.12
N ILE E 158 -22.93 4.56 -9.10
CA ILE E 158 -22.70 6.03 -9.11
C ILE E 158 -21.82 6.41 -10.30
N SER E 159 -22.16 7.50 -10.97
CA SER E 159 -21.34 8.14 -12.04
C SER E 159 -20.46 9.21 -11.40
N HIS E 160 -19.15 9.09 -11.54
CA HIS E 160 -18.19 10.10 -11.06
C HIS E 160 -17.06 10.21 -12.09
N PRO E 161 -16.32 11.33 -12.07
CA PRO E 161 -15.22 11.51 -13.00
C PRO E 161 -14.03 10.62 -12.66
N PRO E 162 -13.00 10.60 -13.53
CA PRO E 162 -11.81 9.81 -13.25
C PRO E 162 -11.10 10.26 -11.97
N TYR E 163 -10.46 9.32 -11.27
CA TYR E 163 -9.49 9.63 -10.19
C TYR E 163 -8.13 9.03 -10.52
N CYS E 164 -7.99 8.33 -11.65
CA CYS E 164 -6.68 7.77 -12.06
C CYS E 164 -6.62 7.55 -13.57
N LEU E 165 -5.41 7.73 -14.10
CA LEU E 165 -5.07 7.54 -15.51
C LEU E 165 -3.88 6.59 -15.59
N CYS E 166 -4.08 5.42 -16.18
CA CYS E 166 -3.01 4.45 -16.49
C CYS E 166 -2.22 5.01 -17.67
N VAL E 167 -0.90 4.89 -17.58
CA VAL E 167 0.05 5.33 -18.64
C VAL E 167 0.85 4.10 -19.05
N ASP E 168 0.51 3.54 -20.21
CA ASP E 168 1.11 2.30 -20.75
C ASP E 168 2.15 2.68 -21.81
N VAL E 169 3.37 2.13 -21.66
CA VAL E 169 4.52 2.38 -22.55
C VAL E 169 4.96 1.04 -23.15
N PRO E 170 4.51 0.73 -24.39
CA PRO E 170 5.01 -0.44 -25.11
C PRO E 170 6.52 -0.33 -25.29
N LEU E 171 7.26 -1.42 -25.09
CA LEU E 171 8.74 -1.40 -25.25
C LEU E 171 9.17 -2.15 -26.52
N ILE E 172 8.23 -2.70 -27.28
CA ILE E 172 8.41 -3.12 -28.71
C ILE E 172 7.16 -2.69 -29.46
N ASP E 173 7.17 -2.81 -30.79
CA ASP E 173 5.95 -2.63 -31.61
C ASP E 173 4.93 -3.66 -31.11
N PHE E 174 3.75 -3.20 -30.72
CA PHE E 174 2.60 -4.08 -30.36
C PHE E 174 1.82 -4.36 -31.64
N THR E 175 1.50 -5.63 -31.88
CA THR E 175 0.76 -6.10 -33.07
C THR E 175 -0.44 -6.91 -32.59
N LEU E 176 -1.37 -7.21 -33.49
CA LEU E 176 -2.49 -8.16 -33.26
C LEU E 176 -1.90 -9.53 -32.91
N GLU E 177 -0.73 -9.86 -33.47
CA GLU E 177 -0.09 -11.18 -33.26
C GLU E 177 0.53 -11.27 -31.86
N ASN E 178 1.24 -10.25 -31.39
CA ASN E 178 2.11 -10.38 -30.19
C ASN E 178 1.42 -9.86 -28.92
N GLY E 179 0.13 -9.56 -28.96
CA GLY E 179 -0.65 -9.35 -27.72
C GLY E 179 -0.88 -7.88 -27.39
N SER E 180 -1.07 -7.05 -28.42
CA SER E 180 -1.62 -5.68 -28.24
C SER E 180 -2.89 -5.79 -27.40
N THR E 181 -3.00 -4.98 -26.36
CA THR E 181 -4.09 -5.03 -25.37
C THR E 181 -5.44 -4.79 -26.05
N GLU E 182 -6.47 -5.54 -25.65
CA GLU E 182 -7.87 -5.27 -26.07
C GLU E 182 -8.46 -4.17 -25.15
N TYR E 183 -9.05 -3.15 -25.76
CA TYR E 183 -9.65 -1.97 -25.06
C TYR E 183 -11.13 -1.90 -25.40
N TRP E 184 -11.98 -1.59 -24.41
CA TRP E 184 -13.45 -1.38 -24.58
C TRP E 184 -13.74 0.12 -24.53
N PRO E 185 -13.76 0.83 -25.68
CA PRO E 185 -13.97 2.28 -25.67
C PRO E 185 -15.29 2.66 -25.01
N GLY E 186 -15.26 3.69 -24.17
CA GLY E 186 -16.45 4.28 -23.52
C GLY E 186 -16.86 3.48 -22.28
N SER E 187 -16.13 2.40 -21.94
CA SER E 187 -16.53 1.47 -20.85
C SER E 187 -16.22 2.11 -19.50
N HIS E 188 -15.39 3.14 -19.48
CA HIS E 188 -14.87 3.77 -18.23
C HIS E 188 -16.00 4.43 -17.43
N VAL E 189 -17.15 4.76 -18.03
CA VAL E 189 -18.26 5.48 -17.33
C VAL E 189 -19.35 4.49 -16.91
N LEU E 190 -19.22 3.19 -17.20
CA LEU E 190 -20.27 2.19 -16.87
C LEU E 190 -20.10 1.72 -15.42
N ASN E 191 -21.14 1.86 -14.60
CA ASN E 191 -21.09 1.46 -13.18
C ASN E 191 -22.49 1.17 -12.66
N PRO E 192 -23.27 0.28 -13.31
CA PRO E 192 -24.56 -0.14 -12.75
C PRO E 192 -24.29 -1.02 -11.52
N ASP E 193 -25.30 -1.16 -10.65
CA ASP E 193 -25.20 -1.73 -9.28
C ASP E 193 -24.41 -3.04 -9.18
N GLU E 194 -24.48 -3.98 -10.13
CA GLU E 194 -23.97 -5.37 -9.94
C GLU E 194 -23.06 -5.81 -11.09
N CYS E 195 -22.00 -5.04 -11.32
CA CYS E 195 -21.27 -5.02 -12.61
C CYS E 195 -19.90 -5.70 -12.49
N TYR E 196 -19.27 -5.64 -11.31
CA TYR E 196 -17.86 -6.03 -11.08
C TYR E 196 -17.76 -7.08 -9.96
N ASP E 197 -16.91 -8.09 -10.09
CA ASP E 197 -16.60 -9.04 -8.99
C ASP E 197 -15.48 -8.41 -8.15
N GLU E 198 -15.04 -9.11 -7.09
CA GLU E 198 -14.06 -8.57 -6.11
C GLU E 198 -12.68 -8.42 -6.76
N ARG E 199 -12.42 -8.99 -7.93
CA ARG E 199 -11.09 -8.91 -8.60
C ARG E 199 -11.10 -7.82 -9.69
N GLY E 200 -12.22 -7.08 -9.86
CA GLY E 200 -12.35 -6.06 -10.91
C GLY E 200 -12.70 -6.66 -12.28
N CYS E 201 -13.11 -7.94 -12.33
CA CYS E 201 -13.60 -8.55 -13.58
C CYS E 201 -15.05 -8.12 -13.83
N VAL E 202 -15.37 -7.88 -15.09
CA VAL E 202 -16.75 -7.50 -15.54
C VAL E 202 -17.65 -8.75 -15.51
N LEU E 203 -18.78 -8.66 -14.82
CA LEU E 203 -19.75 -9.78 -14.73
C LEU E 203 -20.28 -10.10 -16.13
N PRO E 204 -20.41 -11.41 -16.47
CA PRO E 204 -20.62 -11.85 -17.85
C PRO E 204 -21.83 -11.24 -18.56
N ALA E 205 -22.94 -11.04 -17.86
CA ALA E 205 -24.19 -10.49 -18.45
C ALA E 205 -23.93 -9.05 -18.91
N GLU E 206 -23.27 -8.23 -18.07
CA GLU E 206 -22.92 -6.82 -18.40
C GLU E 206 -21.92 -6.81 -19.57
N LEU E 207 -20.96 -7.73 -19.61
CA LEU E 207 -19.95 -7.82 -20.69
C LEU E 207 -20.67 -7.93 -22.03
N GLU E 208 -21.61 -8.88 -22.11
CA GLU E 208 -22.23 -9.28 -23.39
C GLU E 208 -23.22 -8.19 -23.81
N ARG E 209 -23.94 -7.56 -22.87
CA ARG E 209 -24.82 -6.42 -23.18
C ARG E 209 -23.98 -5.33 -23.84
N ARG E 210 -22.83 -4.99 -23.25
CA ARG E 210 -21.96 -3.90 -23.74
C ARG E 210 -21.41 -4.28 -25.12
N ARG E 211 -20.98 -5.53 -25.31
CA ARG E 211 -20.37 -5.98 -26.60
C ARG E 211 -21.31 -5.66 -27.78
N ALA E 212 -22.62 -5.89 -27.62
CA ALA E 212 -23.66 -5.70 -28.67
C ALA E 212 -23.72 -4.23 -29.11
N VAL E 213 -23.42 -3.30 -28.19
CA VAL E 213 -23.62 -1.82 -28.36
C VAL E 213 -22.29 -1.13 -28.75
N ALA E 214 -21.17 -1.55 -28.16
CA ALA E 214 -19.84 -0.94 -28.39
C ALA E 214 -18.78 -2.01 -28.24
N PRO E 215 -18.52 -2.82 -29.29
CA PRO E 215 -17.58 -3.92 -29.19
C PRO E 215 -16.16 -3.43 -28.94
N PRO E 216 -15.31 -4.27 -28.33
CA PRO E 216 -13.92 -3.88 -28.07
C PRO E 216 -13.09 -3.74 -29.35
N VAL E 217 -11.92 -3.11 -29.23
CA VAL E 217 -10.97 -2.92 -30.35
C VAL E 217 -9.59 -3.39 -29.91
N ARG E 218 -8.84 -3.91 -30.88
CA ARG E 218 -7.42 -4.25 -30.75
C ARG E 218 -6.72 -3.66 -31.97
N PHE E 219 -5.56 -3.03 -31.77
CA PHE E 219 -4.85 -2.37 -32.89
C PHE E 219 -3.36 -2.37 -32.60
N PRO E 220 -2.53 -2.33 -33.66
CA PRO E 220 -1.09 -2.20 -33.49
C PRO E 220 -0.78 -0.86 -32.81
N ILE E 221 0.25 -0.84 -31.99
CA ILE E 221 0.77 0.41 -31.36
C ILE E 221 2.28 0.40 -31.51
N PRO E 222 2.86 1.34 -32.27
CA PRO E 222 4.30 1.37 -32.48
C PRO E 222 5.02 1.76 -31.19
N VAL E 223 6.19 1.15 -30.95
CA VAL E 223 7.10 1.56 -29.85
C VAL E 223 7.42 3.05 -30.04
N GLY E 224 7.55 3.79 -28.93
CA GLY E 224 7.63 5.26 -28.93
C GLY E 224 6.29 5.85 -28.52
N SER E 225 5.22 5.08 -28.61
CA SER E 225 3.84 5.51 -28.25
C SER E 225 3.67 5.49 -26.73
N VAL E 226 2.75 6.30 -26.24
CA VAL E 226 2.20 6.21 -24.87
C VAL E 226 0.68 6.13 -24.98
N VAL E 227 0.10 5.17 -24.28
CA VAL E 227 -1.38 5.02 -24.16
C VAL E 227 -1.79 5.55 -22.79
N ILE E 228 -2.66 6.55 -22.77
CA ILE E 228 -3.26 7.06 -21.51
C ILE E 228 -4.72 6.60 -21.51
N ARG E 229 -5.14 5.99 -20.42
CA ARG E 229 -6.54 5.54 -20.32
C ARG E 229 -7.04 5.71 -18.89
N ASP E 230 -8.35 5.96 -18.78
CA ASP E 230 -9.09 5.91 -17.51
C ASP E 230 -8.75 4.58 -16.83
N GLY E 231 -8.36 4.61 -15.55
CA GLY E 231 -8.03 3.38 -14.81
C GLY E 231 -9.23 2.45 -14.71
N ARG E 232 -10.44 2.95 -14.99
CA ARG E 232 -11.69 2.15 -14.92
C ARG E 232 -12.03 1.55 -16.29
N LEU E 233 -11.23 1.82 -17.32
CA LEU E 233 -11.53 1.30 -18.68
C LEU E 233 -11.50 -0.22 -18.68
N TRP E 234 -12.53 -0.85 -19.24
CA TRP E 234 -12.53 -2.33 -19.44
C TRP E 234 -11.47 -2.68 -20.49
N HIS E 235 -10.68 -3.70 -20.23
CA HIS E 235 -9.58 -4.13 -21.13
C HIS E 235 -9.19 -5.56 -20.75
N ARG E 236 -8.36 -6.20 -21.56
CA ARG E 236 -7.74 -7.51 -21.18
C ARG E 236 -6.46 -7.72 -21.97
N GLY E 237 -5.47 -8.34 -21.34
CA GLY E 237 -4.33 -8.95 -22.04
C GLY E 237 -4.82 -10.11 -22.87
N VAL E 238 -4.23 -10.32 -24.04
CA VAL E 238 -4.60 -11.38 -24.98
C VAL E 238 -3.36 -12.20 -25.34
N PRO E 239 -3.54 -13.39 -25.95
CA PRO E 239 -2.42 -14.28 -26.26
C PRO E 239 -1.38 -13.57 -27.14
N ASN E 240 -0.12 -13.72 -26.75
CA ASN E 240 1.06 -13.41 -27.59
C ASN E 240 1.34 -14.67 -28.41
N LEU E 241 1.12 -14.60 -29.72
CA LEU E 241 1.25 -15.76 -30.64
C LEU E 241 2.61 -15.71 -31.34
N SER E 242 3.42 -14.68 -31.09
CA SER E 242 4.74 -14.44 -31.72
C SER E 242 5.82 -15.25 -30.99
N ALA E 243 7.05 -15.18 -31.49
CA ALA E 243 8.24 -15.86 -30.96
C ALA E 243 8.93 -15.01 -29.89
N ALA E 244 8.45 -13.80 -29.60
CA ALA E 244 9.16 -12.86 -28.72
C ALA E 244 8.29 -12.40 -27.56
N PRO E 245 8.84 -12.37 -26.33
CA PRO E 245 8.14 -11.77 -25.20
C PRO E 245 7.83 -10.30 -25.50
N ARG E 246 6.65 -9.83 -25.07
CA ARG E 246 6.12 -8.49 -25.38
C ARG E 246 6.15 -7.69 -24.08
N PRO E 247 7.18 -6.84 -23.85
CA PRO E 247 7.27 -6.07 -22.61
C PRO E 247 6.45 -4.78 -22.66
N LEU E 248 5.74 -4.49 -21.57
CA LEU E 248 4.99 -3.23 -21.36
C LEU E 248 5.47 -2.61 -20.05
N LEU E 249 5.79 -1.32 -20.06
CA LEU E 249 6.06 -0.55 -18.82
C LEU E 249 4.78 0.20 -18.47
N ALA E 250 4.40 0.16 -17.19
CA ALA E 250 3.11 0.64 -16.69
C ALA E 250 3.32 1.66 -15.58
N MET E 251 2.68 2.82 -15.72
CA MET E 251 2.60 3.84 -14.65
C MET E 251 1.12 4.17 -14.46
N THR E 252 0.76 4.73 -13.31
CA THR E 252 -0.63 5.17 -13.03
C THR E 252 -0.59 6.44 -12.20
N HIS E 253 -1.25 7.47 -12.70
CA HIS E 253 -1.43 8.79 -12.03
C HIS E 253 -2.76 8.77 -11.28
N TYR E 254 -2.74 9.24 -10.06
CA TYR E 254 -3.90 9.29 -9.14
C TYR E 254 -4.06 10.71 -8.64
N THR E 255 -5.31 11.09 -8.37
CA THR E 255 -5.61 12.31 -7.56
C THR E 255 -4.80 12.19 -6.27
N GLU E 256 -4.42 13.33 -5.72
CA GLU E 256 -3.58 13.41 -4.50
C GLU E 256 -4.27 12.68 -3.34
N TRP E 257 -5.61 12.60 -3.33
CA TRP E 257 -6.38 12.10 -2.17
C TRP E 257 -6.61 10.58 -2.25
N PHE E 258 -6.19 9.91 -3.33
CA PHE E 258 -6.33 8.43 -3.43
C PHE E 258 -5.13 7.76 -2.77
N ASP E 259 -5.36 6.95 -1.74
CA ASP E 259 -4.30 6.30 -0.93
C ASP E 259 -3.59 5.21 -1.75
N MET E 260 -2.27 5.35 -1.91
CA MET E 260 -1.42 4.36 -2.59
C MET E 260 -0.11 4.21 -1.83
N PRO E 261 0.51 3.00 -1.83
CA PRO E 261 1.85 2.86 -1.28
C PRO E 261 2.81 3.64 -2.19
N PRO E 262 3.92 4.16 -1.65
CA PRO E 262 4.89 4.87 -2.48
C PRO E 262 5.73 3.92 -3.35
N ILE E 263 6.24 4.42 -4.48
CA ILE E 263 7.27 3.74 -5.32
C ILE E 263 8.61 3.85 -4.58
N GLN E 264 9.29 2.72 -4.36
CA GLN E 264 10.67 2.68 -3.81
C GLN E 264 11.63 3.10 -4.91
N LEU E 265 12.37 4.20 -4.71
CA LEU E 265 13.42 4.67 -5.64
C LEU E 265 14.73 4.87 -4.89
N PRO E 266 15.88 4.73 -5.56
CA PRO E 266 17.18 5.06 -4.95
C PRO E 266 17.28 6.58 -4.77
N ASP E 267 17.91 7.04 -3.69
CA ASP E 267 18.03 8.49 -3.37
C ASP E 267 18.94 9.20 -4.39
N THR E 268 19.63 8.47 -5.25
CA THR E 268 20.44 9.03 -6.38
C THR E 268 19.54 9.71 -7.42
N VAL E 269 18.21 9.54 -7.38
CA VAL E 269 17.29 10.28 -8.30
C VAL E 269 16.43 11.27 -7.51
N LYS E 270 16.61 11.35 -6.19
CA LYS E 270 15.79 12.24 -5.34
C LYS E 270 15.89 13.68 -5.84
N SER E 271 17.06 14.12 -6.30
CA SER E 271 17.34 15.54 -6.68
C SER E 271 16.32 15.99 -7.74
N TRP E 272 16.08 15.20 -8.79
CA TRP E 272 15.20 15.62 -9.91
C TRP E 272 13.78 15.07 -9.75
N VAL E 273 13.55 13.98 -9.02
CA VAL E 273 12.17 13.43 -8.81
C VAL E 273 11.44 14.31 -7.78
N ASP E 274 12.04 14.55 -6.61
CA ASP E 274 11.40 15.28 -5.49
C ASP E 274 11.26 16.78 -5.82
N GLY E 275 12.15 17.37 -6.63
CA GLY E 275 12.04 18.79 -7.02
C GLY E 275 10.74 19.11 -7.77
N SER E 276 10.31 18.19 -8.65
CA SER E 276 9.43 18.46 -9.82
C SER E 276 8.01 18.90 -9.41
N ASP E 277 7.36 19.71 -10.25
CA ASP E 277 5.89 19.97 -10.18
C ASP E 277 5.12 18.83 -10.88
N ARG E 278 5.83 17.82 -11.39
CA ARG E 278 5.24 16.53 -11.86
C ARG E 278 5.44 15.51 -10.74
N HIS E 279 4.42 15.36 -9.89
CA HIS E 279 4.55 14.66 -8.60
C HIS E 279 4.65 13.14 -8.80
N THR E 280 5.50 12.54 -7.98
CA THR E 280 5.65 11.09 -7.80
C THR E 280 5.46 10.80 -6.30
N HIS E 281 4.59 9.83 -5.97
CA HIS E 281 4.49 9.30 -4.60
C HIS E 281 5.65 8.31 -4.42
N ALA E 282 6.77 8.79 -3.90
CA ALA E 282 8.07 8.07 -3.88
C ALA E 282 8.64 8.01 -2.45
N HIS E 283 9.24 6.88 -2.10
CA HIS E 283 10.10 6.68 -0.90
C HIS E 283 11.53 6.48 -1.41
N PHE E 284 12.47 7.32 -0.97
CA PHE E 284 13.88 7.33 -1.43
C PHE E 284 14.73 6.53 -0.44
N VAL E 285 15.50 5.57 -0.95
CA VAL E 285 16.27 4.59 -0.15
C VAL E 285 17.76 4.83 -0.40
N ALA E 286 18.60 4.63 0.62
CA ALA E 286 20.07 4.64 0.46
C ALA E 286 20.43 3.34 -0.25
N GLY E 287 21.29 3.38 -1.26
CA GLY E 287 21.70 2.15 -1.99
C GLY E 287 20.65 1.67 -2.98
N ASP E 288 20.76 0.42 -3.38
CA ASP E 288 19.98 -0.14 -4.51
C ASP E 288 18.63 -0.65 -3.97
N VAL E 289 17.58 -0.47 -4.76
CA VAL E 289 16.26 -1.13 -4.57
C VAL E 289 16.27 -2.42 -5.40
N ASP E 290 15.82 -3.54 -4.83
CA ASP E 290 15.55 -4.80 -5.57
C ASP E 290 14.15 -4.68 -6.20
N HIS E 291 14.08 -4.44 -7.52
CA HIS E 291 12.82 -4.33 -8.30
C HIS E 291 12.07 -5.68 -8.44
N LEU E 292 12.74 -6.84 -8.38
CA LEU E 292 12.14 -8.15 -8.74
C LEU E 292 11.74 -8.96 -7.49
N HIS F 6 -47.72 17.52 19.79
CA HIS F 6 -49.05 18.16 19.47
C HIS F 6 -48.85 19.25 18.40
N HIS F 7 -49.71 19.28 17.38
CA HIS F 7 -49.62 20.18 16.19
C HIS F 7 -49.45 21.66 16.61
N HIS F 8 -50.18 22.13 17.64
CA HIS F 8 -50.12 23.51 18.17
C HIS F 8 -48.75 23.79 18.81
N HIS F 9 -48.18 22.81 19.53
CA HIS F 9 -46.86 22.93 20.25
C HIS F 9 -45.69 22.98 19.25
N HIS F 10 -45.86 22.46 18.03
CA HIS F 10 -44.86 22.55 16.91
C HIS F 10 -44.95 23.93 16.26
N HIS F 11 -46.16 24.35 15.85
CA HIS F 11 -46.48 25.70 15.29
C HIS F 11 -45.97 26.80 16.24
N ILE F 12 -46.22 26.69 17.57
CA ILE F 12 -45.77 27.67 18.62
C ILE F 12 -44.23 27.75 18.70
N GLU F 13 -43.50 26.62 18.65
CA GLU F 13 -42.01 26.58 18.77
C GLU F 13 -41.34 26.92 17.41
N GLY F 14 -42.08 26.73 16.29
CA GLY F 14 -41.74 27.22 14.93
C GLY F 14 -41.60 28.74 14.86
N ARG F 15 -42.51 29.48 15.52
CA ARG F 15 -42.49 30.97 15.64
C ARG F 15 -41.36 31.44 16.58
N HIS F 16 -40.84 30.58 17.49
CA HIS F 16 -39.69 30.96 18.35
C HIS F 16 -38.43 31.08 17.48
N MET F 17 -37.55 32.03 17.79
CA MET F 17 -36.38 32.35 16.93
C MET F 17 -35.17 31.53 17.33
N ALA F 18 -35.10 31.01 18.56
CA ALA F 18 -33.98 30.15 19.06
C ALA F 18 -34.42 28.68 19.18
N LEU F 19 -33.44 27.76 19.12
CA LEU F 19 -33.70 26.33 19.49
C LEU F 19 -33.24 25.98 20.94
N ALA F 20 -34.09 25.26 21.65
CA ALA F 20 -33.96 24.96 23.09
C ALA F 20 -33.36 23.56 23.29
N ALA F 21 -33.36 22.72 22.25
CA ALA F 21 -32.90 21.32 22.35
C ALA F 21 -32.55 20.80 20.96
N PRO F 22 -31.83 19.66 20.85
CA PRO F 22 -31.56 19.08 19.53
C PRO F 22 -32.91 18.80 18.88
N PRO F 23 -33.12 19.19 17.61
CA PRO F 23 -34.41 18.96 16.96
C PRO F 23 -34.64 17.46 16.74
N GLY F 24 -35.87 17.01 16.98
CA GLY F 24 -36.29 15.60 16.90
C GLY F 24 -35.96 14.99 15.55
N GLU F 25 -36.06 15.76 14.45
CA GLU F 25 -35.76 15.30 13.07
C GLU F 25 -34.30 14.82 12.96
N LEU F 26 -33.38 15.31 13.81
CA LEU F 26 -31.91 15.06 13.69
C LEU F 26 -31.42 14.12 14.80
N THR F 27 -32.28 13.74 15.75
CA THR F 27 -31.85 13.21 17.07
C THR F 27 -32.34 11.77 17.26
N LEU F 28 -31.46 10.92 17.79
CA LEU F 28 -31.77 9.60 18.37
C LEU F 28 -31.30 9.60 19.82
N ALA F 29 -32.19 9.27 20.76
CA ALA F 29 -31.88 9.16 22.20
C ALA F 29 -31.39 7.74 22.50
N LEU F 30 -30.20 7.60 23.06
CA LEU F 30 -29.59 6.30 23.44
C LEU F 30 -29.20 6.35 24.93
N THR F 31 -28.73 5.21 25.45
CA THR F 31 -28.09 5.05 26.78
C THR F 31 -26.68 4.52 26.54
N PRO F 32 -25.75 4.61 27.52
CA PRO F 32 -24.43 4.00 27.37
C PRO F 32 -24.44 2.46 27.30
N ASP F 33 -25.58 1.81 27.59
CA ASP F 33 -25.77 0.34 27.49
C ASP F 33 -26.00 -0.09 26.03
N ASP F 34 -26.51 0.80 25.17
CA ASP F 34 -26.84 0.45 23.76
C ASP F 34 -25.52 0.18 23.03
N LYS F 35 -25.27 -1.08 22.64
CA LYS F 35 -24.04 -1.48 21.89
C LYS F 35 -24.35 -1.52 20.39
N THR F 36 -25.61 -1.73 20.01
CA THR F 36 -26.04 -1.69 18.60
C THR F 36 -27.41 -1.02 18.54
N LEU F 37 -27.70 -0.38 17.41
CA LEU F 37 -29.06 0.10 17.05
C LEU F 37 -29.82 -1.07 16.41
N ASP F 38 -31.08 -1.27 16.76
CA ASP F 38 -31.97 -2.25 16.07
C ASP F 38 -32.09 -1.80 14.61
N PRO F 39 -32.47 -2.70 13.67
CA PRO F 39 -32.62 -2.32 12.27
C PRO F 39 -33.40 -1.03 11.99
N ALA F 40 -34.52 -0.79 12.68
CA ALA F 40 -35.40 0.39 12.45
C ALA F 40 -34.65 1.67 12.84
N SER F 41 -33.93 1.64 13.97
CA SER F 41 -33.12 2.78 14.50
C SER F 41 -31.95 3.08 13.55
N LEU F 42 -31.27 2.04 13.06
CA LEU F 42 -30.15 2.21 12.10
C LEU F 42 -30.69 2.85 10.82
N ASP F 43 -31.82 2.36 10.30
CA ASP F 43 -32.44 2.93 9.06
C ASP F 43 -32.70 4.42 9.27
N ARG F 44 -33.25 4.80 10.41
CA ARG F 44 -33.59 6.20 10.74
C ARG F 44 -32.28 7.01 10.81
N ALA F 45 -31.28 6.50 11.52
CA ALA F 45 -29.93 7.12 11.61
C ALA F 45 -29.39 7.42 10.21
N LEU F 46 -29.40 6.44 9.30
CA LEU F 46 -28.83 6.58 7.93
C LEU F 46 -29.68 7.55 7.09
N ALA F 47 -31.00 7.54 7.26
CA ALA F 47 -31.94 8.44 6.54
C ALA F 47 -31.67 9.88 6.97
N ILE F 48 -31.44 10.12 8.27
CA ILE F 48 -31.09 11.48 8.79
C ILE F 48 -29.76 11.94 8.17
N LEU F 49 -28.71 11.11 8.19
CA LEU F 49 -27.38 11.47 7.62
C LEU F 49 -27.49 11.75 6.12
N ALA F 50 -28.24 10.93 5.38
CA ALA F 50 -28.44 11.08 3.93
C ALA F 50 -29.18 12.41 3.65
N GLU F 51 -30.27 12.68 4.36
CA GLU F 51 -31.12 13.87 4.03
C GLU F 51 -30.51 15.14 4.62
N HIS F 52 -30.14 15.14 5.91
CA HIS F 52 -29.78 16.37 6.67
C HIS F 52 -28.26 16.51 6.82
N GLY F 53 -27.51 15.41 6.72
CA GLY F 53 -26.04 15.41 6.82
C GLY F 53 -25.53 15.56 8.24
N ILE F 54 -26.43 15.55 9.24
CA ILE F 54 -26.02 15.69 10.67
C ILE F 54 -26.99 14.88 11.52
N LEU F 55 -26.43 14.08 12.43
CA LEU F 55 -27.15 13.16 13.34
C LEU F 55 -26.66 13.42 14.76
N VAL F 56 -27.58 13.69 15.69
CA VAL F 56 -27.26 13.89 17.13
C VAL F 56 -27.72 12.65 17.89
N LEU F 57 -26.78 11.99 18.58
CA LEU F 57 -27.02 10.80 19.41
C LEU F 57 -26.81 11.20 20.88
N THR F 58 -27.89 11.32 21.66
CA THR F 58 -27.80 11.69 23.09
C THR F 58 -27.59 10.45 23.95
N GLY F 59 -26.90 10.61 25.09
CA GLY F 59 -26.76 9.61 26.16
C GLY F 59 -25.83 8.45 25.79
N MET F 60 -24.80 8.68 24.97
CA MET F 60 -23.90 7.60 24.48
C MET F 60 -22.73 7.34 25.43
N LEU F 61 -22.18 8.37 26.06
CA LEU F 61 -20.93 8.25 26.86
C LEU F 61 -21.22 8.48 28.33
N ARG F 62 -20.68 7.60 29.20
CA ARG F 62 -20.73 7.71 30.67
C ARG F 62 -20.04 8.99 31.13
N THR F 63 -20.56 9.60 32.19
CA THR F 63 -20.00 10.81 32.84
C THR F 63 -18.52 10.56 33.21
N ARG F 64 -18.20 9.35 33.67
CA ARG F 64 -16.84 8.94 34.09
C ARG F 64 -15.84 9.21 32.96
N LEU F 65 -16.21 8.94 31.70
CA LEU F 65 -15.30 9.14 30.54
C LEU F 65 -15.21 10.62 30.19
N THR F 66 -16.34 11.32 30.06
CA THR F 66 -16.35 12.74 29.63
C THR F 66 -15.70 13.61 30.70
N ASP F 67 -15.88 13.28 31.98
CA ASP F 67 -15.21 13.96 33.12
C ASP F 67 -13.69 13.90 32.92
N GLN F 68 -13.13 12.72 32.68
CA GLN F 68 -11.66 12.55 32.59
C GLN F 68 -11.13 13.32 31.37
N LEU F 69 -11.81 13.24 30.23
CA LEU F 69 -11.36 13.92 28.99
C LEU F 69 -11.47 15.44 29.16
N ARG F 70 -12.58 15.92 29.75
CA ARG F 70 -12.76 17.37 30.02
C ARG F 70 -11.62 17.86 30.91
N THR F 71 -11.40 17.19 32.04
CA THR F 71 -10.36 17.52 33.06
C THR F 71 -9.01 17.57 32.37
N ALA F 72 -8.68 16.55 31.57
CA ALA F 72 -7.35 16.42 30.94
C ALA F 72 -7.12 17.59 29.98
N MET F 73 -8.13 17.99 29.20
CA MET F 73 -7.98 19.07 28.20
C MET F 73 -7.90 20.44 28.91
N LEU F 74 -8.72 20.68 29.93
CA LEU F 74 -8.66 21.95 30.73
C LEU F 74 -7.31 22.05 31.45
N ASP F 75 -6.80 20.94 31.97
CA ASP F 75 -5.45 20.89 32.63
C ASP F 75 -4.35 21.22 31.62
N ASP F 76 -4.51 20.86 30.34
CA ASP F 76 -3.46 21.07 29.29
C ASP F 76 -3.52 22.50 28.74
N LEU F 77 -4.65 23.19 28.89
CA LEU F 77 -4.90 24.49 28.22
C LEU F 77 -3.82 25.50 28.59
N PRO F 78 -3.39 25.63 29.88
CA PRO F 78 -2.30 26.53 30.24
C PRO F 78 -1.05 26.29 29.39
N GLU F 79 -0.65 25.02 29.21
CA GLU F 79 0.55 24.71 28.41
C GLU F 79 0.31 25.11 26.95
N VAL F 80 -0.91 24.93 26.42
CA VAL F 80 -1.26 25.34 25.04
C VAL F 80 -1.13 26.87 24.92
N LEU F 81 -1.62 27.62 25.91
CA LEU F 81 -1.70 29.10 25.82
C LEU F 81 -0.31 29.70 26.06
N ARG F 82 0.61 28.96 26.67
CA ARG F 82 2.01 29.38 26.97
C ARG F 82 2.88 29.38 25.70
N GLN F 83 2.47 28.71 24.63
CA GLN F 83 3.24 28.65 23.34
C GLN F 83 3.32 30.05 22.73
N GLN F 84 4.37 30.31 21.93
CA GLN F 84 4.54 31.56 21.14
C GLN F 84 3.44 31.60 20.06
N ASP F 85 3.26 30.50 19.33
CA ASP F 85 2.27 30.37 18.22
C ASP F 85 1.12 29.48 18.73
N VAL F 86 -0.01 30.08 19.13
CA VAL F 86 -1.22 29.33 19.56
C VAL F 86 -2.01 28.98 18.31
N PRO F 87 -2.10 27.68 17.95
CA PRO F 87 -2.74 27.28 16.70
C PRO F 87 -4.25 27.55 16.81
N THR F 88 -4.80 28.20 15.79
CA THR F 88 -6.19 28.70 15.73
C THR F 88 -6.90 28.17 14.47
N ASN F 89 -8.18 27.82 14.54
CA ASN F 89 -9.02 27.50 13.36
C ASN F 89 -9.69 28.79 12.86
N PHE F 90 -9.10 29.40 11.82
CA PHE F 90 -9.62 30.56 11.03
C PHE F 90 -9.51 31.88 11.81
N VAL F 91 -9.95 31.95 13.06
CA VAL F 91 -10.14 33.24 13.80
C VAL F 91 -9.81 33.03 15.26
N PRO F 92 -9.47 34.11 16.00
CA PRO F 92 -9.16 34.02 17.43
C PRO F 92 -10.21 33.33 18.31
N GLY F 93 -9.72 32.55 19.29
CA GLY F 93 -10.53 31.89 20.33
C GLY F 93 -10.94 30.47 19.95
N HIS F 94 -10.74 30.05 18.70
CA HIS F 94 -11.01 28.64 18.26
C HIS F 94 -9.67 27.89 18.20
N VAL F 95 -9.24 27.36 19.33
CA VAL F 95 -7.87 26.82 19.53
C VAL F 95 -7.88 25.35 19.12
N GLN F 96 -6.92 24.94 18.29
CA GLN F 96 -6.70 23.52 17.90
C GLN F 96 -5.99 22.89 19.11
N GLN F 97 -6.61 21.90 19.74
CA GLN F 97 -6.02 21.27 20.93
C GLN F 97 -6.32 19.78 20.82
N ASP F 98 -5.25 18.99 20.67
CA ASP F 98 -5.32 17.52 20.67
C ASP F 98 -5.51 17.04 22.10
N PRO F 99 -6.43 16.09 22.33
CA PRO F 99 -6.51 15.44 23.64
C PRO F 99 -5.28 14.57 23.84
N PRO F 100 -4.93 14.22 25.10
CA PRO F 100 -3.77 13.37 25.35
C PRO F 100 -3.97 11.98 24.71
N VAL F 101 -2.85 11.40 24.28
CA VAL F 101 -2.77 9.98 23.83
C VAL F 101 -1.90 9.23 24.83
N ARG F 102 -2.11 9.46 26.13
CA ARG F 102 -1.67 8.60 27.25
C ARG F 102 -2.63 7.42 27.33
N GLU F 103 -2.08 6.23 27.60
CA GLU F 103 -2.82 4.96 27.79
C GLU F 103 -4.05 5.23 28.70
N SER F 104 -3.86 5.95 29.81
CA SER F 104 -4.89 6.15 30.86
C SER F 104 -6.09 6.96 30.34
N LEU F 105 -5.96 7.66 29.19
CA LEU F 105 -7.02 8.57 28.67
C LEU F 105 -7.44 8.18 27.25
N LEU F 106 -7.05 7.00 26.78
CA LEU F 106 -7.53 6.42 25.49
C LEU F 106 -8.58 5.34 25.81
N PHE F 107 -9.86 5.63 25.56
CA PHE F 107 -10.99 4.76 25.96
C PHE F 107 -11.59 4.06 24.75
N PRO F 108 -11.71 2.71 24.76
CA PRO F 108 -12.39 1.99 23.69
C PRO F 108 -13.77 2.56 23.33
N ASP F 109 -14.54 3.02 24.33
CA ASP F 109 -15.93 3.50 24.11
C ASP F 109 -15.92 4.86 23.39
N VAL F 110 -14.76 5.53 23.32
CA VAL F 110 -14.59 6.83 22.60
C VAL F 110 -13.94 6.58 21.23
N LEU F 111 -12.77 5.92 21.18
CA LEU F 111 -12.02 5.68 19.93
C LEU F 111 -12.74 4.66 19.04
N LEU F 112 -13.30 3.61 19.66
CA LEU F 112 -13.86 2.42 18.95
C LEU F 112 -15.31 2.19 19.41
N ASN F 113 -16.14 3.23 19.37
CA ASN F 113 -17.52 3.18 19.87
C ASN F 113 -18.35 2.28 18.96
N PRO F 114 -19.04 1.25 19.52
CA PRO F 114 -19.70 0.26 18.69
C PRO F 114 -20.85 0.86 17.85
N VAL F 115 -21.59 1.83 18.38
CA VAL F 115 -22.72 2.48 17.66
C VAL F 115 -22.16 3.38 16.56
N VAL F 116 -21.12 4.16 16.86
CA VAL F 116 -20.48 5.05 15.85
C VAL F 116 -20.05 4.18 14.65
N TYR F 117 -19.30 3.10 14.91
CA TYR F 117 -18.75 2.24 13.83
C TYR F 117 -19.87 1.46 13.13
N GLN F 118 -20.94 1.11 13.84
CA GLN F 118 -22.11 0.48 13.20
C GLN F 118 -22.62 1.42 12.11
N ILE F 119 -22.71 2.72 12.41
CA ILE F 119 -23.20 3.75 11.46
C ILE F 119 -22.16 3.96 10.35
N THR F 120 -20.88 4.18 10.68
CA THR F 120 -19.85 4.50 9.65
C THR F 120 -19.61 3.28 8.77
N HIS F 121 -19.68 2.05 9.31
CA HIS F 121 -19.61 0.80 8.50
C HIS F 121 -20.74 0.79 7.47
N ALA F 122 -21.97 1.12 7.88
CA ALA F 122 -23.16 1.09 6.98
C ALA F 122 -23.04 2.16 5.90
N VAL F 123 -22.45 3.32 6.20
CA VAL F 123 -22.36 4.46 5.22
C VAL F 123 -21.11 4.32 4.35
N LEU F 124 -19.95 4.05 4.95
CA LEU F 124 -18.62 4.16 4.27
C LEU F 124 -18.05 2.78 3.93
N GLY F 125 -18.59 1.70 4.51
CA GLY F 125 -18.09 0.31 4.33
C GLY F 125 -17.27 -0.17 5.52
N ALA F 126 -17.04 -1.48 5.57
CA ALA F 126 -16.41 -2.24 6.66
C ALA F 126 -14.95 -1.83 6.83
N ASP F 127 -14.34 -1.29 5.76
CA ASP F 127 -12.91 -0.88 5.73
C ASP F 127 -12.78 0.62 6.04
N ALA F 128 -13.85 1.29 6.43
CA ALA F 128 -13.78 2.68 6.93
C ALA F 128 -12.86 2.74 8.16
N ARG F 129 -12.14 3.84 8.34
CA ARG F 129 -11.14 3.98 9.42
C ARG F 129 -11.16 5.39 10.00
N ASN F 130 -11.01 5.47 11.32
CA ASN F 130 -10.74 6.74 12.03
C ASN F 130 -9.31 7.18 11.69
N ALA F 131 -9.12 8.42 11.22
CA ALA F 131 -7.79 8.98 10.95
C ALA F 131 -7.63 10.36 11.63
N VAL F 132 -8.50 10.71 12.57
CA VAL F 132 -8.37 11.98 13.33
C VAL F 132 -8.64 11.72 14.80
N TYR F 133 -7.77 12.21 15.68
CA TYR F 133 -8.00 12.24 17.13
C TYR F 133 -7.53 13.61 17.61
N SER F 134 -8.44 14.57 17.56
CA SER F 134 -8.12 16.00 17.74
C SER F 134 -9.20 16.68 18.59
N GLY F 135 -9.16 18.00 18.66
CA GLY F 135 -10.11 18.76 19.49
C GLY F 135 -10.08 20.23 19.16
N ASN F 136 -11.13 20.91 19.61
CA ASN F 136 -11.41 22.35 19.38
C ASN F 136 -11.73 22.92 20.75
N MET F 137 -10.85 23.78 21.29
CA MET F 137 -11.11 24.49 22.56
C MET F 137 -11.61 25.88 22.20
N ASN F 138 -12.92 26.14 22.39
CA ASN F 138 -13.57 27.43 22.06
C ASN F 138 -13.49 28.32 23.31
N LEU F 139 -12.64 29.35 23.29
CA LEU F 139 -12.34 30.21 24.47
C LEU F 139 -13.40 31.28 24.63
N PRO F 140 -13.66 31.74 25.88
CA PRO F 140 -14.44 32.95 26.10
C PRO F 140 -13.93 34.09 25.21
N GLY F 141 -14.84 34.83 24.58
CA GLY F 141 -14.53 36.00 23.74
C GLY F 141 -14.08 35.60 22.34
N SER F 142 -14.27 34.34 21.95
CA SER F 142 -13.88 33.85 20.60
C SER F 142 -14.66 34.60 19.52
N HIS F 143 -14.11 34.67 18.30
CA HIS F 143 -14.71 35.36 17.13
C HIS F 143 -15.60 34.38 16.35
N GLU F 144 -16.30 34.87 15.32
CA GLU F 144 -17.17 34.06 14.43
C GLU F 144 -16.28 33.44 13.34
N GLN F 145 -16.27 32.11 13.21
CA GLN F 145 -15.59 31.45 12.08
C GLN F 145 -16.40 31.71 10.80
N PRO F 146 -15.75 31.72 9.62
CA PRO F 146 -16.49 31.70 8.36
C PRO F 146 -17.17 30.34 8.21
N VAL F 147 -18.32 30.31 7.55
CA VAL F 147 -18.98 29.02 7.21
C VAL F 147 -18.05 28.26 6.27
N HIS F 148 -17.78 27.00 6.60
CA HIS F 148 -16.85 26.13 5.84
C HIS F 148 -17.33 24.69 5.90
N LEU F 149 -16.72 23.84 5.08
CA LEU F 149 -16.76 22.37 5.27
C LEU F 149 -15.37 21.94 5.75
N ASP F 150 -15.28 20.89 6.56
CA ASP F 150 -14.00 20.38 7.08
C ASP F 150 -13.32 19.54 6.00
N GLU F 151 -14.10 18.86 5.15
CA GLU F 151 -13.57 17.98 4.09
C GLU F 151 -14.25 18.32 2.79
N PRO F 152 -13.48 18.52 1.70
CA PRO F 152 -14.06 18.96 0.43
C PRO F 152 -14.79 17.84 -0.33
N HIS F 153 -15.63 18.24 -1.27
CA HIS F 153 -16.09 17.37 -2.38
C HIS F 153 -14.87 16.98 -3.19
N LEU F 154 -14.88 15.80 -3.80
CA LEU F 154 -13.68 15.21 -4.42
C LEU F 154 -13.51 15.74 -5.84
N TRP F 155 -14.59 16.19 -6.48
CA TRP F 155 -14.50 16.89 -7.78
C TRP F 155 -15.46 18.07 -7.72
N PRO F 156 -15.10 19.21 -8.35
CA PRO F 156 -16.01 20.35 -8.43
C PRO F 156 -17.19 20.03 -9.37
N GLY F 157 -18.39 20.53 -9.03
CA GLY F 157 -19.58 20.48 -9.90
C GLY F 157 -20.21 19.10 -9.94
N ILE F 158 -19.85 18.19 -9.04
CA ILE F 158 -20.29 16.76 -9.08
C ILE F 158 -20.98 16.39 -7.76
N SER F 159 -22.07 15.65 -7.87
CA SER F 159 -22.81 15.04 -6.73
C SER F 159 -22.30 13.62 -6.54
N HIS F 160 -21.76 13.30 -5.37
CA HIS F 160 -21.26 11.95 -5.01
C HIS F 160 -21.62 11.66 -3.57
N PRO F 161 -21.62 10.38 -3.16
CA PRO F 161 -21.95 10.03 -1.78
C PRO F 161 -20.84 10.42 -0.81
N PRO F 162 -21.10 10.29 0.51
CA PRO F 162 -20.08 10.58 1.52
C PRO F 162 -18.84 9.69 1.37
N TYR F 163 -17.66 10.23 1.69
CA TYR F 163 -16.42 9.43 1.89
C TYR F 163 -15.87 9.66 3.30
N CYS F 164 -16.52 10.50 4.12
CA CYS F 164 -16.05 10.76 5.51
C CYS F 164 -17.20 11.26 6.39
N LEU F 165 -17.14 10.83 7.66
CA LEU F 165 -18.08 11.22 8.73
C LEU F 165 -17.26 11.77 9.89
N CYS F 166 -17.47 13.04 10.23
CA CYS F 166 -16.92 13.68 11.44
C CYS F 166 -17.71 13.17 12.65
N VAL F 167 -16.99 12.84 13.72
CA VAL F 167 -17.57 12.35 14.99
C VAL F 167 -17.13 13.32 16.08
N ASP F 168 -18.05 14.19 16.50
CA ASP F 168 -17.80 15.31 17.46
C ASP F 168 -18.33 14.91 18.83
N VAL F 169 -17.50 15.03 19.86
CA VAL F 169 -17.80 14.64 21.26
C VAL F 169 -17.68 15.88 22.14
N PRO F 170 -18.80 16.55 22.46
CA PRO F 170 -18.80 17.65 23.42
C PRO F 170 -18.32 17.13 24.76
N LEU F 171 -17.46 17.88 25.45
CA LEU F 171 -16.93 17.46 26.77
C LEU F 171 -17.54 18.30 27.90
N ILE F 172 -18.40 19.26 27.59
CA ILE F 172 -19.35 19.91 28.54
C ILE F 172 -20.69 20.05 27.81
N ASP F 173 -21.73 20.46 28.53
CA ASP F 173 -23.03 20.85 27.93
C ASP F 173 -22.74 22.01 26.98
N PHE F 174 -23.12 21.86 25.72
CA PHE F 174 -23.02 22.94 24.70
C PHE F 174 -24.33 23.72 24.75
N THR F 175 -24.23 25.05 24.80
CA THR F 175 -25.39 25.98 24.91
C THR F 175 -25.27 27.00 23.76
N LEU F 176 -26.33 27.79 23.55
CA LEU F 176 -26.29 28.95 22.63
C LEU F 176 -25.29 29.96 23.15
N GLU F 177 -25.11 30.01 24.47
CA GLU F 177 -24.18 30.99 25.11
C GLU F 177 -22.72 30.59 24.86
N ASN F 178 -22.35 29.31 25.05
CA ASN F 178 -20.92 28.91 25.15
C ASN F 178 -20.39 28.36 23.82
N GLY F 179 -21.11 28.50 22.72
CA GLY F 179 -20.54 28.29 21.37
C GLY F 179 -20.89 26.95 20.76
N SER F 180 -22.10 26.44 21.02
CA SER F 180 -22.67 25.30 20.27
C SER F 180 -22.55 25.61 18.76
N THR F 181 -22.02 24.68 18.00
CA THR F 181 -21.66 24.86 16.56
C THR F 181 -22.92 25.18 15.74
N GLU F 182 -22.81 26.11 14.79
CA GLU F 182 -23.85 26.36 13.77
C GLU F 182 -23.73 25.31 12.64
N TYR F 183 -24.82 24.64 12.31
CA TYR F 183 -24.90 23.55 11.28
C TYR F 183 -25.89 23.99 10.20
N TRP F 184 -25.56 23.73 8.93
CA TRP F 184 -26.42 24.00 7.75
C TRP F 184 -27.02 22.69 7.24
N PRO F 185 -28.21 22.27 7.72
CA PRO F 185 -28.80 20.98 7.33
C PRO F 185 -28.96 20.87 5.82
N GLY F 186 -28.58 19.71 5.27
CA GLY F 186 -28.76 19.36 3.86
C GLY F 186 -27.67 19.96 2.99
N SER F 187 -26.72 20.69 3.57
CA SER F 187 -25.66 21.44 2.83
C SER F 187 -24.61 20.45 2.30
N HIS F 188 -24.56 19.25 2.85
CA HIS F 188 -23.52 18.24 2.54
C HIS F 188 -23.57 17.79 1.07
N VAL F 189 -24.70 17.95 0.37
CA VAL F 189 -24.84 17.47 -1.05
C VAL F 189 -24.65 18.62 -2.03
N LEU F 190 -24.39 19.84 -1.58
CA LEU F 190 -24.27 21.03 -2.48
C LEU F 190 -22.84 21.14 -2.99
N ASN F 191 -22.64 21.19 -4.30
CA ASN F 191 -21.28 21.31 -4.89
C ASN F 191 -21.34 21.97 -6.26
N PRO F 192 -21.90 23.19 -6.37
CA PRO F 192 -21.87 23.89 -7.66
C PRO F 192 -20.45 24.39 -7.90
N ASP F 193 -20.09 24.69 -9.16
CA ASP F 193 -18.75 25.21 -9.54
C ASP F 193 -18.45 26.47 -8.72
N GLU F 194 -17.17 26.68 -8.35
CA GLU F 194 -16.68 27.94 -7.72
C GLU F 194 -17.46 28.24 -6.43
N CYS F 195 -17.69 27.24 -5.58
CA CYS F 195 -18.47 27.36 -4.33
C CYS F 195 -17.53 27.48 -3.11
N TYR F 196 -16.34 26.90 -3.19
CA TYR F 196 -15.40 26.71 -2.06
C TYR F 196 -14.04 27.30 -2.40
N ASP F 197 -13.43 28.04 -1.46
CA ASP F 197 -12.06 28.57 -1.64
C ASP F 197 -11.08 27.48 -1.17
N GLU F 198 -9.77 27.77 -1.18
CA GLU F 198 -8.69 26.81 -0.85
C GLU F 198 -8.77 26.38 0.62
N ARG F 199 -9.49 27.10 1.49
CA ARG F 199 -9.58 26.76 2.95
C ARG F 199 -10.88 25.99 3.25
N GLY F 200 -11.71 25.71 2.25
CA GLY F 200 -13.01 25.06 2.42
C GLY F 200 -14.12 26.02 2.83
N CYS F 201 -13.89 27.34 2.73
CA CYS F 201 -14.92 28.36 3.05
C CYS F 201 -15.91 28.47 1.90
N VAL F 202 -17.21 28.56 2.24
CA VAL F 202 -18.32 28.69 1.27
C VAL F 202 -18.34 30.14 0.79
N LEU F 203 -18.34 30.34 -0.54
CA LEU F 203 -18.49 31.67 -1.18
C LEU F 203 -19.77 32.35 -0.69
N PRO F 204 -19.70 33.65 -0.33
CA PRO F 204 -20.84 34.36 0.26
C PRO F 204 -22.14 34.33 -0.57
N ALA F 205 -22.05 34.37 -1.89
CA ALA F 205 -23.21 34.32 -2.81
C ALA F 205 -23.96 32.98 -2.62
N GLU F 206 -23.24 31.86 -2.58
CA GLU F 206 -23.82 30.51 -2.35
C GLU F 206 -24.42 30.43 -0.93
N LEU F 207 -23.74 31.01 0.06
CA LEU F 207 -24.26 31.03 1.47
C LEU F 207 -25.67 31.64 1.48
N GLU F 208 -25.84 32.80 0.86
CA GLU F 208 -27.09 33.59 0.96
C GLU F 208 -28.19 32.91 0.14
N ARG F 209 -27.87 32.34 -1.03
CA ARG F 209 -28.84 31.54 -1.81
C ARG F 209 -29.39 30.42 -0.93
N ARG F 210 -28.49 29.67 -0.26
CA ARG F 210 -28.85 28.50 0.56
C ARG F 210 -29.69 28.95 1.76
N ARG F 211 -29.29 30.05 2.41
CA ARG F 211 -29.98 30.54 3.64
C ARG F 211 -31.47 30.75 3.36
N ALA F 212 -31.84 31.28 2.18
CA ALA F 212 -33.23 31.58 1.78
C ALA F 212 -34.08 30.30 1.75
N VAL F 213 -33.46 29.16 1.44
CA VAL F 213 -34.14 27.85 1.19
C VAL F 213 -34.09 26.96 2.44
N ALA F 214 -32.95 26.92 3.15
CA ALA F 214 -32.72 26.04 4.32
C ALA F 214 -31.76 26.72 5.27
N PRO F 215 -32.25 27.64 6.14
CA PRO F 215 -31.36 28.41 7.00
C PRO F 215 -30.64 27.52 8.00
N PRO F 216 -29.47 27.97 8.51
CA PRO F 216 -28.72 27.19 9.49
C PRO F 216 -29.44 27.09 10.85
N VAL F 217 -29.00 26.14 11.69
CA VAL F 217 -29.57 25.95 13.04
C VAL F 217 -28.41 25.92 14.04
N ARG F 218 -28.67 26.37 15.26
CA ARG F 218 -27.78 26.17 16.43
C ARG F 218 -28.66 25.67 17.58
N PHE F 219 -28.20 24.70 18.34
CA PHE F 219 -29.01 24.13 19.45
C PHE F 219 -28.10 23.62 20.54
N PRO F 220 -28.60 23.61 21.80
CA PRO F 220 -27.89 23.00 22.91
C PRO F 220 -27.67 21.51 22.64
N ILE F 221 -26.54 20.99 23.10
CA ILE F 221 -26.21 19.54 23.01
C ILE F 221 -25.65 19.12 24.36
N PRO F 222 -26.33 18.22 25.09
CA PRO F 222 -25.85 17.80 26.41
C PRO F 222 -24.57 16.95 26.29
N VAL F 223 -23.66 17.11 27.23
CA VAL F 223 -22.47 16.22 27.37
C VAL F 223 -22.98 14.79 27.52
N GLY F 224 -22.24 13.83 26.97
CA GLY F 224 -22.65 12.43 26.79
C GLY F 224 -23.07 12.18 25.36
N SER F 225 -23.40 13.25 24.62
CA SER F 225 -23.85 13.16 23.21
C SER F 225 -22.66 12.91 22.27
N VAL F 226 -22.94 12.32 21.11
CA VAL F 226 -22.03 12.26 19.96
C VAL F 226 -22.78 12.83 18.75
N VAL F 227 -22.14 13.74 18.02
CA VAL F 227 -22.68 14.31 16.77
C VAL F 227 -21.92 13.65 15.63
N ILE F 228 -22.63 12.97 14.73
CA ILE F 228 -22.04 12.39 13.50
C ILE F 228 -22.55 13.24 12.34
N ARG F 229 -21.64 13.69 11.48
CA ARG F 229 -22.05 14.53 10.32
C ARG F 229 -21.17 14.20 9.13
N ASP F 230 -21.76 14.35 7.94
CA ASP F 230 -21.02 14.34 6.67
C ASP F 230 -19.88 15.35 6.80
N GLY F 231 -18.66 14.94 6.45
CA GLY F 231 -17.49 15.84 6.55
C GLY F 231 -17.64 17.04 5.64
N ARG F 232 -18.58 17.00 4.69
CA ARG F 232 -18.81 18.10 3.72
C ARG F 232 -19.89 19.06 4.24
N LEU F 233 -20.47 18.80 5.41
CA LEU F 233 -21.55 19.66 5.94
C LEU F 233 -21.03 21.08 6.17
N TRP F 234 -21.75 22.09 5.68
CA TRP F 234 -21.43 23.51 5.99
C TRP F 234 -21.71 23.75 7.49
N HIS F 235 -20.80 24.42 8.18
CA HIS F 235 -20.91 24.73 9.62
C HIS F 235 -19.95 25.86 9.97
N ARG F 236 -20.04 26.40 11.18
CA ARG F 236 -19.03 27.36 11.70
C ARG F 236 -19.05 27.36 13.22
N GLY F 237 -17.87 27.48 13.82
CA GLY F 237 -17.71 27.85 15.23
C GLY F 237 -18.22 29.26 15.44
N VAL F 238 -18.83 29.51 16.59
CA VAL F 238 -19.40 30.85 16.93
C VAL F 238 -18.83 31.29 18.27
N PRO F 239 -19.00 32.58 18.64
CA PRO F 239 -18.46 33.10 19.89
C PRO F 239 -18.95 32.30 21.10
N ASN F 240 -18.00 31.96 21.97
CA ASN F 240 -18.27 31.50 23.35
C ASN F 240 -18.37 32.76 24.22
N LEU F 241 -19.58 33.06 24.72
CA LEU F 241 -19.89 34.29 25.49
C LEU F 241 -20.02 33.94 26.98
N SER F 242 -19.65 32.70 27.37
CA SER F 242 -19.63 32.23 28.77
C SER F 242 -18.26 32.55 29.38
N ALA F 243 -18.08 32.22 30.66
CA ALA F 243 -16.85 32.46 31.43
C ALA F 243 -15.90 31.26 31.34
N ALA F 244 -16.27 30.19 30.63
CA ALA F 244 -15.53 28.90 30.65
C ALA F 244 -15.19 28.43 29.24
N PRO F 245 -13.97 27.92 29.01
CA PRO F 245 -13.62 27.30 27.74
C PRO F 245 -14.56 26.12 27.45
N ARG F 246 -14.91 25.93 26.17
CA ARG F 246 -15.85 24.90 25.68
C ARG F 246 -15.03 23.86 24.92
N PRO F 247 -14.64 22.73 25.55
CA PRO F 247 -13.85 21.71 24.85
C PRO F 247 -14.71 20.75 24.01
N LEU F 248 -14.21 20.45 22.81
CA LEU F 248 -14.79 19.44 21.87
C LEU F 248 -13.68 18.45 21.51
N LEU F 249 -13.96 17.15 21.59
CA LEU F 249 -13.06 16.10 21.04
C LEU F 249 -13.59 15.71 19.66
N ALA F 250 -12.70 15.60 18.67
CA ALA F 250 -13.05 15.44 17.24
C ALA F 250 -12.35 14.21 16.67
N MET F 251 -13.13 13.36 16.02
CA MET F 251 -12.61 12.21 15.23
C MET F 251 -13.26 12.28 13.85
N THR F 252 -12.66 11.63 12.85
CA THR F 252 -13.21 11.59 11.48
C THR F 252 -12.91 10.23 10.88
N HIS F 253 -13.97 9.56 10.42
CA HIS F 253 -13.92 8.26 9.72
C HIS F 253 -13.92 8.52 8.22
N TYR F 254 -13.04 7.82 7.52
CA TYR F 254 -12.83 7.95 6.05
C TYR F 254 -12.92 6.57 5.44
N THR F 255 -13.39 6.50 4.20
CA THR F 255 -13.23 5.32 3.35
C THR F 255 -11.75 4.95 3.35
N GLU F 256 -11.47 3.67 3.16
CA GLU F 256 -10.08 3.13 3.24
C GLU F 256 -9.21 3.80 2.17
N TRP F 257 -9.79 4.26 1.06
CA TRP F 257 -9.01 4.75 -0.11
C TRP F 257 -8.73 6.26 -0.01
N PHE F 258 -9.23 6.96 1.01
CA PHE F 258 -8.92 8.40 1.19
C PHE F 258 -7.59 8.55 1.96
N ASP F 259 -6.60 9.21 1.33
CA ASP F 259 -5.23 9.35 1.88
C ASP F 259 -5.24 10.29 3.09
N MET F 260 -4.78 9.80 4.23
CA MET F 260 -4.65 10.60 5.48
C MET F 260 -3.35 10.20 6.18
N PRO F 261 -2.67 11.13 6.87
CA PRO F 261 -1.53 10.74 7.72
C PRO F 261 -2.10 9.92 8.88
N PRO F 262 -1.31 8.98 9.44
CA PRO F 262 -1.78 8.18 10.57
C PRO F 262 -1.80 8.98 11.88
N ILE F 263 -2.66 8.58 12.81
CA ILE F 263 -2.68 9.06 14.22
C ILE F 263 -1.49 8.42 14.94
N GLN F 264 -0.62 9.22 15.57
CA GLN F 264 0.47 8.72 16.43
C GLN F 264 -0.15 8.27 17.76
N LEU F 265 0.00 6.98 18.10
CA LEU F 265 -0.46 6.42 19.39
C LEU F 265 0.70 5.69 20.06
N PRO F 266 0.72 5.63 21.41
CA PRO F 266 1.71 4.82 22.11
C PRO F 266 1.41 3.33 21.88
N ASP F 267 2.45 2.50 21.77
CA ASP F 267 2.30 1.04 21.49
C ASP F 267 1.65 0.33 22.68
N THR F 268 1.49 1.00 23.83
CA THR F 268 0.76 0.46 25.01
C THR F 268 -0.74 0.28 24.69
N VAL F 269 -1.27 0.83 23.60
CA VAL F 269 -2.70 0.59 23.19
C VAL F 269 -2.75 -0.22 21.90
N LYS F 270 -1.61 -0.61 21.34
CA LYS F 270 -1.56 -1.36 20.06
C LYS F 270 -2.41 -2.63 20.19
N SER F 271 -2.39 -3.31 21.35
CA SER F 271 -3.02 -4.63 21.56
C SER F 271 -4.52 -4.55 21.21
N TRP F 272 -5.24 -3.53 21.69
CA TRP F 272 -6.72 -3.44 21.48
C TRP F 272 -7.06 -2.53 20.29
N VAL F 273 -6.21 -1.59 19.88
CA VAL F 273 -6.48 -0.71 18.70
C VAL F 273 -6.26 -1.53 17.41
N ASP F 274 -5.10 -2.17 17.26
CA ASP F 274 -4.70 -2.90 16.02
C ASP F 274 -5.53 -4.19 15.86
N GLY F 275 -5.98 -4.82 16.94
CA GLY F 275 -6.84 -6.03 16.86
C GLY F 275 -8.14 -5.79 16.11
N SER F 276 -8.76 -4.63 16.33
CA SER F 276 -10.22 -4.36 16.18
C SER F 276 -10.67 -4.44 14.70
N ASP F 277 -11.92 -4.84 14.47
CA ASP F 277 -12.64 -4.68 13.18
C ASP F 277 -13.22 -3.26 13.08
N ARG F 278 -12.98 -2.41 14.09
CA ARG F 278 -13.21 -0.94 14.04
C ARG F 278 -11.86 -0.27 13.76
N HIS F 279 -11.58 -0.01 12.48
CA HIS F 279 -10.21 0.33 12.01
C HIS F 279 -9.84 1.76 12.44
N THR F 280 -8.57 1.92 12.77
CA THR F 280 -7.87 3.19 13.02
C THR F 280 -6.63 3.22 12.12
N HIS F 281 -6.43 4.32 11.39
CA HIS F 281 -5.16 4.58 10.65
C HIS F 281 -4.16 5.11 11.67
N ALA F 282 -3.36 4.21 12.25
CA ALA F 282 -2.51 4.50 13.44
C ALA F 282 -1.05 4.11 13.18
N HIS F 283 -0.12 4.91 13.69
CA HIS F 283 1.33 4.61 13.82
C HIS F 283 1.65 4.46 15.31
N PHE F 284 2.18 3.31 15.72
CA PHE F 284 2.42 2.97 17.14
C PHE F 284 3.88 3.26 17.48
N VAL F 285 4.11 4.04 18.53
CA VAL F 285 5.44 4.58 18.92
C VAL F 285 5.81 3.97 20.27
N ALA F 286 7.11 3.74 20.54
CA ALA F 286 7.59 3.39 21.90
C ALA F 286 7.53 4.66 22.74
N VAL F 289 4.09 9.72 23.04
CA VAL F 289 3.73 10.74 22.02
C VAL F 289 3.47 12.07 22.75
N ASP F 290 4.07 13.15 22.27
CA ASP F 290 3.72 14.53 22.69
C ASP F 290 2.53 14.98 21.82
N HIS F 291 1.31 14.99 22.38
CA HIS F 291 0.06 15.44 21.72
C HIS F 291 0.03 16.96 21.39
N LEU F 292 0.77 17.82 22.12
CA LEU F 292 0.87 19.31 21.91
C LEU F 292 2.11 19.66 21.06
#